data_3T7L
# 
_entry.id   3T7L 
# 
_audit_conform.dict_name       mmcif_pdbx.dic 
_audit_conform.dict_version    5.387 
_audit_conform.dict_location   http://mmcif.pdb.org/dictionaries/ascii/mmcif_pdbx.dic 
# 
loop_
_database_2.database_id 
_database_2.database_code 
_database_2.pdbx_database_accession 
_database_2.pdbx_DOI 
PDB   3T7L         pdb_00003t7l 10.2210/pdb3t7l/pdb 
RCSB  RCSB067137   ?            ?                   
WWPDB D_1000067137 ?            ?                   
# 
loop_
_pdbx_audit_revision_history.ordinal 
_pdbx_audit_revision_history.data_content_type 
_pdbx_audit_revision_history.major_revision 
_pdbx_audit_revision_history.minor_revision 
_pdbx_audit_revision_history.revision_date 
1 'Structure model' 1 0 2011-08-31 
2 'Structure model' 1 1 2024-02-28 
# 
_pdbx_audit_revision_details.ordinal             1 
_pdbx_audit_revision_details.revision_ordinal    1 
_pdbx_audit_revision_details.data_content_type   'Structure model' 
_pdbx_audit_revision_details.provider            repository 
_pdbx_audit_revision_details.type                'Initial release' 
_pdbx_audit_revision_details.description         ? 
_pdbx_audit_revision_details.details             ? 
# 
loop_
_pdbx_audit_revision_group.ordinal 
_pdbx_audit_revision_group.revision_ordinal 
_pdbx_audit_revision_group.data_content_type 
_pdbx_audit_revision_group.group 
1 2 'Structure model' 'Data collection'      
2 2 'Structure model' 'Database references'  
3 2 'Structure model' 'Derived calculations' 
# 
loop_
_pdbx_audit_revision_category.ordinal 
_pdbx_audit_revision_category.revision_ordinal 
_pdbx_audit_revision_category.data_content_type 
_pdbx_audit_revision_category.category 
1 2 'Structure model' chem_comp_atom               
2 2 'Structure model' chem_comp_bond               
3 2 'Structure model' database_2                   
4 2 'Structure model' pdbx_struct_conn_angle       
5 2 'Structure model' pdbx_struct_special_symmetry 
6 2 'Structure model' struct_conn                  
7 2 'Structure model' struct_ref_seq_dif           
8 2 'Structure model' struct_site                  
# 
loop_
_pdbx_audit_revision_item.ordinal 
_pdbx_audit_revision_item.revision_ordinal 
_pdbx_audit_revision_item.data_content_type 
_pdbx_audit_revision_item.item 
1  2 'Structure model' '_database_2.pdbx_DOI'                        
2  2 'Structure model' '_database_2.pdbx_database_accession'         
3  2 'Structure model' '_pdbx_struct_conn_angle.ptnr1_auth_seq_id'   
4  2 'Structure model' '_pdbx_struct_conn_angle.ptnr1_label_seq_id'  
5  2 'Structure model' '_pdbx_struct_conn_angle.ptnr2_auth_seq_id'   
6  2 'Structure model' '_pdbx_struct_conn_angle.ptnr2_label_asym_id' 
7  2 'Structure model' '_pdbx_struct_conn_angle.ptnr3_auth_seq_id'   
8  2 'Structure model' '_pdbx_struct_conn_angle.ptnr3_label_seq_id'  
9  2 'Structure model' '_pdbx_struct_conn_angle.value'               
10 2 'Structure model' '_struct_conn.pdbx_dist_value'                
11 2 'Structure model' '_struct_conn.ptnr1_auth_comp_id'             
12 2 'Structure model' '_struct_conn.ptnr1_auth_seq_id'              
13 2 'Structure model' '_struct_conn.ptnr1_label_asym_id'            
14 2 'Structure model' '_struct_conn.ptnr1_label_atom_id'            
15 2 'Structure model' '_struct_conn.ptnr1_label_comp_id'            
16 2 'Structure model' '_struct_conn.ptnr1_label_seq_id'             
17 2 'Structure model' '_struct_conn.ptnr2_auth_comp_id'             
18 2 'Structure model' '_struct_conn.ptnr2_auth_seq_id'              
19 2 'Structure model' '_struct_conn.ptnr2_label_asym_id'            
20 2 'Structure model' '_struct_conn.ptnr2_label_atom_id'            
21 2 'Structure model' '_struct_conn.ptnr2_label_comp_id'            
22 2 'Structure model' '_struct_conn.ptnr2_label_seq_id'             
23 2 'Structure model' '_struct_ref_seq_dif.details'                 
24 2 'Structure model' '_struct_site.pdbx_auth_asym_id'              
25 2 'Structure model' '_struct_site.pdbx_auth_comp_id'              
26 2 'Structure model' '_struct_site.pdbx_auth_seq_id'               
# 
_pdbx_database_status.status_code                     REL 
_pdbx_database_status.entry_id                        3T7L 
_pdbx_database_status.recvd_initial_deposition_date   2011-07-30 
_pdbx_database_status.deposit_site                    RCSB 
_pdbx_database_status.process_site                    RCSB 
_pdbx_database_status.status_code_sf                  REL 
_pdbx_database_status.status_code_mr                  ? 
_pdbx_database_status.SG_entry                        Y 
_pdbx_database_status.status_code_cs                  ? 
_pdbx_database_status.pdb_format_compatible           Y 
_pdbx_database_status.status_code_nmr_data            ? 
_pdbx_database_status.methods_development_category    ? 
# 
loop_
_audit_author.name 
_audit_author.pdbx_ordinal 
'Chaikuad, A.'                         1  
'Williams, E.'                         2  
'Guo, K.'                              3  
'Sanvitale, C.'                        4  
'Berridge, G.'                         5  
'Krojer, T.'                           6  
'Muniz, J.R.C.'                        7  
'Canning, P.'                          8  
'Phillips, C.'                         9  
'Shrestha, A.'                         10 
'von Delft, F.'                        11 
'Weigelt, J.'                          12 
'Arrowsmith, C.H.'                     13 
'Edwards, A.M.'                        14 
'Bountra, C.'                          15 
'Bullock, A.'                          16 
'Structural Genomics Consortium (SGC)' 17 
# 
_citation.id                        primary 
_citation.title                     'Crystal structure of the FYVE domain of endofin (ZFYVE16) at 1.1A resolution' 
_citation.journal_abbrev            'To be Published' 
_citation.journal_volume            ? 
_citation.page_first                ? 
_citation.page_last                 ? 
_citation.year                      ? 
_citation.journal_id_ASTM           ? 
_citation.country                   ? 
_citation.journal_id_ISSN           ? 
_citation.journal_id_CSD            0353 
_citation.book_publisher            ? 
_citation.pdbx_database_id_PubMed   ? 
_citation.pdbx_database_id_DOI      ? 
# 
loop_
_citation_author.citation_id 
_citation_author.name 
_citation_author.ordinal 
_citation_author.identifier_ORCID 
primary 'Chaikuad, A.'                         1  ? 
primary 'Williams, E.'                         2  ? 
primary 'Guo, K.'                              3  ? 
primary 'Sanvitale, C.'                        4  ? 
primary 'Berridge, G.'                         5  ? 
primary 'Krojer, T.'                           6  ? 
primary 'Muniz, J.R.C.'                        7  ? 
primary 'Canning, P.'                          8  ? 
primary 'Phillips, C.'                         9  ? 
primary 'Shrestha, A.'                         10 ? 
primary 'von Delft, F.'                        11 ? 
primary 'Weigelt, J.'                          12 ? 
primary 'Arrowsmith, C.H.'                     13 ? 
primary 'Edwards, A.M.'                        14 ? 
primary 'Bountra, C.'                          15 ? 
primary 'Bullock, A.'                          16 ? 
primary 'Structural Genomics Consortium (SGC)' 17 ? 
# 
loop_
_entity.id 
_entity.type 
_entity.src_method 
_entity.pdbx_description 
_entity.formula_weight 
_entity.pdbx_number_of_molecules 
_entity.pdbx_ec 
_entity.pdbx_mutation 
_entity.pdbx_fragment 
_entity.details 
1 polymer     man 'Zinc finger FYVE domain-containing protein 16' 10244.052 1  ? ? 'FYVE domain (UNP residues 733-820)' ? 
2 non-polymer syn 'ZINC ION'                                      65.409    2  ? ? ?                                    ? 
3 non-polymer syn 1,2-ETHANEDIOL                                  62.068    1  ? ? ?                                    ? 
4 water       nat water                                           18.015    86 ? ? ?                                    ? 
# 
_entity_name_com.entity_id   1 
_entity_name_com.name        'Endofin, Endosome-associated FYVE domain protein' 
# 
_entity_poly.entity_id                      1 
_entity_poly.type                           'polypeptide(L)' 
_entity_poly.nstd_linkage                   no 
_entity_poly.nstd_monomer                   no 
_entity_poly.pdbx_seq_one_letter_code       
;SMEGLVLGQKQPTWVPDSEAPNCMNCQVKFTFTKRRHHCRACGKVFCGVCCNRKCKLQYLEKEARVCVVCYETISKAQAF
ERMMSPTGSN
;
_entity_poly.pdbx_seq_one_letter_code_can   
;SMEGLVLGQKQPTWVPDSEAPNCMNCQVKFTFTKRRHHCRACGKVFCGVCCNRKCKLQYLEKEARVCVVCYETISKAQAF
ERMMSPTGSN
;
_entity_poly.pdbx_strand_id                 A 
_entity_poly.pdbx_target_identifier         ? 
# 
loop_
_pdbx_entity_nonpoly.entity_id 
_pdbx_entity_nonpoly.name 
_pdbx_entity_nonpoly.comp_id 
2 'ZINC ION'     ZN  
3 1,2-ETHANEDIOL EDO 
4 water          HOH 
# 
loop_
_entity_poly_seq.entity_id 
_entity_poly_seq.num 
_entity_poly_seq.mon_id 
_entity_poly_seq.hetero 
1 1  SER n 
1 2  MET n 
1 3  GLU n 
1 4  GLY n 
1 5  LEU n 
1 6  VAL n 
1 7  LEU n 
1 8  GLY n 
1 9  GLN n 
1 10 LYS n 
1 11 GLN n 
1 12 PRO n 
1 13 THR n 
1 14 TRP n 
1 15 VAL n 
1 16 PRO n 
1 17 ASP n 
1 18 SER n 
1 19 GLU n 
1 20 ALA n 
1 21 PRO n 
1 22 ASN n 
1 23 CYS n 
1 24 MET n 
1 25 ASN n 
1 26 CYS n 
1 27 GLN n 
1 28 VAL n 
1 29 LYS n 
1 30 PHE n 
1 31 THR n 
1 32 PHE n 
1 33 THR n 
1 34 LYS n 
1 35 ARG n 
1 36 ARG n 
1 37 HIS n 
1 38 HIS n 
1 39 CYS n 
1 40 ARG n 
1 41 ALA n 
1 42 CYS n 
1 43 GLY n 
1 44 LYS n 
1 45 VAL n 
1 46 PHE n 
1 47 CYS n 
1 48 GLY n 
1 49 VAL n 
1 50 CYS n 
1 51 CYS n 
1 52 ASN n 
1 53 ARG n 
1 54 LYS n 
1 55 CYS n 
1 56 LYS n 
1 57 LEU n 
1 58 GLN n 
1 59 TYR n 
1 60 LEU n 
1 61 GLU n 
1 62 LYS n 
1 63 GLU n 
1 64 ALA n 
1 65 ARG n 
1 66 VAL n 
1 67 CYS n 
1 68 VAL n 
1 69 VAL n 
1 70 CYS n 
1 71 TYR n 
1 72 GLU n 
1 73 THR n 
1 74 ILE n 
1 75 SER n 
1 76 LYS n 
1 77 ALA n 
1 78 GLN n 
1 79 ALA n 
1 80 PHE n 
1 81 GLU n 
1 82 ARG n 
1 83 MET n 
1 84 MET n 
1 85 SER n 
1 86 PRO n 
1 87 THR n 
1 88 GLY n 
1 89 SER n 
1 90 ASN n 
# 
_entity_src_gen.entity_id                          1 
_entity_src_gen.pdbx_src_id                        1 
_entity_src_gen.pdbx_alt_source_flag               sample 
_entity_src_gen.pdbx_seq_type                      ? 
_entity_src_gen.pdbx_beg_seq_num                   ? 
_entity_src_gen.pdbx_end_seq_num                   ? 
_entity_src_gen.gene_src_common_name               human 
_entity_src_gen.gene_src_genus                     ? 
_entity_src_gen.pdbx_gene_src_gene                 'KIAA0305, ZFYVE16' 
_entity_src_gen.gene_src_species                   ? 
_entity_src_gen.gene_src_strain                    ? 
_entity_src_gen.gene_src_tissue                    ? 
_entity_src_gen.gene_src_tissue_fraction           ? 
_entity_src_gen.gene_src_details                   ? 
_entity_src_gen.pdbx_gene_src_fragment             ? 
_entity_src_gen.pdbx_gene_src_scientific_name      'Homo sapiens' 
_entity_src_gen.pdbx_gene_src_ncbi_taxonomy_id     9606 
_entity_src_gen.pdbx_gene_src_variant              ? 
_entity_src_gen.pdbx_gene_src_cell_line            ? 
_entity_src_gen.pdbx_gene_src_atcc                 ? 
_entity_src_gen.pdbx_gene_src_organ                ? 
_entity_src_gen.pdbx_gene_src_organelle            ? 
_entity_src_gen.pdbx_gene_src_cell                 ? 
_entity_src_gen.pdbx_gene_src_cellular_location    ? 
_entity_src_gen.host_org_common_name               ? 
_entity_src_gen.pdbx_host_org_scientific_name      'Escherichia coli' 
_entity_src_gen.pdbx_host_org_ncbi_taxonomy_id     562 
_entity_src_gen.host_org_genus                     ? 
_entity_src_gen.pdbx_host_org_gene                 ? 
_entity_src_gen.pdbx_host_org_organ                ? 
_entity_src_gen.host_org_species                   ? 
_entity_src_gen.pdbx_host_org_tissue               ? 
_entity_src_gen.pdbx_host_org_tissue_fraction      ? 
_entity_src_gen.pdbx_host_org_strain               Rosetta 
_entity_src_gen.pdbx_host_org_variant              ? 
_entity_src_gen.pdbx_host_org_cell_line            ? 
_entity_src_gen.pdbx_host_org_atcc                 ? 
_entity_src_gen.pdbx_host_org_culture_collection   ? 
_entity_src_gen.pdbx_host_org_cell                 ? 
_entity_src_gen.pdbx_host_org_organelle            ? 
_entity_src_gen.pdbx_host_org_cellular_location    ? 
_entity_src_gen.pdbx_host_org_vector_type          plasmid 
_entity_src_gen.pdbx_host_org_vector               ? 
_entity_src_gen.host_org_details                   ? 
_entity_src_gen.expression_system_id               ? 
_entity_src_gen.plasmid_name                       pNIC-Zb 
_entity_src_gen.plasmid_details                    ? 
_entity_src_gen.pdbx_description                   ? 
# 
loop_
_chem_comp.id 
_chem_comp.type 
_chem_comp.mon_nstd_flag 
_chem_comp.name 
_chem_comp.pdbx_synonyms 
_chem_comp.formula 
_chem_comp.formula_weight 
ALA 'L-peptide linking' y ALANINE         ?                 'C3 H7 N O2'     89.093  
ARG 'L-peptide linking' y ARGININE        ?                 'C6 H15 N4 O2 1' 175.209 
ASN 'L-peptide linking' y ASPARAGINE      ?                 'C4 H8 N2 O3'    132.118 
ASP 'L-peptide linking' y 'ASPARTIC ACID' ?                 'C4 H7 N O4'     133.103 
CYS 'L-peptide linking' y CYSTEINE        ?                 'C3 H7 N O2 S'   121.158 
EDO non-polymer         . 1,2-ETHANEDIOL  'ETHYLENE GLYCOL' 'C2 H6 O2'       62.068  
GLN 'L-peptide linking' y GLUTAMINE       ?                 'C5 H10 N2 O3'   146.144 
GLU 'L-peptide linking' y 'GLUTAMIC ACID' ?                 'C5 H9 N O4'     147.129 
GLY 'peptide linking'   y GLYCINE         ?                 'C2 H5 N O2'     75.067  
HIS 'L-peptide linking' y HISTIDINE       ?                 'C6 H10 N3 O2 1' 156.162 
HOH non-polymer         . WATER           ?                 'H2 O'           18.015  
ILE 'L-peptide linking' y ISOLEUCINE      ?                 'C6 H13 N O2'    131.173 
LEU 'L-peptide linking' y LEUCINE         ?                 'C6 H13 N O2'    131.173 
LYS 'L-peptide linking' y LYSINE          ?                 'C6 H15 N2 O2 1' 147.195 
MET 'L-peptide linking' y METHIONINE      ?                 'C5 H11 N O2 S'  149.211 
PHE 'L-peptide linking' y PHENYLALANINE   ?                 'C9 H11 N O2'    165.189 
PRO 'L-peptide linking' y PROLINE         ?                 'C5 H9 N O2'     115.130 
SER 'L-peptide linking' y SERINE          ?                 'C3 H7 N O3'     105.093 
THR 'L-peptide linking' y THREONINE       ?                 'C4 H9 N O3'     119.119 
TRP 'L-peptide linking' y TRYPTOPHAN      ?                 'C11 H12 N2 O2'  204.225 
TYR 'L-peptide linking' y TYROSINE        ?                 'C9 H11 N O3'    181.189 
VAL 'L-peptide linking' y VALINE          ?                 'C5 H11 N O2'    117.146 
ZN  non-polymer         . 'ZINC ION'      ?                 'Zn 2'           65.409  
# 
loop_
_pdbx_poly_seq_scheme.asym_id 
_pdbx_poly_seq_scheme.entity_id 
_pdbx_poly_seq_scheme.seq_id 
_pdbx_poly_seq_scheme.mon_id 
_pdbx_poly_seq_scheme.ndb_seq_num 
_pdbx_poly_seq_scheme.pdb_seq_num 
_pdbx_poly_seq_scheme.auth_seq_num 
_pdbx_poly_seq_scheme.pdb_mon_id 
_pdbx_poly_seq_scheme.auth_mon_id 
_pdbx_poly_seq_scheme.pdb_strand_id 
_pdbx_poly_seq_scheme.pdb_ins_code 
_pdbx_poly_seq_scheme.hetero 
A 1 1  SER 1  731 ?   ?   ?   A . n 
A 1 2  MET 2  732 ?   ?   ?   A . n 
A 1 3  GLU 3  733 ?   ?   ?   A . n 
A 1 4  GLY 4  734 ?   ?   ?   A . n 
A 1 5  LEU 5  735 735 LEU LEU A . n 
A 1 6  VAL 6  736 736 VAL VAL A . n 
A 1 7  LEU 7  737 737 LEU LEU A . n 
A 1 8  GLY 8  738 738 GLY GLY A . n 
A 1 9  GLN 9  739 739 GLN GLN A . n 
A 1 10 LYS 10 740 740 LYS LYS A . n 
A 1 11 GLN 11 741 741 GLN GLN A . n 
A 1 12 PRO 12 742 742 PRO PRO A . n 
A 1 13 THR 13 743 743 THR THR A . n 
A 1 14 TRP 14 744 744 TRP TRP A . n 
A 1 15 VAL 15 745 745 VAL VAL A . n 
A 1 16 PRO 16 746 746 PRO PRO A . n 
A 1 17 ASP 17 747 747 ASP ASP A . n 
A 1 18 SER 18 748 748 SER SER A . n 
A 1 19 GLU 19 749 749 GLU GLU A . n 
A 1 20 ALA 20 750 750 ALA ALA A . n 
A 1 21 PRO 21 751 751 PRO PRO A . n 
A 1 22 ASN 22 752 752 ASN ASN A . n 
A 1 23 CYS 23 753 753 CYS CYS A . n 
A 1 24 MET 24 754 754 MET MET A . n 
A 1 25 ASN 25 755 755 ASN ASN A . n 
A 1 26 CYS 26 756 756 CYS CYS A . n 
A 1 27 GLN 27 757 757 GLN GLN A . n 
A 1 28 VAL 28 758 758 VAL VAL A . n 
A 1 29 LYS 29 759 759 LYS LYS A . n 
A 1 30 PHE 30 760 760 PHE PHE A . n 
A 1 31 THR 31 761 761 THR THR A . n 
A 1 32 PHE 32 762 762 PHE PHE A . n 
A 1 33 THR 33 763 763 THR THR A . n 
A 1 34 LYS 34 764 764 LYS LYS A . n 
A 1 35 ARG 35 765 765 ARG ARG A . n 
A 1 36 ARG 36 766 766 ARG ARG A . n 
A 1 37 HIS 37 767 767 HIS HIS A . n 
A 1 38 HIS 38 768 768 HIS HIS A . n 
A 1 39 CYS 39 769 769 CYS CYS A . n 
A 1 40 ARG 40 770 770 ARG ARG A . n 
A 1 41 ALA 41 771 771 ALA ALA A . n 
A 1 42 CYS 42 772 772 CYS CYS A . n 
A 1 43 GLY 43 773 773 GLY GLY A . n 
A 1 44 LYS 44 774 774 LYS LYS A . n 
A 1 45 VAL 45 775 775 VAL VAL A . n 
A 1 46 PHE 46 776 776 PHE PHE A . n 
A 1 47 CYS 47 777 777 CYS CYS A . n 
A 1 48 GLY 48 778 778 GLY GLY A . n 
A 1 49 VAL 49 779 779 VAL VAL A . n 
A 1 50 CYS 50 780 780 CYS CYS A . n 
A 1 51 CYS 51 781 781 CYS CYS A . n 
A 1 52 ASN 52 782 782 ASN ASN A . n 
A 1 53 ARG 53 783 783 ARG ARG A . n 
A 1 54 LYS 54 784 784 LYS LYS A . n 
A 1 55 CYS 55 785 785 CYS CYS A . n 
A 1 56 LYS 56 786 786 LYS LYS A . n 
A 1 57 LEU 57 787 787 LEU LEU A . n 
A 1 58 GLN 58 788 788 GLN GLN A . n 
A 1 59 TYR 59 789 789 TYR TYR A . n 
A 1 60 LEU 60 790 790 LEU LEU A . n 
A 1 61 GLU 61 791 791 GLU GLU A . n 
A 1 62 LYS 62 792 792 LYS LYS A . n 
A 1 63 GLU 63 793 793 GLU GLU A . n 
A 1 64 ALA 64 794 794 ALA ALA A . n 
A 1 65 ARG 65 795 795 ARG ARG A . n 
A 1 66 VAL 66 796 796 VAL VAL A . n 
A 1 67 CYS 67 797 797 CYS CYS A . n 
A 1 68 VAL 68 798 798 VAL VAL A . n 
A 1 69 VAL 69 799 799 VAL VAL A . n 
A 1 70 CYS 70 800 800 CYS CYS A . n 
A 1 71 TYR 71 801 801 TYR TYR A . n 
A 1 72 GLU 72 802 802 GLU GLU A . n 
A 1 73 THR 73 803 803 THR THR A . n 
A 1 74 ILE 74 804 804 ILE ILE A . n 
A 1 75 SER 75 805 805 SER SER A . n 
A 1 76 LYS 76 806 806 LYS LYS A . n 
A 1 77 ALA 77 807 807 ALA ALA A . n 
A 1 78 GLN 78 808 808 GLN GLN A . n 
A 1 79 ALA 79 809 ?   ?   ?   A . n 
A 1 80 PHE 80 810 ?   ?   ?   A . n 
A 1 81 GLU 81 811 ?   ?   ?   A . n 
A 1 82 ARG 82 812 ?   ?   ?   A . n 
A 1 83 MET 83 813 ?   ?   ?   A . n 
A 1 84 MET 84 814 ?   ?   ?   A . n 
A 1 85 SER 85 815 ?   ?   ?   A . n 
A 1 86 PRO 86 816 ?   ?   ?   A . n 
A 1 87 THR 87 817 ?   ?   ?   A . n 
A 1 88 GLY 88 818 ?   ?   ?   A . n 
A 1 89 SER 89 819 ?   ?   ?   A . n 
A 1 90 ASN 90 820 ?   ?   ?   A . n 
# 
loop_
_pdbx_nonpoly_scheme.asym_id 
_pdbx_nonpoly_scheme.entity_id 
_pdbx_nonpoly_scheme.mon_id 
_pdbx_nonpoly_scheme.ndb_seq_num 
_pdbx_nonpoly_scheme.pdb_seq_num 
_pdbx_nonpoly_scheme.auth_seq_num 
_pdbx_nonpoly_scheme.pdb_mon_id 
_pdbx_nonpoly_scheme.auth_mon_id 
_pdbx_nonpoly_scheme.pdb_strand_id 
_pdbx_nonpoly_scheme.pdb_ins_code 
B 2 ZN  1  1   1   ZN  ZN  A . 
C 2 ZN  1  2   2   ZN  ZN  A . 
D 3 EDO 1  821 1   EDO EDO A . 
E 4 HOH 1  3   3   HOH HOH A . 
E 4 HOH 2  4   4   HOH HOH A . 
E 4 HOH 3  5   5   HOH HOH A . 
E 4 HOH 4  6   6   HOH HOH A . 
E 4 HOH 5  7   7   HOH HOH A . 
E 4 HOH 6  8   8   HOH HOH A . 
E 4 HOH 7  9   9   HOH HOH A . 
E 4 HOH 8  10  10  HOH HOH A . 
E 4 HOH 9  11  11  HOH HOH A . 
E 4 HOH 10 12  12  HOH HOH A . 
E 4 HOH 11 13  13  HOH HOH A . 
E 4 HOH 12 14  14  HOH HOH A . 
E 4 HOH 13 15  15  HOH HOH A . 
E 4 HOH 14 16  16  HOH HOH A . 
E 4 HOH 15 17  17  HOH HOH A . 
E 4 HOH 16 18  18  HOH HOH A . 
E 4 HOH 17 19  19  HOH HOH A . 
E 4 HOH 18 21  21  HOH HOH A . 
E 4 HOH 19 22  22  HOH HOH A . 
E 4 HOH 20 23  23  HOH HOH A . 
E 4 HOH 21 24  24  HOH HOH A . 
E 4 HOH 22 25  25  HOH HOH A . 
E 4 HOH 23 26  26  HOH HOH A . 
E 4 HOH 24 27  27  HOH HOH A . 
E 4 HOH 25 28  28  HOH HOH A . 
E 4 HOH 26 31  31  HOH HOH A . 
E 4 HOH 27 32  32  HOH HOH A . 
E 4 HOH 28 33  33  HOH HOH A . 
E 4 HOH 29 34  34  HOH HOH A . 
E 4 HOH 30 35  35  HOH HOH A . 
E 4 HOH 31 36  36  HOH HOH A . 
E 4 HOH 32 37  37  HOH HOH A . 
E 4 HOH 33 38  38  HOH HOH A . 
E 4 HOH 34 39  39  HOH HOH A . 
E 4 HOH 35 41  41  HOH HOH A . 
E 4 HOH 36 42  42  HOH HOH A . 
E 4 HOH 37 43  43  HOH HOH A . 
E 4 HOH 38 44  44  HOH HOH A . 
E 4 HOH 39 45  45  HOH HOH A . 
E 4 HOH 40 46  46  HOH HOH A . 
E 4 HOH 41 47  47  HOH HOH A . 
E 4 HOH 42 50  50  HOH HOH A . 
E 4 HOH 43 52  52  HOH HOH A . 
E 4 HOH 44 54  54  HOH HOH A . 
E 4 HOH 45 55  55  HOH HOH A . 
E 4 HOH 46 57  57  HOH HOH A . 
E 4 HOH 47 58  58  HOH HOH A . 
E 4 HOH 48 59  59  HOH HOH A . 
E 4 HOH 49 60  60  HOH HOH A . 
E 4 HOH 50 61  61  HOH HOH A . 
E 4 HOH 51 62  62  HOH HOH A . 
E 4 HOH 52 63  63  HOH HOH A . 
E 4 HOH 53 64  64  HOH HOH A . 
E 4 HOH 54 65  65  HOH HOH A . 
E 4 HOH 55 66  66  HOH HOH A . 
E 4 HOH 56 67  67  HOH HOH A . 
E 4 HOH 57 68  68  HOH HOH A . 
E 4 HOH 58 69  69  HOH HOH A . 
E 4 HOH 59 70  70  HOH HOH A . 
E 4 HOH 60 71  71  HOH HOH A . 
E 4 HOH 61 74  74  HOH HOH A . 
E 4 HOH 62 75  75  HOH HOH A . 
E 4 HOH 63 76  76  HOH HOH A . 
E 4 HOH 64 77  77  HOH HOH A . 
E 4 HOH 65 78  78  HOH HOH A . 
E 4 HOH 66 79  79  HOH HOH A . 
E 4 HOH 67 80  80  HOH HOH A . 
E 4 HOH 68 81  81  HOH HOH A . 
E 4 HOH 69 82  82  HOH HOH A . 
E 4 HOH 70 83  83  HOH HOH A . 
E 4 HOH 71 84  84  HOH HOH A . 
E 4 HOH 72 85  85  HOH HOH A . 
E 4 HOH 73 88  88  HOH HOH A . 
E 4 HOH 74 89  89  HOH HOH A . 
E 4 HOH 75 90  90  HOH HOH A . 
E 4 HOH 76 91  91  HOH HOH A . 
E 4 HOH 77 92  92  HOH HOH A . 
E 4 HOH 78 94  94  HOH HOH A . 
E 4 HOH 79 95  95  HOH HOH A . 
E 4 HOH 80 96  96  HOH HOH A . 
E 4 HOH 81 97  97  HOH HOH A . 
E 4 HOH 82 98  98  HOH HOH A . 
E 4 HOH 83 99  99  HOH HOH A . 
E 4 HOH 84 100 100 HOH HOH A . 
E 4 HOH 85 822 1   HOH HOH A . 
E 4 HOH 86 823 2   HOH HOH A . 
# 
loop_
_pdbx_unobs_or_zero_occ_atoms.id 
_pdbx_unobs_or_zero_occ_atoms.PDB_model_num 
_pdbx_unobs_or_zero_occ_atoms.polymer_flag 
_pdbx_unobs_or_zero_occ_atoms.occupancy_flag 
_pdbx_unobs_or_zero_occ_atoms.auth_asym_id 
_pdbx_unobs_or_zero_occ_atoms.auth_comp_id 
_pdbx_unobs_or_zero_occ_atoms.auth_seq_id 
_pdbx_unobs_or_zero_occ_atoms.PDB_ins_code 
_pdbx_unobs_or_zero_occ_atoms.auth_atom_id 
_pdbx_unobs_or_zero_occ_atoms.label_alt_id 
_pdbx_unobs_or_zero_occ_atoms.label_asym_id 
_pdbx_unobs_or_zero_occ_atoms.label_comp_id 
_pdbx_unobs_or_zero_occ_atoms.label_seq_id 
_pdbx_unobs_or_zero_occ_atoms.label_atom_id 
1 1 Y 1 A LEU 735 ? CG  ? A LEU 5  CG  
2 1 Y 1 A LEU 735 ? CD1 ? A LEU 5  CD1 
3 1 Y 1 A LEU 735 ? CD2 ? A LEU 5  CD2 
4 1 Y 1 A LYS 806 ? CG  ? A LYS 76 CG  
5 1 Y 1 A LYS 806 ? CD  ? A LYS 76 CD  
6 1 Y 1 A LYS 806 ? CE  ? A LYS 76 CE  
7 1 Y 1 A LYS 806 ? NZ  ? A LYS 76 NZ  
# 
loop_
_software.name 
_software.classification 
_software.version 
_software.citation_id 
_software.pdbx_ordinal 
GDA    'data collection' .        ? 1 
SHARP  phasing           .        ? 2 
REFMAC refinement        5.6.0117 ? 3 
XDS    'data reduction'  .        ? 4 
SCALA  'data scaling'    .        ? 5 
# 
_cell.entry_id           3T7L 
_cell.length_a           42.944 
_cell.length_b           42.944 
_cell.length_c           76.879 
_cell.angle_alpha        90.00 
_cell.angle_beta         90.00 
_cell.angle_gamma        90.00 
_cell.Z_PDB              8 
_cell.pdbx_unique_axis   ? 
_cell.length_a_esd       ? 
_cell.length_b_esd       ? 
_cell.length_c_esd       ? 
_cell.angle_alpha_esd    ? 
_cell.angle_beta_esd     ? 
_cell.angle_gamma_esd    ? 
# 
_symmetry.entry_id                         3T7L 
_symmetry.space_group_name_H-M             'P 43 21 2' 
_symmetry.pdbx_full_space_group_name_H-M   ? 
_symmetry.cell_setting                     ? 
_symmetry.Int_Tables_number                96 
_symmetry.space_group_name_Hall            ? 
# 
_exptl.entry_id          3T7L 
_exptl.method            'X-RAY DIFFRACTION' 
_exptl.crystals_number   1 
# 
_exptl_crystal.id                    1 
_exptl_crystal.density_meas          ? 
_exptl_crystal.density_Matthews      1.73 
_exptl_crystal.density_percent_sol   28.90 
_exptl_crystal.description           ? 
_exptl_crystal.F_000                 ? 
_exptl_crystal.preparation           ? 
# 
_exptl_crystal_grow.crystal_id      1 
_exptl_crystal_grow.method          'VAPOR DIFFUSION, SITTING DROP' 
_exptl_crystal_grow.temp            277.15 
_exptl_crystal_grow.temp_details    ? 
_exptl_crystal_grow.pH              7.5 
_exptl_crystal_grow.pdbx_details    
'20% PEG 3350, 0.2 M NaNO3, 10% Ethylene glycol, pH 7.5, VAPOR DIFFUSION, SITTING DROP, temperature 277.15K' 
_exptl_crystal_grow.pdbx_pH_range   ? 
# 
_diffrn.id                     1 
_diffrn.ambient_temp           100.0 
_diffrn.ambient_temp_details   ? 
_diffrn.crystal_id             1 
# 
_diffrn_detector.diffrn_id              1 
_diffrn_detector.detector               CCD 
_diffrn_detector.type                   'ADSC QUANTUM 315r' 
_diffrn_detector.pdbx_collection_date   2011-07-28 
_diffrn_detector.details                ? 
# 
_diffrn_radiation.diffrn_id                        1 
_diffrn_radiation.wavelength_id                    1 
_diffrn_radiation.pdbx_monochromatic_or_laue_m_l   M 
_diffrn_radiation.monochromator                    'SI (111) DOUBLE CRYSTAL' 
_diffrn_radiation.pdbx_diffrn_protocol             'SINGLE WAVELENGTH' 
_diffrn_radiation.pdbx_scattering_type             x-ray 
# 
_diffrn_radiation_wavelength.id           1 
_diffrn_radiation_wavelength.wavelength   0.9611 
_diffrn_radiation_wavelength.wt           1.0 
# 
_diffrn_source.diffrn_id                   1 
_diffrn_source.source                      SYNCHROTRON 
_diffrn_source.type                        'DIAMOND BEAMLINE I04' 
_diffrn_source.pdbx_synchrotron_site       Diamond 
_diffrn_source.pdbx_synchrotron_beamline   I04 
_diffrn_source.pdbx_wavelength             ? 
_diffrn_source.pdbx_wavelength_list        0.9611 
# 
_reflns.entry_id                     3T7L 
_reflns.observed_criterion_sigma_I   0.0 
_reflns.observed_criterion_sigma_F   0.0 
_reflns.d_resolution_low             28.64 
_reflns.d_resolution_high            1.09 
_reflns.number_obs                   30734 
_reflns.number_all                   30800 
_reflns.percent_possible_obs         99.9 
_reflns.pdbx_Rmerge_I_obs            0.082 
_reflns.pdbx_Rsym_value              ? 
_reflns.pdbx_netI_over_sigmaI        10.8 
_reflns.B_iso_Wilson_estimate        6.6 
_reflns.pdbx_redundancy              5.2 
_reflns.R_free_details               ? 
_reflns.limit_h_max                  ? 
_reflns.limit_h_min                  ? 
_reflns.limit_k_max                  ? 
_reflns.limit_k_min                  ? 
_reflns.limit_l_max                  ? 
_reflns.limit_l_min                  ? 
_reflns.observed_criterion_F_max     ? 
_reflns.observed_criterion_F_min     ? 
_reflns.pdbx_chi_squared             ? 
_reflns.pdbx_scaling_rejects         ? 
_reflns.pdbx_ordinal                 1 
_reflns.pdbx_diffrn_id               1 
# 
_reflns_shell.d_res_high             1.09 
_reflns_shell.d_res_low              1.15 
_reflns_shell.percent_possible_all   99.9 
_reflns_shell.Rmerge_I_obs           0.748 
_reflns_shell.pdbx_Rsym_value        ? 
_reflns_shell.meanI_over_sigI_obs    2.0 
_reflns_shell.pdbx_redundancy        4.6 
_reflns_shell.percent_possible_obs   ? 
_reflns_shell.number_unique_all      4404 
_reflns_shell.number_measured_all    ? 
_reflns_shell.number_measured_obs    ? 
_reflns_shell.number_unique_obs      ? 
_reflns_shell.pdbx_chi_squared       ? 
_reflns_shell.pdbx_ordinal           1 
_reflns_shell.pdbx_diffrn_id         1 
# 
_refine.entry_id                                 3T7L 
_refine.ls_number_reflns_obs                     29183 
_refine.ls_number_reflns_all                     30734 
_refine.pdbx_ls_sigma_I                          2.0 
_refine.pdbx_ls_sigma_F                          0.0 
_refine.pdbx_data_cutoff_high_absF               ? 
_refine.pdbx_data_cutoff_low_absF                ? 
_refine.pdbx_data_cutoff_high_rms_absF           ? 
_refine.ls_d_res_low                             22.01 
_refine.ls_d_res_high                            1.09 
_refine.ls_percent_reflns_obs                    99.78 
_refine.ls_R_factor_obs                          0.14244 
_refine.ls_R_factor_all                          0.168 
_refine.ls_R_factor_R_work                       0.14182 
_refine.ls_R_factor_R_free                       0.15423 
_refine.ls_R_factor_R_free_error                 ? 
_refine.ls_R_factor_R_free_error_details         ? 
_refine.ls_percent_reflns_R_free                 5.0 
_refine.ls_number_reflns_R_free                  1550 
_refine.ls_number_parameters                     ? 
_refine.ls_number_restraints                     ? 
_refine.occupancy_min                            ? 
_refine.occupancy_max                            ? 
_refine.correlation_coeff_Fo_to_Fc               0.976 
_refine.correlation_coeff_Fo_to_Fc_free          0.974 
_refine.B_iso_mean                               13.388 
_refine.aniso_B[1][1]                            0.20 
_refine.aniso_B[2][2]                            0.20 
_refine.aniso_B[3][3]                            -0.40 
_refine.aniso_B[1][2]                            0.00 
_refine.aniso_B[1][3]                            0.00 
_refine.aniso_B[2][3]                            0.00 
_refine.solvent_model_details                    MASK 
_refine.solvent_model_param_ksol                 ? 
_refine.solvent_model_param_bsol                 ? 
_refine.pdbx_solvent_vdw_probe_radii             1.20 
_refine.pdbx_solvent_ion_probe_radii             0.80 
_refine.pdbx_solvent_shrinkage_radii             0.80 
_refine.pdbx_ls_cross_valid_method               THROUGHOUT 
_refine.details                                  'HYDROGENS HAVE BEEN ADDED IN THE RIDING POSITIONS' 
_refine.pdbx_starting_model                      ? 
_refine.pdbx_method_to_determine_struct          SAD 
_refine.pdbx_isotropic_thermal_model             ? 
_refine.pdbx_stereochemistry_target_values       'MAXIMUM LIKELIHOOD WITH PHASES' 
_refine.pdbx_stereochem_target_val_spec_case     ? 
_refine.pdbx_R_Free_selection_details            RANDOM 
_refine.pdbx_overall_ESU_R_Free                  0.027 
_refine.overall_SU_ML                            0.017 
_refine.pdbx_overall_phase_error                 ? 
_refine.overall_SU_B                             0.747 
_refine.overall_SU_R_Cruickshank_DPI             ? 
_refine.ls_redundancy_reflns_obs                 ? 
_refine.B_iso_min                                ? 
_refine.B_iso_max                                ? 
_refine.overall_SU_R_free                        ? 
_refine.ls_wR_factor_R_free                      ? 
_refine.ls_wR_factor_R_work                      ? 
_refine.overall_FOM_free_R_set                   ? 
_refine.overall_FOM_work_R_set                   ? 
_refine.pdbx_diffrn_id                           1 
_refine.pdbx_refine_id                           'X-RAY DIFFRACTION' 
_refine.pdbx_overall_ESU_R                       ? 
_refine.pdbx_TLS_residual_ADP_flag               ? 
_refine.pdbx_overall_SU_R_free_Cruickshank_DPI   ? 
_refine.pdbx_overall_SU_R_Blow_DPI               ? 
_refine.pdbx_overall_SU_R_free_Blow_DPI          ? 
# 
_refine_analyze.entry_id                        3T7L 
_refine_analyze.Luzzati_coordinate_error_obs    0.110 
_refine_analyze.Luzzati_sigma_a_obs             ? 
_refine_analyze.Luzzati_d_res_low_obs           ? 
_refine_analyze.Luzzati_coordinate_error_free   ? 
_refine_analyze.Luzzati_sigma_a_free            ? 
_refine_analyze.Luzzati_d_res_low_free          ? 
_refine_analyze.number_disordered_residues      ? 
_refine_analyze.occupancy_sum_hydrogen          ? 
_refine_analyze.occupancy_sum_non_hydrogen      ? 
_refine_analyze.pdbx_Luzzati_d_res_high_obs     ? 
_refine_analyze.pdbx_refine_id                  'X-RAY DIFFRACTION' 
# 
_refine_hist.pdbx_refine_id                   'X-RAY DIFFRACTION' 
_refine_hist.cycle_id                         LAST 
_refine_hist.pdbx_number_atoms_protein        581 
_refine_hist.pdbx_number_atoms_nucleic_acid   0 
_refine_hist.pdbx_number_atoms_ligand         6 
_refine_hist.number_atoms_solvent             86 
_refine_hist.number_atoms_total               673 
_refine_hist.d_res_high                       1.09 
_refine_hist.d_res_low                        22.01 
# 
loop_
_refine_ls_restr.type 
_refine_ls_restr.dev_ideal 
_refine_ls_restr.dev_ideal_target 
_refine_ls_restr.weight 
_refine_ls_restr.number 
_refine_ls_restr.pdbx_restraint_function 
_refine_ls_restr.pdbx_refine_id 
r_bond_refined_d       0.016  0.022  ? 685  ? 'X-RAY DIFFRACTION' 
r_bond_other_d         0.002  0.020  ? 504  ? 'X-RAY DIFFRACTION' 
r_angle_refined_deg    1.676  1.957  ? 931  ? 'X-RAY DIFFRACTION' 
r_angle_other_deg      1.014  3.013  ? 1220 ? 'X-RAY DIFFRACTION' 
r_dihedral_angle_1_deg 6.421  5.000  ? 95   ? 'X-RAY DIFFRACTION' 
r_dihedral_angle_2_deg 32.763 22.667 ? 30   ? 'X-RAY DIFFRACTION' 
r_dihedral_angle_3_deg 12.062 15.000 ? 130  ? 'X-RAY DIFFRACTION' 
r_dihedral_angle_4_deg 18.662 15.000 ? 7    ? 'X-RAY DIFFRACTION' 
r_chiral_restr         0.096  0.200  ? 100  ? 'X-RAY DIFFRACTION' 
r_gen_planes_refined   0.008  0.021  ? 774  ? 'X-RAY DIFFRACTION' 
r_gen_planes_other     0.002  0.020  ? 144  ? 'X-RAY DIFFRACTION' 
r_sphericity_bonded    2.375  5.000  ? 2    ? 'X-RAY DIFFRACTION' 
# 
_refine_ls_shell.pdbx_total_number_of_bins_used   20 
_refine_ls_shell.d_res_high                       1.090 
_refine_ls_shell.d_res_low                        1.118 
_refine_ls_shell.number_reflns_R_work             1914 
_refine_ls_shell.R_factor_R_work                  0.268 
_refine_ls_shell.percent_reflns_obs               99.75 
_refine_ls_shell.R_factor_R_free                  0.287 
_refine_ls_shell.R_factor_R_free_error            ? 
_refine_ls_shell.percent_reflns_R_free            ? 
_refine_ls_shell.number_reflns_R_free             98 
_refine_ls_shell.number_reflns_all                ? 
_refine_ls_shell.R_factor_all                     ? 
_refine_ls_shell.number_reflns_obs                ? 
_refine_ls_shell.redundancy_reflns_obs            ? 
_refine_ls_shell.pdbx_refine_id                   'X-RAY DIFFRACTION' 
# 
_struct.entry_id                  3T7L 
_struct.title                     'Crystal structure of the FYVE domain of endofin (ZFYVE16) at 1.1A resolution' 
_struct.pdbx_model_details        ? 
_struct.pdbx_CASP_flag            ? 
_struct.pdbx_model_type_details   ? 
# 
_struct_keywords.entry_id        3T7L 
_struct_keywords.pdbx_keywords   'TRANSPORT PROTEIN' 
_struct_keywords.text            'structural genomics consortium, SGC, zinc finger, LIPID BINDING PROTEIN, TRANSPORT PROTEIN' 
# 
loop_
_struct_asym.id 
_struct_asym.pdbx_blank_PDB_chainid_flag 
_struct_asym.pdbx_modified 
_struct_asym.entity_id 
_struct_asym.details 
A N N 1 ? 
B N N 2 ? 
C N N 2 ? 
D N N 3 ? 
E N N 4 ? 
# 
_struct_ref.id                         1 
_struct_ref.db_name                    UNP 
_struct_ref.db_code                    ZFY16_HUMAN 
_struct_ref.pdbx_db_accession          Q7Z3T8 
_struct_ref.entity_id                  1 
_struct_ref.pdbx_seq_one_letter_code   
;EGLVLGQKQPTWVPDSEAPNCMNCQVKFTFTKRRHHCRACGKVFCGVCCNRKCKLQYLEKEARVCVVCYETISKAQAFER
MMSPTGSN
;
_struct_ref.pdbx_align_begin           733 
_struct_ref.pdbx_db_isoform            ? 
# 
_struct_ref_seq.align_id                      1 
_struct_ref_seq.ref_id                        1 
_struct_ref_seq.pdbx_PDB_id_code              3T7L 
_struct_ref_seq.pdbx_strand_id                A 
_struct_ref_seq.seq_align_beg                 3 
_struct_ref_seq.pdbx_seq_align_beg_ins_code   ? 
_struct_ref_seq.seq_align_end                 90 
_struct_ref_seq.pdbx_seq_align_end_ins_code   ? 
_struct_ref_seq.pdbx_db_accession             Q7Z3T8 
_struct_ref_seq.db_align_beg                  733 
_struct_ref_seq.pdbx_db_align_beg_ins_code    ? 
_struct_ref_seq.db_align_end                  820 
_struct_ref_seq.pdbx_db_align_end_ins_code    ? 
_struct_ref_seq.pdbx_auth_seq_align_beg       733 
_struct_ref_seq.pdbx_auth_seq_align_end       820 
# 
loop_
_struct_ref_seq_dif.align_id 
_struct_ref_seq_dif.pdbx_pdb_id_code 
_struct_ref_seq_dif.mon_id 
_struct_ref_seq_dif.pdbx_pdb_strand_id 
_struct_ref_seq_dif.seq_num 
_struct_ref_seq_dif.pdbx_pdb_ins_code 
_struct_ref_seq_dif.pdbx_seq_db_name 
_struct_ref_seq_dif.pdbx_seq_db_accession_code 
_struct_ref_seq_dif.db_mon_id 
_struct_ref_seq_dif.pdbx_seq_db_seq_num 
_struct_ref_seq_dif.details 
_struct_ref_seq_dif.pdbx_auth_seq_num 
_struct_ref_seq_dif.pdbx_ordinal 
1 3T7L SER A 1 ? UNP Q7Z3T8 ? ? 'expression tag' 731 1 
1 3T7L MET A 2 ? UNP Q7Z3T8 ? ? 'expression tag' 732 2 
# 
_pdbx_struct_assembly.id                   1 
_pdbx_struct_assembly.details              author_and_software_defined_assembly 
_pdbx_struct_assembly.method_details       PISA 
_pdbx_struct_assembly.oligomeric_details   monomeric 
_pdbx_struct_assembly.oligomeric_count     1 
# 
_pdbx_struct_assembly_gen.assembly_id       1 
_pdbx_struct_assembly_gen.oper_expression   1 
_pdbx_struct_assembly_gen.asym_id_list      A,B,C,D,E 
# 
_pdbx_struct_oper_list.id                   1 
_pdbx_struct_oper_list.type                 'identity operation' 
_pdbx_struct_oper_list.name                 1_555 
_pdbx_struct_oper_list.symmetry_operation   x,y,z 
_pdbx_struct_oper_list.matrix[1][1]         1.0000000000 
_pdbx_struct_oper_list.matrix[1][2]         0.0000000000 
_pdbx_struct_oper_list.matrix[1][3]         0.0000000000 
_pdbx_struct_oper_list.vector[1]            0.0000000000 
_pdbx_struct_oper_list.matrix[2][1]         0.0000000000 
_pdbx_struct_oper_list.matrix[2][2]         1.0000000000 
_pdbx_struct_oper_list.matrix[2][3]         0.0000000000 
_pdbx_struct_oper_list.vector[2]            0.0000000000 
_pdbx_struct_oper_list.matrix[3][1]         0.0000000000 
_pdbx_struct_oper_list.matrix[3][2]         0.0000000000 
_pdbx_struct_oper_list.matrix[3][3]         1.0000000000 
_pdbx_struct_oper_list.vector[3]            0.0000000000 
# 
_struct_biol.id        1 
_struct_biol.details   ? 
# 
loop_
_struct_conf.conf_type_id 
_struct_conf.id 
_struct_conf.pdbx_PDB_helix_id 
_struct_conf.beg_label_comp_id 
_struct_conf.beg_label_asym_id 
_struct_conf.beg_label_seq_id 
_struct_conf.pdbx_beg_PDB_ins_code 
_struct_conf.end_label_comp_id 
_struct_conf.end_label_asym_id 
_struct_conf.end_label_seq_id 
_struct_conf.pdbx_end_PDB_ins_code 
_struct_conf.beg_auth_comp_id 
_struct_conf.beg_auth_asym_id 
_struct_conf.beg_auth_seq_id 
_struct_conf.end_auth_comp_id 
_struct_conf.end_auth_asym_id 
_struct_conf.end_auth_seq_id 
_struct_conf.pdbx_PDB_helix_class 
_struct_conf.details 
_struct_conf.pdbx_PDB_helix_length 
HELX_P HELX_P1 1 PRO A 16 ? ALA A 20 ? PRO A 746 ALA A 750 5 ? 5  
HELX_P HELX_P2 2 CYS A 47 ? CYS A 51 ? CYS A 777 CYS A 781 5 ? 5  
HELX_P HELX_P3 3 CYS A 67 ? GLN A 78 ? CYS A 797 GLN A 808 1 ? 12 
# 
_struct_conf_type.id          HELX_P 
_struct_conf_type.criteria    ? 
_struct_conf_type.reference   ? 
# 
loop_
_struct_conn.id 
_struct_conn.conn_type_id 
_struct_conn.pdbx_leaving_atom_flag 
_struct_conn.pdbx_PDB_id 
_struct_conn.ptnr1_label_asym_id 
_struct_conn.ptnr1_label_comp_id 
_struct_conn.ptnr1_label_seq_id 
_struct_conn.ptnr1_label_atom_id 
_struct_conn.pdbx_ptnr1_label_alt_id 
_struct_conn.pdbx_ptnr1_PDB_ins_code 
_struct_conn.pdbx_ptnr1_standard_comp_id 
_struct_conn.ptnr1_symmetry 
_struct_conn.ptnr2_label_asym_id 
_struct_conn.ptnr2_label_comp_id 
_struct_conn.ptnr2_label_seq_id 
_struct_conn.ptnr2_label_atom_id 
_struct_conn.pdbx_ptnr2_label_alt_id 
_struct_conn.pdbx_ptnr2_PDB_ins_code 
_struct_conn.ptnr1_auth_asym_id 
_struct_conn.ptnr1_auth_comp_id 
_struct_conn.ptnr1_auth_seq_id 
_struct_conn.ptnr2_auth_asym_id 
_struct_conn.ptnr2_auth_comp_id 
_struct_conn.ptnr2_auth_seq_id 
_struct_conn.ptnr2_symmetry 
_struct_conn.pdbx_ptnr3_label_atom_id 
_struct_conn.pdbx_ptnr3_label_seq_id 
_struct_conn.pdbx_ptnr3_label_comp_id 
_struct_conn.pdbx_ptnr3_label_asym_id 
_struct_conn.pdbx_ptnr3_label_alt_id 
_struct_conn.pdbx_ptnr3_PDB_ins_code 
_struct_conn.details 
_struct_conn.pdbx_dist_value 
_struct_conn.pdbx_value_order 
_struct_conn.pdbx_role 
metalc1 metalc ? ? B ZN . ZN ? ? ? 1_555 A CYS 23 SG ? ? A ZN 1 A CYS 753 1_555 ? ? ? ? ? ? ? 2.372 ? ? 
metalc2 metalc ? ? B ZN . ZN ? ? ? 1_555 A CYS 26 SG ? ? A ZN 1 A CYS 756 1_555 ? ? ? ? ? ? ? 2.324 ? ? 
metalc3 metalc ? ? B ZN . ZN ? ? ? 1_555 A CYS 47 SG ? ? A ZN 1 A CYS 777 1_555 ? ? ? ? ? ? ? 2.353 ? ? 
metalc4 metalc ? ? B ZN . ZN ? ? ? 1_555 A CYS 50 SG ? ? A ZN 1 A CYS 780 1_555 ? ? ? ? ? ? ? 2.333 ? ? 
metalc5 metalc ? ? C ZN . ZN ? ? ? 1_555 A CYS 39 SG ? ? A ZN 2 A CYS 769 1_555 ? ? ? ? ? ? ? 2.373 ? ? 
metalc6 metalc ? ? C ZN . ZN ? ? ? 1_555 A CYS 42 SG ? ? A ZN 2 A CYS 772 1_555 ? ? ? ? ? ? ? 2.337 ? ? 
metalc7 metalc ? ? C ZN . ZN ? ? ? 1_555 A CYS 67 SG ? ? A ZN 2 A CYS 797 1_555 ? ? ? ? ? ? ? 2.352 ? ? 
metalc8 metalc ? ? C ZN . ZN ? ? ? 1_555 A CYS 70 SG ? ? A ZN 2 A CYS 800 1_555 ? ? ? ? ? ? ? 2.321 ? ? 
# 
_struct_conn_type.id          metalc 
_struct_conn_type.criteria    ? 
_struct_conn_type.reference   ? 
# 
loop_
_pdbx_struct_conn_angle.id 
_pdbx_struct_conn_angle.ptnr1_label_atom_id 
_pdbx_struct_conn_angle.ptnr1_label_alt_id 
_pdbx_struct_conn_angle.ptnr1_label_asym_id 
_pdbx_struct_conn_angle.ptnr1_label_comp_id 
_pdbx_struct_conn_angle.ptnr1_label_seq_id 
_pdbx_struct_conn_angle.ptnr1_auth_atom_id 
_pdbx_struct_conn_angle.ptnr1_auth_asym_id 
_pdbx_struct_conn_angle.ptnr1_auth_comp_id 
_pdbx_struct_conn_angle.ptnr1_auth_seq_id 
_pdbx_struct_conn_angle.ptnr1_PDB_ins_code 
_pdbx_struct_conn_angle.ptnr1_symmetry 
_pdbx_struct_conn_angle.ptnr2_label_atom_id 
_pdbx_struct_conn_angle.ptnr2_label_alt_id 
_pdbx_struct_conn_angle.ptnr2_label_asym_id 
_pdbx_struct_conn_angle.ptnr2_label_comp_id 
_pdbx_struct_conn_angle.ptnr2_label_seq_id 
_pdbx_struct_conn_angle.ptnr2_auth_atom_id 
_pdbx_struct_conn_angle.ptnr2_auth_asym_id 
_pdbx_struct_conn_angle.ptnr2_auth_comp_id 
_pdbx_struct_conn_angle.ptnr2_auth_seq_id 
_pdbx_struct_conn_angle.ptnr2_PDB_ins_code 
_pdbx_struct_conn_angle.ptnr2_symmetry 
_pdbx_struct_conn_angle.ptnr3_label_atom_id 
_pdbx_struct_conn_angle.ptnr3_label_alt_id 
_pdbx_struct_conn_angle.ptnr3_label_asym_id 
_pdbx_struct_conn_angle.ptnr3_label_comp_id 
_pdbx_struct_conn_angle.ptnr3_label_seq_id 
_pdbx_struct_conn_angle.ptnr3_auth_atom_id 
_pdbx_struct_conn_angle.ptnr3_auth_asym_id 
_pdbx_struct_conn_angle.ptnr3_auth_comp_id 
_pdbx_struct_conn_angle.ptnr3_auth_seq_id 
_pdbx_struct_conn_angle.ptnr3_PDB_ins_code 
_pdbx_struct_conn_angle.ptnr3_symmetry 
_pdbx_struct_conn_angle.value 
_pdbx_struct_conn_angle.value_esd 
1  SG ? A CYS 23 ? A CYS 753 ? 1_555 ZN ? B ZN . ? A ZN 1 ? 1_555 SG ? A CYS 26 ? A CYS 756 ? 1_555 106.6 ? 
2  SG ? A CYS 23 ? A CYS 753 ? 1_555 ZN ? B ZN . ? A ZN 1 ? 1_555 SG ? A CYS 47 ? A CYS 777 ? 1_555 115.6 ? 
3  SG ? A CYS 26 ? A CYS 756 ? 1_555 ZN ? B ZN . ? A ZN 1 ? 1_555 SG ? A CYS 47 ? A CYS 777 ? 1_555 113.8 ? 
4  SG ? A CYS 23 ? A CYS 753 ? 1_555 ZN ? B ZN . ? A ZN 1 ? 1_555 SG ? A CYS 50 ? A CYS 780 ? 1_555 107.2 ? 
5  SG ? A CYS 26 ? A CYS 756 ? 1_555 ZN ? B ZN . ? A ZN 1 ? 1_555 SG ? A CYS 50 ? A CYS 780 ? 1_555 110.3 ? 
6  SG ? A CYS 47 ? A CYS 777 ? 1_555 ZN ? B ZN . ? A ZN 1 ? 1_555 SG ? A CYS 50 ? A CYS 780 ? 1_555 103.2 ? 
7  SG ? A CYS 39 ? A CYS 769 ? 1_555 ZN ? C ZN . ? A ZN 2 ? 1_555 SG ? A CYS 42 ? A CYS 772 ? 1_555 103.2 ? 
8  SG ? A CYS 39 ? A CYS 769 ? 1_555 ZN ? C ZN . ? A ZN 2 ? 1_555 SG ? A CYS 67 ? A CYS 797 ? 1_555 112.7 ? 
9  SG ? A CYS 42 ? A CYS 772 ? 1_555 ZN ? C ZN . ? A ZN 2 ? 1_555 SG ? A CYS 67 ? A CYS 797 ? 1_555 117.3 ? 
10 SG ? A CYS 39 ? A CYS 769 ? 1_555 ZN ? C ZN . ? A ZN 2 ? 1_555 SG ? A CYS 70 ? A CYS 800 ? 1_555 106.3 ? 
11 SG ? A CYS 42 ? A CYS 772 ? 1_555 ZN ? C ZN . ? A ZN 2 ? 1_555 SG ? A CYS 70 ? A CYS 800 ? 1_555 112.1 ? 
12 SG ? A CYS 67 ? A CYS 797 ? 1_555 ZN ? C ZN . ? A ZN 2 ? 1_555 SG ? A CYS 70 ? A CYS 800 ? 1_555 104.9 ? 
# 
loop_
_struct_sheet.id 
_struct_sheet.type 
_struct_sheet.number_strands 
_struct_sheet.details 
A ? 2 ? 
B ? 2 ? 
# 
loop_
_struct_sheet_order.sheet_id 
_struct_sheet_order.range_id_1 
_struct_sheet_order.range_id_2 
_struct_sheet_order.offset 
_struct_sheet_order.sense 
A 1 2 ? anti-parallel 
B 1 2 ? anti-parallel 
# 
loop_
_struct_sheet_range.sheet_id 
_struct_sheet_range.id 
_struct_sheet_range.beg_label_comp_id 
_struct_sheet_range.beg_label_asym_id 
_struct_sheet_range.beg_label_seq_id 
_struct_sheet_range.pdbx_beg_PDB_ins_code 
_struct_sheet_range.end_label_comp_id 
_struct_sheet_range.end_label_asym_id 
_struct_sheet_range.end_label_seq_id 
_struct_sheet_range.pdbx_end_PDB_ins_code 
_struct_sheet_range.beg_auth_comp_id 
_struct_sheet_range.beg_auth_asym_id 
_struct_sheet_range.beg_auth_seq_id 
_struct_sheet_range.end_auth_comp_id 
_struct_sheet_range.end_auth_asym_id 
_struct_sheet_range.end_auth_seq_id 
A 1 HIS A 37 ? HIS A 38 ? HIS A 767 HIS A 768 
A 2 VAL A 45 ? PHE A 46 ? VAL A 775 PHE A 776 
B 1 ARG A 53 ? LYS A 56 ? ARG A 783 LYS A 786 
B 2 GLU A 63 ? VAL A 66 ? GLU A 793 VAL A 796 
# 
loop_
_pdbx_struct_sheet_hbond.sheet_id 
_pdbx_struct_sheet_hbond.range_id_1 
_pdbx_struct_sheet_hbond.range_id_2 
_pdbx_struct_sheet_hbond.range_1_label_atom_id 
_pdbx_struct_sheet_hbond.range_1_label_comp_id 
_pdbx_struct_sheet_hbond.range_1_label_asym_id 
_pdbx_struct_sheet_hbond.range_1_label_seq_id 
_pdbx_struct_sheet_hbond.range_1_PDB_ins_code 
_pdbx_struct_sheet_hbond.range_1_auth_atom_id 
_pdbx_struct_sheet_hbond.range_1_auth_comp_id 
_pdbx_struct_sheet_hbond.range_1_auth_asym_id 
_pdbx_struct_sheet_hbond.range_1_auth_seq_id 
_pdbx_struct_sheet_hbond.range_2_label_atom_id 
_pdbx_struct_sheet_hbond.range_2_label_comp_id 
_pdbx_struct_sheet_hbond.range_2_label_asym_id 
_pdbx_struct_sheet_hbond.range_2_label_seq_id 
_pdbx_struct_sheet_hbond.range_2_PDB_ins_code 
_pdbx_struct_sheet_hbond.range_2_auth_atom_id 
_pdbx_struct_sheet_hbond.range_2_auth_comp_id 
_pdbx_struct_sheet_hbond.range_2_auth_asym_id 
_pdbx_struct_sheet_hbond.range_2_auth_seq_id 
A 1 2 N HIS A 37 ? N HIS A 767 O PHE A 46 ? O PHE A 776 
B 1 2 N ARG A 53 ? N ARG A 783 O VAL A 66 ? O VAL A 796 
# 
loop_
_struct_site.id 
_struct_site.pdbx_evidence_code 
_struct_site.pdbx_auth_asym_id 
_struct_site.pdbx_auth_comp_id 
_struct_site.pdbx_auth_seq_id 
_struct_site.pdbx_auth_ins_code 
_struct_site.pdbx_num_residues 
_struct_site.details 
AC1 Software A ZN  1   ? 4 'BINDING SITE FOR RESIDUE ZN A 1'    
AC2 Software A ZN  2   ? 4 'BINDING SITE FOR RESIDUE ZN A 2'    
AC3 Software A EDO 821 ? 8 'BINDING SITE FOR RESIDUE EDO A 821' 
# 
loop_
_struct_site_gen.id 
_struct_site_gen.site_id 
_struct_site_gen.pdbx_num_res 
_struct_site_gen.label_comp_id 
_struct_site_gen.label_asym_id 
_struct_site_gen.label_seq_id 
_struct_site_gen.pdbx_auth_ins_code 
_struct_site_gen.auth_comp_id 
_struct_site_gen.auth_asym_id 
_struct_site_gen.auth_seq_id 
_struct_site_gen.label_atom_id 
_struct_site_gen.label_alt_id 
_struct_site_gen.symmetry 
_struct_site_gen.details 
1  AC1 4 CYS A 23 ? CYS A 753 . ? 1_555 ? 
2  AC1 4 CYS A 26 ? CYS A 756 . ? 1_555 ? 
3  AC1 4 CYS A 47 ? CYS A 777 . ? 1_555 ? 
4  AC1 4 CYS A 50 ? CYS A 780 . ? 1_555 ? 
5  AC2 4 CYS A 39 ? CYS A 769 . ? 1_555 ? 
6  AC2 4 CYS A 42 ? CYS A 772 . ? 1_555 ? 
7  AC2 4 CYS A 67 ? CYS A 797 . ? 1_555 ? 
8  AC2 4 CYS A 70 ? CYS A 800 . ? 1_555 ? 
9  AC3 8 HOH E .  ? HOH A 26  . ? 4_555 ? 
10 AC3 8 HOH E .  ? HOH A 52  . ? 4_555 ? 
11 AC3 8 HOH E .  ? HOH A 63  . ? 1_555 ? 
12 AC3 8 HOH E .  ? HOH A 82  . ? 4_555 ? 
13 AC3 8 MET A 24 ? MET A 754 . ? 1_555 ? 
14 AC3 8 ASN A 25 ? ASN A 755 . ? 1_555 ? 
15 AC3 8 GLN A 27 ? GLN A 757 . ? 1_555 ? 
16 AC3 8 PHE A 32 ? PHE A 762 . ? 5_655 ? 
# 
loop_
_pdbx_validate_close_contact.id 
_pdbx_validate_close_contact.PDB_model_num 
_pdbx_validate_close_contact.auth_atom_id_1 
_pdbx_validate_close_contact.auth_asym_id_1 
_pdbx_validate_close_contact.auth_comp_id_1 
_pdbx_validate_close_contact.auth_seq_id_1 
_pdbx_validate_close_contact.PDB_ins_code_1 
_pdbx_validate_close_contact.label_alt_id_1 
_pdbx_validate_close_contact.auth_atom_id_2 
_pdbx_validate_close_contact.auth_asym_id_2 
_pdbx_validate_close_contact.auth_comp_id_2 
_pdbx_validate_close_contact.auth_seq_id_2 
_pdbx_validate_close_contact.PDB_ins_code_2 
_pdbx_validate_close_contact.label_alt_id_2 
_pdbx_validate_close_contact.dist 
1 1 O A HOH 54 ? ? O A HOH 82 ? ? 1.92 
2 1 O A HOH 12 ? ? O A HOH 90 ? ? 1.99 
3 1 O A HOH 35 ? ? O A HOH 78 ? ? 2.18 
# 
loop_
_pdbx_validate_torsion.id 
_pdbx_validate_torsion.PDB_model_num 
_pdbx_validate_torsion.auth_comp_id 
_pdbx_validate_torsion.auth_asym_id 
_pdbx_validate_torsion.auth_seq_id 
_pdbx_validate_torsion.PDB_ins_code 
_pdbx_validate_torsion.label_alt_id 
_pdbx_validate_torsion.phi 
_pdbx_validate_torsion.psi 
1 1 ASN A 755 ? ? -104.99 -62.85 
2 1 CYS A 781 ? ? -155.29 80.52  
# 
_pdbx_SG_project.id                    1 
_pdbx_SG_project.project_name          ? 
_pdbx_SG_project.full_name_of_center   'Structural Genomics Consortium' 
_pdbx_SG_project.initial_of_center     SGC 
# 
_pdbx_struct_special_symmetry.id              1 
_pdbx_struct_special_symmetry.PDB_model_num   1 
_pdbx_struct_special_symmetry.auth_asym_id    A 
_pdbx_struct_special_symmetry.auth_comp_id    HOH 
_pdbx_struct_special_symmetry.auth_seq_id     65 
_pdbx_struct_special_symmetry.PDB_ins_code    ? 
_pdbx_struct_special_symmetry.label_asym_id   E 
_pdbx_struct_special_symmetry.label_comp_id   HOH 
_pdbx_struct_special_symmetry.label_seq_id    . 
# 
loop_
_pdbx_refine_tls.pdbx_refine_id 
_pdbx_refine_tls.id 
_pdbx_refine_tls.details 
_pdbx_refine_tls.method 
_pdbx_refine_tls.origin_x 
_pdbx_refine_tls.origin_y 
_pdbx_refine_tls.origin_z 
_pdbx_refine_tls.T[1][1] 
_pdbx_refine_tls.T[2][2] 
_pdbx_refine_tls.T[3][3] 
_pdbx_refine_tls.T[1][2] 
_pdbx_refine_tls.T[1][3] 
_pdbx_refine_tls.T[2][3] 
_pdbx_refine_tls.L[1][1] 
_pdbx_refine_tls.L[2][2] 
_pdbx_refine_tls.L[3][3] 
_pdbx_refine_tls.L[1][2] 
_pdbx_refine_tls.L[1][3] 
_pdbx_refine_tls.L[2][3] 
_pdbx_refine_tls.S[1][1] 
_pdbx_refine_tls.S[1][2] 
_pdbx_refine_tls.S[1][3] 
_pdbx_refine_tls.S[2][1] 
_pdbx_refine_tls.S[2][2] 
_pdbx_refine_tls.S[2][3] 
_pdbx_refine_tls.S[3][1] 
_pdbx_refine_tls.S[3][2] 
_pdbx_refine_tls.S[3][3] 
'X-RAY DIFFRACTION' 1 ? refined 4.3584  -2.5665 -12.2877 0.1079 0.2123 0.1107 -0.0056 0.0566  -0.0037 15.1052 7.5629 15.9319 -7.2916 -12.5439 3.6307  -0.4021 0.3651 -0.6098 -0.1652 0.1665  0.1086  0.5877  -0.4013 0.2356  
'X-RAY DIFFRACTION' 2 ? refined -9.1012 -0.4648 3.3076   0.0164 0.0233 0.0214 0.0081  0.0024  0.0086  1.2197  0.6946 3.0171  -0.0724 -0.8559  -0.3783 0.0351  0.0330 0.0632  -0.0079 0.0476  0.1043  -0.1229 -0.1362 -0.0829 
'X-RAY DIFFRACTION' 3 ? refined 3.6822  1.4940  -0.4054  0.0357 0.0503 0.0542 -0.0224 -0.0026 0.0123  2.0861  1.5335 2.5070  -0.3135 0.1012   -0.7994 -0.0094 0.0547 0.2184  0.0161  -0.0750 -0.2259 -0.2173 0.3049  0.0845 
# 
loop_
_pdbx_refine_tls_group.pdbx_refine_id 
_pdbx_refine_tls_group.id 
_pdbx_refine_tls_group.refine_tls_id 
_pdbx_refine_tls_group.beg_auth_asym_id 
_pdbx_refine_tls_group.beg_auth_seq_id 
_pdbx_refine_tls_group.beg_label_asym_id 
_pdbx_refine_tls_group.beg_label_seq_id 
_pdbx_refine_tls_group.end_auth_asym_id 
_pdbx_refine_tls_group.end_auth_seq_id 
_pdbx_refine_tls_group.end_label_asym_id 
_pdbx_refine_tls_group.end_label_seq_id 
_pdbx_refine_tls_group.selection 
_pdbx_refine_tls_group.selection_details 
'X-RAY DIFFRACTION' 1 1 A 735 ? ? A 740 ? ? ? ? 
'X-RAY DIFFRACTION' 2 2 A 741 ? ? A 764 ? ? ? ? 
'X-RAY DIFFRACTION' 3 3 A 765 ? ? A 808 ? ? ? ? 
# 
loop_
_pdbx_unobs_or_zero_occ_residues.id 
_pdbx_unobs_or_zero_occ_residues.PDB_model_num 
_pdbx_unobs_or_zero_occ_residues.polymer_flag 
_pdbx_unobs_or_zero_occ_residues.occupancy_flag 
_pdbx_unobs_or_zero_occ_residues.auth_asym_id 
_pdbx_unobs_or_zero_occ_residues.auth_comp_id 
_pdbx_unobs_or_zero_occ_residues.auth_seq_id 
_pdbx_unobs_or_zero_occ_residues.PDB_ins_code 
_pdbx_unobs_or_zero_occ_residues.label_asym_id 
_pdbx_unobs_or_zero_occ_residues.label_comp_id 
_pdbx_unobs_or_zero_occ_residues.label_seq_id 
1  1 Y 1 A SER 731 ? A SER 1  
2  1 Y 1 A MET 732 ? A MET 2  
3  1 Y 1 A GLU 733 ? A GLU 3  
4  1 Y 1 A GLY 734 ? A GLY 4  
5  1 Y 1 A ALA 809 ? A ALA 79 
6  1 Y 1 A PHE 810 ? A PHE 80 
7  1 Y 1 A GLU 811 ? A GLU 81 
8  1 Y 1 A ARG 812 ? A ARG 82 
9  1 Y 1 A MET 813 ? A MET 83 
10 1 Y 1 A MET 814 ? A MET 84 
11 1 Y 1 A SER 815 ? A SER 85 
12 1 Y 1 A PRO 816 ? A PRO 86 
13 1 Y 1 A THR 817 ? A THR 87 
14 1 Y 1 A GLY 818 ? A GLY 88 
15 1 Y 1 A SER 819 ? A SER 89 
16 1 Y 1 A ASN 820 ? A ASN 90 
# 
loop_
_chem_comp_atom.comp_id 
_chem_comp_atom.atom_id 
_chem_comp_atom.type_symbol 
_chem_comp_atom.pdbx_aromatic_flag 
_chem_comp_atom.pdbx_stereo_config 
_chem_comp_atom.pdbx_ordinal 
ALA N    N  N N 1   
ALA CA   C  N S 2   
ALA C    C  N N 3   
ALA O    O  N N 4   
ALA CB   C  N N 5   
ALA OXT  O  N N 6   
ALA H    H  N N 7   
ALA H2   H  N N 8   
ALA HA   H  N N 9   
ALA HB1  H  N N 10  
ALA HB2  H  N N 11  
ALA HB3  H  N N 12  
ALA HXT  H  N N 13  
ARG N    N  N N 14  
ARG CA   C  N S 15  
ARG C    C  N N 16  
ARG O    O  N N 17  
ARG CB   C  N N 18  
ARG CG   C  N N 19  
ARG CD   C  N N 20  
ARG NE   N  N N 21  
ARG CZ   C  N N 22  
ARG NH1  N  N N 23  
ARG NH2  N  N N 24  
ARG OXT  O  N N 25  
ARG H    H  N N 26  
ARG H2   H  N N 27  
ARG HA   H  N N 28  
ARG HB2  H  N N 29  
ARG HB3  H  N N 30  
ARG HG2  H  N N 31  
ARG HG3  H  N N 32  
ARG HD2  H  N N 33  
ARG HD3  H  N N 34  
ARG HE   H  N N 35  
ARG HH11 H  N N 36  
ARG HH12 H  N N 37  
ARG HH21 H  N N 38  
ARG HH22 H  N N 39  
ARG HXT  H  N N 40  
ASN N    N  N N 41  
ASN CA   C  N S 42  
ASN C    C  N N 43  
ASN O    O  N N 44  
ASN CB   C  N N 45  
ASN CG   C  N N 46  
ASN OD1  O  N N 47  
ASN ND2  N  N N 48  
ASN OXT  O  N N 49  
ASN H    H  N N 50  
ASN H2   H  N N 51  
ASN HA   H  N N 52  
ASN HB2  H  N N 53  
ASN HB3  H  N N 54  
ASN HD21 H  N N 55  
ASN HD22 H  N N 56  
ASN HXT  H  N N 57  
ASP N    N  N N 58  
ASP CA   C  N S 59  
ASP C    C  N N 60  
ASP O    O  N N 61  
ASP CB   C  N N 62  
ASP CG   C  N N 63  
ASP OD1  O  N N 64  
ASP OD2  O  N N 65  
ASP OXT  O  N N 66  
ASP H    H  N N 67  
ASP H2   H  N N 68  
ASP HA   H  N N 69  
ASP HB2  H  N N 70  
ASP HB3  H  N N 71  
ASP HD2  H  N N 72  
ASP HXT  H  N N 73  
CYS N    N  N N 74  
CYS CA   C  N R 75  
CYS C    C  N N 76  
CYS O    O  N N 77  
CYS CB   C  N N 78  
CYS SG   S  N N 79  
CYS OXT  O  N N 80  
CYS H    H  N N 81  
CYS H2   H  N N 82  
CYS HA   H  N N 83  
CYS HB2  H  N N 84  
CYS HB3  H  N N 85  
CYS HG   H  N N 86  
CYS HXT  H  N N 87  
EDO C1   C  N N 88  
EDO O1   O  N N 89  
EDO C2   C  N N 90  
EDO O2   O  N N 91  
EDO H11  H  N N 92  
EDO H12  H  N N 93  
EDO HO1  H  N N 94  
EDO H21  H  N N 95  
EDO H22  H  N N 96  
EDO HO2  H  N N 97  
GLN N    N  N N 98  
GLN CA   C  N S 99  
GLN C    C  N N 100 
GLN O    O  N N 101 
GLN CB   C  N N 102 
GLN CG   C  N N 103 
GLN CD   C  N N 104 
GLN OE1  O  N N 105 
GLN NE2  N  N N 106 
GLN OXT  O  N N 107 
GLN H    H  N N 108 
GLN H2   H  N N 109 
GLN HA   H  N N 110 
GLN HB2  H  N N 111 
GLN HB3  H  N N 112 
GLN HG2  H  N N 113 
GLN HG3  H  N N 114 
GLN HE21 H  N N 115 
GLN HE22 H  N N 116 
GLN HXT  H  N N 117 
GLU N    N  N N 118 
GLU CA   C  N S 119 
GLU C    C  N N 120 
GLU O    O  N N 121 
GLU CB   C  N N 122 
GLU CG   C  N N 123 
GLU CD   C  N N 124 
GLU OE1  O  N N 125 
GLU OE2  O  N N 126 
GLU OXT  O  N N 127 
GLU H    H  N N 128 
GLU H2   H  N N 129 
GLU HA   H  N N 130 
GLU HB2  H  N N 131 
GLU HB3  H  N N 132 
GLU HG2  H  N N 133 
GLU HG3  H  N N 134 
GLU HE2  H  N N 135 
GLU HXT  H  N N 136 
GLY N    N  N N 137 
GLY CA   C  N N 138 
GLY C    C  N N 139 
GLY O    O  N N 140 
GLY OXT  O  N N 141 
GLY H    H  N N 142 
GLY H2   H  N N 143 
GLY HA2  H  N N 144 
GLY HA3  H  N N 145 
GLY HXT  H  N N 146 
HIS N    N  N N 147 
HIS CA   C  N S 148 
HIS C    C  N N 149 
HIS O    O  N N 150 
HIS CB   C  N N 151 
HIS CG   C  Y N 152 
HIS ND1  N  Y N 153 
HIS CD2  C  Y N 154 
HIS CE1  C  Y N 155 
HIS NE2  N  Y N 156 
HIS OXT  O  N N 157 
HIS H    H  N N 158 
HIS H2   H  N N 159 
HIS HA   H  N N 160 
HIS HB2  H  N N 161 
HIS HB3  H  N N 162 
HIS HD1  H  N N 163 
HIS HD2  H  N N 164 
HIS HE1  H  N N 165 
HIS HE2  H  N N 166 
HIS HXT  H  N N 167 
HOH O    O  N N 168 
HOH H1   H  N N 169 
HOH H2   H  N N 170 
ILE N    N  N N 171 
ILE CA   C  N S 172 
ILE C    C  N N 173 
ILE O    O  N N 174 
ILE CB   C  N S 175 
ILE CG1  C  N N 176 
ILE CG2  C  N N 177 
ILE CD1  C  N N 178 
ILE OXT  O  N N 179 
ILE H    H  N N 180 
ILE H2   H  N N 181 
ILE HA   H  N N 182 
ILE HB   H  N N 183 
ILE HG12 H  N N 184 
ILE HG13 H  N N 185 
ILE HG21 H  N N 186 
ILE HG22 H  N N 187 
ILE HG23 H  N N 188 
ILE HD11 H  N N 189 
ILE HD12 H  N N 190 
ILE HD13 H  N N 191 
ILE HXT  H  N N 192 
LEU N    N  N N 193 
LEU CA   C  N S 194 
LEU C    C  N N 195 
LEU O    O  N N 196 
LEU CB   C  N N 197 
LEU CG   C  N N 198 
LEU CD1  C  N N 199 
LEU CD2  C  N N 200 
LEU OXT  O  N N 201 
LEU H    H  N N 202 
LEU H2   H  N N 203 
LEU HA   H  N N 204 
LEU HB2  H  N N 205 
LEU HB3  H  N N 206 
LEU HG   H  N N 207 
LEU HD11 H  N N 208 
LEU HD12 H  N N 209 
LEU HD13 H  N N 210 
LEU HD21 H  N N 211 
LEU HD22 H  N N 212 
LEU HD23 H  N N 213 
LEU HXT  H  N N 214 
LYS N    N  N N 215 
LYS CA   C  N S 216 
LYS C    C  N N 217 
LYS O    O  N N 218 
LYS CB   C  N N 219 
LYS CG   C  N N 220 
LYS CD   C  N N 221 
LYS CE   C  N N 222 
LYS NZ   N  N N 223 
LYS OXT  O  N N 224 
LYS H    H  N N 225 
LYS H2   H  N N 226 
LYS HA   H  N N 227 
LYS HB2  H  N N 228 
LYS HB3  H  N N 229 
LYS HG2  H  N N 230 
LYS HG3  H  N N 231 
LYS HD2  H  N N 232 
LYS HD3  H  N N 233 
LYS HE2  H  N N 234 
LYS HE3  H  N N 235 
LYS HZ1  H  N N 236 
LYS HZ2  H  N N 237 
LYS HZ3  H  N N 238 
LYS HXT  H  N N 239 
MET N    N  N N 240 
MET CA   C  N S 241 
MET C    C  N N 242 
MET O    O  N N 243 
MET CB   C  N N 244 
MET CG   C  N N 245 
MET SD   S  N N 246 
MET CE   C  N N 247 
MET OXT  O  N N 248 
MET H    H  N N 249 
MET H2   H  N N 250 
MET HA   H  N N 251 
MET HB2  H  N N 252 
MET HB3  H  N N 253 
MET HG2  H  N N 254 
MET HG3  H  N N 255 
MET HE1  H  N N 256 
MET HE2  H  N N 257 
MET HE3  H  N N 258 
MET HXT  H  N N 259 
PHE N    N  N N 260 
PHE CA   C  N S 261 
PHE C    C  N N 262 
PHE O    O  N N 263 
PHE CB   C  N N 264 
PHE CG   C  Y N 265 
PHE CD1  C  Y N 266 
PHE CD2  C  Y N 267 
PHE CE1  C  Y N 268 
PHE CE2  C  Y N 269 
PHE CZ   C  Y N 270 
PHE OXT  O  N N 271 
PHE H    H  N N 272 
PHE H2   H  N N 273 
PHE HA   H  N N 274 
PHE HB2  H  N N 275 
PHE HB3  H  N N 276 
PHE HD1  H  N N 277 
PHE HD2  H  N N 278 
PHE HE1  H  N N 279 
PHE HE2  H  N N 280 
PHE HZ   H  N N 281 
PHE HXT  H  N N 282 
PRO N    N  N N 283 
PRO CA   C  N S 284 
PRO C    C  N N 285 
PRO O    O  N N 286 
PRO CB   C  N N 287 
PRO CG   C  N N 288 
PRO CD   C  N N 289 
PRO OXT  O  N N 290 
PRO H    H  N N 291 
PRO HA   H  N N 292 
PRO HB2  H  N N 293 
PRO HB3  H  N N 294 
PRO HG2  H  N N 295 
PRO HG3  H  N N 296 
PRO HD2  H  N N 297 
PRO HD3  H  N N 298 
PRO HXT  H  N N 299 
SER N    N  N N 300 
SER CA   C  N S 301 
SER C    C  N N 302 
SER O    O  N N 303 
SER CB   C  N N 304 
SER OG   O  N N 305 
SER OXT  O  N N 306 
SER H    H  N N 307 
SER H2   H  N N 308 
SER HA   H  N N 309 
SER HB2  H  N N 310 
SER HB3  H  N N 311 
SER HG   H  N N 312 
SER HXT  H  N N 313 
THR N    N  N N 314 
THR CA   C  N S 315 
THR C    C  N N 316 
THR O    O  N N 317 
THR CB   C  N R 318 
THR OG1  O  N N 319 
THR CG2  C  N N 320 
THR OXT  O  N N 321 
THR H    H  N N 322 
THR H2   H  N N 323 
THR HA   H  N N 324 
THR HB   H  N N 325 
THR HG1  H  N N 326 
THR HG21 H  N N 327 
THR HG22 H  N N 328 
THR HG23 H  N N 329 
THR HXT  H  N N 330 
TRP N    N  N N 331 
TRP CA   C  N S 332 
TRP C    C  N N 333 
TRP O    O  N N 334 
TRP CB   C  N N 335 
TRP CG   C  Y N 336 
TRP CD1  C  Y N 337 
TRP CD2  C  Y N 338 
TRP NE1  N  Y N 339 
TRP CE2  C  Y N 340 
TRP CE3  C  Y N 341 
TRP CZ2  C  Y N 342 
TRP CZ3  C  Y N 343 
TRP CH2  C  Y N 344 
TRP OXT  O  N N 345 
TRP H    H  N N 346 
TRP H2   H  N N 347 
TRP HA   H  N N 348 
TRP HB2  H  N N 349 
TRP HB3  H  N N 350 
TRP HD1  H  N N 351 
TRP HE1  H  N N 352 
TRP HE3  H  N N 353 
TRP HZ2  H  N N 354 
TRP HZ3  H  N N 355 
TRP HH2  H  N N 356 
TRP HXT  H  N N 357 
TYR N    N  N N 358 
TYR CA   C  N S 359 
TYR C    C  N N 360 
TYR O    O  N N 361 
TYR CB   C  N N 362 
TYR CG   C  Y N 363 
TYR CD1  C  Y N 364 
TYR CD2  C  Y N 365 
TYR CE1  C  Y N 366 
TYR CE2  C  Y N 367 
TYR CZ   C  Y N 368 
TYR OH   O  N N 369 
TYR OXT  O  N N 370 
TYR H    H  N N 371 
TYR H2   H  N N 372 
TYR HA   H  N N 373 
TYR HB2  H  N N 374 
TYR HB3  H  N N 375 
TYR HD1  H  N N 376 
TYR HD2  H  N N 377 
TYR HE1  H  N N 378 
TYR HE2  H  N N 379 
TYR HH   H  N N 380 
TYR HXT  H  N N 381 
VAL N    N  N N 382 
VAL CA   C  N S 383 
VAL C    C  N N 384 
VAL O    O  N N 385 
VAL CB   C  N N 386 
VAL CG1  C  N N 387 
VAL CG2  C  N N 388 
VAL OXT  O  N N 389 
VAL H    H  N N 390 
VAL H2   H  N N 391 
VAL HA   H  N N 392 
VAL HB   H  N N 393 
VAL HG11 H  N N 394 
VAL HG12 H  N N 395 
VAL HG13 H  N N 396 
VAL HG21 H  N N 397 
VAL HG22 H  N N 398 
VAL HG23 H  N N 399 
VAL HXT  H  N N 400 
ZN  ZN   ZN N N 401 
# 
loop_
_chem_comp_bond.comp_id 
_chem_comp_bond.atom_id_1 
_chem_comp_bond.atom_id_2 
_chem_comp_bond.value_order 
_chem_comp_bond.pdbx_aromatic_flag 
_chem_comp_bond.pdbx_stereo_config 
_chem_comp_bond.pdbx_ordinal 
ALA N   CA   sing N N 1   
ALA N   H    sing N N 2   
ALA N   H2   sing N N 3   
ALA CA  C    sing N N 4   
ALA CA  CB   sing N N 5   
ALA CA  HA   sing N N 6   
ALA C   O    doub N N 7   
ALA C   OXT  sing N N 8   
ALA CB  HB1  sing N N 9   
ALA CB  HB2  sing N N 10  
ALA CB  HB3  sing N N 11  
ALA OXT HXT  sing N N 12  
ARG N   CA   sing N N 13  
ARG N   H    sing N N 14  
ARG N   H2   sing N N 15  
ARG CA  C    sing N N 16  
ARG CA  CB   sing N N 17  
ARG CA  HA   sing N N 18  
ARG C   O    doub N N 19  
ARG C   OXT  sing N N 20  
ARG CB  CG   sing N N 21  
ARG CB  HB2  sing N N 22  
ARG CB  HB3  sing N N 23  
ARG CG  CD   sing N N 24  
ARG CG  HG2  sing N N 25  
ARG CG  HG3  sing N N 26  
ARG CD  NE   sing N N 27  
ARG CD  HD2  sing N N 28  
ARG CD  HD3  sing N N 29  
ARG NE  CZ   sing N N 30  
ARG NE  HE   sing N N 31  
ARG CZ  NH1  sing N N 32  
ARG CZ  NH2  doub N N 33  
ARG NH1 HH11 sing N N 34  
ARG NH1 HH12 sing N N 35  
ARG NH2 HH21 sing N N 36  
ARG NH2 HH22 sing N N 37  
ARG OXT HXT  sing N N 38  
ASN N   CA   sing N N 39  
ASN N   H    sing N N 40  
ASN N   H2   sing N N 41  
ASN CA  C    sing N N 42  
ASN CA  CB   sing N N 43  
ASN CA  HA   sing N N 44  
ASN C   O    doub N N 45  
ASN C   OXT  sing N N 46  
ASN CB  CG   sing N N 47  
ASN CB  HB2  sing N N 48  
ASN CB  HB3  sing N N 49  
ASN CG  OD1  doub N N 50  
ASN CG  ND2  sing N N 51  
ASN ND2 HD21 sing N N 52  
ASN ND2 HD22 sing N N 53  
ASN OXT HXT  sing N N 54  
ASP N   CA   sing N N 55  
ASP N   H    sing N N 56  
ASP N   H2   sing N N 57  
ASP CA  C    sing N N 58  
ASP CA  CB   sing N N 59  
ASP CA  HA   sing N N 60  
ASP C   O    doub N N 61  
ASP C   OXT  sing N N 62  
ASP CB  CG   sing N N 63  
ASP CB  HB2  sing N N 64  
ASP CB  HB3  sing N N 65  
ASP CG  OD1  doub N N 66  
ASP CG  OD2  sing N N 67  
ASP OD2 HD2  sing N N 68  
ASP OXT HXT  sing N N 69  
CYS N   CA   sing N N 70  
CYS N   H    sing N N 71  
CYS N   H2   sing N N 72  
CYS CA  C    sing N N 73  
CYS CA  CB   sing N N 74  
CYS CA  HA   sing N N 75  
CYS C   O    doub N N 76  
CYS C   OXT  sing N N 77  
CYS CB  SG   sing N N 78  
CYS CB  HB2  sing N N 79  
CYS CB  HB3  sing N N 80  
CYS SG  HG   sing N N 81  
CYS OXT HXT  sing N N 82  
EDO C1  O1   sing N N 83  
EDO C1  C2   sing N N 84  
EDO C1  H11  sing N N 85  
EDO C1  H12  sing N N 86  
EDO O1  HO1  sing N N 87  
EDO C2  O2   sing N N 88  
EDO C2  H21  sing N N 89  
EDO C2  H22  sing N N 90  
EDO O2  HO2  sing N N 91  
GLN N   CA   sing N N 92  
GLN N   H    sing N N 93  
GLN N   H2   sing N N 94  
GLN CA  C    sing N N 95  
GLN CA  CB   sing N N 96  
GLN CA  HA   sing N N 97  
GLN C   O    doub N N 98  
GLN C   OXT  sing N N 99  
GLN CB  CG   sing N N 100 
GLN CB  HB2  sing N N 101 
GLN CB  HB3  sing N N 102 
GLN CG  CD   sing N N 103 
GLN CG  HG2  sing N N 104 
GLN CG  HG3  sing N N 105 
GLN CD  OE1  doub N N 106 
GLN CD  NE2  sing N N 107 
GLN NE2 HE21 sing N N 108 
GLN NE2 HE22 sing N N 109 
GLN OXT HXT  sing N N 110 
GLU N   CA   sing N N 111 
GLU N   H    sing N N 112 
GLU N   H2   sing N N 113 
GLU CA  C    sing N N 114 
GLU CA  CB   sing N N 115 
GLU CA  HA   sing N N 116 
GLU C   O    doub N N 117 
GLU C   OXT  sing N N 118 
GLU CB  CG   sing N N 119 
GLU CB  HB2  sing N N 120 
GLU CB  HB3  sing N N 121 
GLU CG  CD   sing N N 122 
GLU CG  HG2  sing N N 123 
GLU CG  HG3  sing N N 124 
GLU CD  OE1  doub N N 125 
GLU CD  OE2  sing N N 126 
GLU OE2 HE2  sing N N 127 
GLU OXT HXT  sing N N 128 
GLY N   CA   sing N N 129 
GLY N   H    sing N N 130 
GLY N   H2   sing N N 131 
GLY CA  C    sing N N 132 
GLY CA  HA2  sing N N 133 
GLY CA  HA3  sing N N 134 
GLY C   O    doub N N 135 
GLY C   OXT  sing N N 136 
GLY OXT HXT  sing N N 137 
HIS N   CA   sing N N 138 
HIS N   H    sing N N 139 
HIS N   H2   sing N N 140 
HIS CA  C    sing N N 141 
HIS CA  CB   sing N N 142 
HIS CA  HA   sing N N 143 
HIS C   O    doub N N 144 
HIS C   OXT  sing N N 145 
HIS CB  CG   sing N N 146 
HIS CB  HB2  sing N N 147 
HIS CB  HB3  sing N N 148 
HIS CG  ND1  sing Y N 149 
HIS CG  CD2  doub Y N 150 
HIS ND1 CE1  doub Y N 151 
HIS ND1 HD1  sing N N 152 
HIS CD2 NE2  sing Y N 153 
HIS CD2 HD2  sing N N 154 
HIS CE1 NE2  sing Y N 155 
HIS CE1 HE1  sing N N 156 
HIS NE2 HE2  sing N N 157 
HIS OXT HXT  sing N N 158 
HOH O   H1   sing N N 159 
HOH O   H2   sing N N 160 
ILE N   CA   sing N N 161 
ILE N   H    sing N N 162 
ILE N   H2   sing N N 163 
ILE CA  C    sing N N 164 
ILE CA  CB   sing N N 165 
ILE CA  HA   sing N N 166 
ILE C   O    doub N N 167 
ILE C   OXT  sing N N 168 
ILE CB  CG1  sing N N 169 
ILE CB  CG2  sing N N 170 
ILE CB  HB   sing N N 171 
ILE CG1 CD1  sing N N 172 
ILE CG1 HG12 sing N N 173 
ILE CG1 HG13 sing N N 174 
ILE CG2 HG21 sing N N 175 
ILE CG2 HG22 sing N N 176 
ILE CG2 HG23 sing N N 177 
ILE CD1 HD11 sing N N 178 
ILE CD1 HD12 sing N N 179 
ILE CD1 HD13 sing N N 180 
ILE OXT HXT  sing N N 181 
LEU N   CA   sing N N 182 
LEU N   H    sing N N 183 
LEU N   H2   sing N N 184 
LEU CA  C    sing N N 185 
LEU CA  CB   sing N N 186 
LEU CA  HA   sing N N 187 
LEU C   O    doub N N 188 
LEU C   OXT  sing N N 189 
LEU CB  CG   sing N N 190 
LEU CB  HB2  sing N N 191 
LEU CB  HB3  sing N N 192 
LEU CG  CD1  sing N N 193 
LEU CG  CD2  sing N N 194 
LEU CG  HG   sing N N 195 
LEU CD1 HD11 sing N N 196 
LEU CD1 HD12 sing N N 197 
LEU CD1 HD13 sing N N 198 
LEU CD2 HD21 sing N N 199 
LEU CD2 HD22 sing N N 200 
LEU CD2 HD23 sing N N 201 
LEU OXT HXT  sing N N 202 
LYS N   CA   sing N N 203 
LYS N   H    sing N N 204 
LYS N   H2   sing N N 205 
LYS CA  C    sing N N 206 
LYS CA  CB   sing N N 207 
LYS CA  HA   sing N N 208 
LYS C   O    doub N N 209 
LYS C   OXT  sing N N 210 
LYS CB  CG   sing N N 211 
LYS CB  HB2  sing N N 212 
LYS CB  HB3  sing N N 213 
LYS CG  CD   sing N N 214 
LYS CG  HG2  sing N N 215 
LYS CG  HG3  sing N N 216 
LYS CD  CE   sing N N 217 
LYS CD  HD2  sing N N 218 
LYS CD  HD3  sing N N 219 
LYS CE  NZ   sing N N 220 
LYS CE  HE2  sing N N 221 
LYS CE  HE3  sing N N 222 
LYS NZ  HZ1  sing N N 223 
LYS NZ  HZ2  sing N N 224 
LYS NZ  HZ3  sing N N 225 
LYS OXT HXT  sing N N 226 
MET N   CA   sing N N 227 
MET N   H    sing N N 228 
MET N   H2   sing N N 229 
MET CA  C    sing N N 230 
MET CA  CB   sing N N 231 
MET CA  HA   sing N N 232 
MET C   O    doub N N 233 
MET C   OXT  sing N N 234 
MET CB  CG   sing N N 235 
MET CB  HB2  sing N N 236 
MET CB  HB3  sing N N 237 
MET CG  SD   sing N N 238 
MET CG  HG2  sing N N 239 
MET CG  HG3  sing N N 240 
MET SD  CE   sing N N 241 
MET CE  HE1  sing N N 242 
MET CE  HE2  sing N N 243 
MET CE  HE3  sing N N 244 
MET OXT HXT  sing N N 245 
PHE N   CA   sing N N 246 
PHE N   H    sing N N 247 
PHE N   H2   sing N N 248 
PHE CA  C    sing N N 249 
PHE CA  CB   sing N N 250 
PHE CA  HA   sing N N 251 
PHE C   O    doub N N 252 
PHE C   OXT  sing N N 253 
PHE CB  CG   sing N N 254 
PHE CB  HB2  sing N N 255 
PHE CB  HB3  sing N N 256 
PHE CG  CD1  doub Y N 257 
PHE CG  CD2  sing Y N 258 
PHE CD1 CE1  sing Y N 259 
PHE CD1 HD1  sing N N 260 
PHE CD2 CE2  doub Y N 261 
PHE CD2 HD2  sing N N 262 
PHE CE1 CZ   doub Y N 263 
PHE CE1 HE1  sing N N 264 
PHE CE2 CZ   sing Y N 265 
PHE CE2 HE2  sing N N 266 
PHE CZ  HZ   sing N N 267 
PHE OXT HXT  sing N N 268 
PRO N   CA   sing N N 269 
PRO N   CD   sing N N 270 
PRO N   H    sing N N 271 
PRO CA  C    sing N N 272 
PRO CA  CB   sing N N 273 
PRO CA  HA   sing N N 274 
PRO C   O    doub N N 275 
PRO C   OXT  sing N N 276 
PRO CB  CG   sing N N 277 
PRO CB  HB2  sing N N 278 
PRO CB  HB3  sing N N 279 
PRO CG  CD   sing N N 280 
PRO CG  HG2  sing N N 281 
PRO CG  HG3  sing N N 282 
PRO CD  HD2  sing N N 283 
PRO CD  HD3  sing N N 284 
PRO OXT HXT  sing N N 285 
SER N   CA   sing N N 286 
SER N   H    sing N N 287 
SER N   H2   sing N N 288 
SER CA  C    sing N N 289 
SER CA  CB   sing N N 290 
SER CA  HA   sing N N 291 
SER C   O    doub N N 292 
SER C   OXT  sing N N 293 
SER CB  OG   sing N N 294 
SER CB  HB2  sing N N 295 
SER CB  HB3  sing N N 296 
SER OG  HG   sing N N 297 
SER OXT HXT  sing N N 298 
THR N   CA   sing N N 299 
THR N   H    sing N N 300 
THR N   H2   sing N N 301 
THR CA  C    sing N N 302 
THR CA  CB   sing N N 303 
THR CA  HA   sing N N 304 
THR C   O    doub N N 305 
THR C   OXT  sing N N 306 
THR CB  OG1  sing N N 307 
THR CB  CG2  sing N N 308 
THR CB  HB   sing N N 309 
THR OG1 HG1  sing N N 310 
THR CG2 HG21 sing N N 311 
THR CG2 HG22 sing N N 312 
THR CG2 HG23 sing N N 313 
THR OXT HXT  sing N N 314 
TRP N   CA   sing N N 315 
TRP N   H    sing N N 316 
TRP N   H2   sing N N 317 
TRP CA  C    sing N N 318 
TRP CA  CB   sing N N 319 
TRP CA  HA   sing N N 320 
TRP C   O    doub N N 321 
TRP C   OXT  sing N N 322 
TRP CB  CG   sing N N 323 
TRP CB  HB2  sing N N 324 
TRP CB  HB3  sing N N 325 
TRP CG  CD1  doub Y N 326 
TRP CG  CD2  sing Y N 327 
TRP CD1 NE1  sing Y N 328 
TRP CD1 HD1  sing N N 329 
TRP CD2 CE2  doub Y N 330 
TRP CD2 CE3  sing Y N 331 
TRP NE1 CE2  sing Y N 332 
TRP NE1 HE1  sing N N 333 
TRP CE2 CZ2  sing Y N 334 
TRP CE3 CZ3  doub Y N 335 
TRP CE3 HE3  sing N N 336 
TRP CZ2 CH2  doub Y N 337 
TRP CZ2 HZ2  sing N N 338 
TRP CZ3 CH2  sing Y N 339 
TRP CZ3 HZ3  sing N N 340 
TRP CH2 HH2  sing N N 341 
TRP OXT HXT  sing N N 342 
TYR N   CA   sing N N 343 
TYR N   H    sing N N 344 
TYR N   H2   sing N N 345 
TYR CA  C    sing N N 346 
TYR CA  CB   sing N N 347 
TYR CA  HA   sing N N 348 
TYR C   O    doub N N 349 
TYR C   OXT  sing N N 350 
TYR CB  CG   sing N N 351 
TYR CB  HB2  sing N N 352 
TYR CB  HB3  sing N N 353 
TYR CG  CD1  doub Y N 354 
TYR CG  CD2  sing Y N 355 
TYR CD1 CE1  sing Y N 356 
TYR CD1 HD1  sing N N 357 
TYR CD2 CE2  doub Y N 358 
TYR CD2 HD2  sing N N 359 
TYR CE1 CZ   doub Y N 360 
TYR CE1 HE1  sing N N 361 
TYR CE2 CZ   sing Y N 362 
TYR CE2 HE2  sing N N 363 
TYR CZ  OH   sing N N 364 
TYR OH  HH   sing N N 365 
TYR OXT HXT  sing N N 366 
VAL N   CA   sing N N 367 
VAL N   H    sing N N 368 
VAL N   H2   sing N N 369 
VAL CA  C    sing N N 370 
VAL CA  CB   sing N N 371 
VAL CA  HA   sing N N 372 
VAL C   O    doub N N 373 
VAL C   OXT  sing N N 374 
VAL CB  CG1  sing N N 375 
VAL CB  CG2  sing N N 376 
VAL CB  HB   sing N N 377 
VAL CG1 HG11 sing N N 378 
VAL CG1 HG12 sing N N 379 
VAL CG1 HG13 sing N N 380 
VAL CG2 HG21 sing N N 381 
VAL CG2 HG22 sing N N 382 
VAL CG2 HG23 sing N N 383 
VAL OXT HXT  sing N N 384 
# 
_atom_sites.entry_id                    3T7L 
_atom_sites.fract_transf_matrix[1][1]   -0.02224754 
_atom_sites.fract_transf_matrix[1][2]   -0.00600825 
_atom_sites.fract_transf_matrix[1][3]   0.00334451 
_atom_sites.fract_transf_matrix[2][1]   0.00020792 
_atom_sites.fract_transf_matrix[2][2]   -0.01190834 
_atom_sites.fract_transf_matrix[2][3]   -0.02000965 
_atom_sites.fract_transf_matrix[3][1]   0.00383923 
_atom_sites.fract_transf_matrix[3][2]   -0.01066178 
_atom_sites.fract_transf_matrix[3][3]   0.00638504 
_atom_sites.fract_transf_vector[1]      0.481524 
_atom_sites.fract_transf_vector[2]      -0.095199 
_atom_sites.fract_transf_vector[3]      0.380933 
# 
loop_
_atom_type.symbol 
C  
N  
O  
S  
ZN 
# 
loop_
_atom_site.group_PDB 
_atom_site.id 
_atom_site.type_symbol 
_atom_site.label_atom_id 
_atom_site.label_alt_id 
_atom_site.label_comp_id 
_atom_site.label_asym_id 
_atom_site.label_entity_id 
_atom_site.label_seq_id 
_atom_site.pdbx_PDB_ins_code 
_atom_site.Cartn_x 
_atom_site.Cartn_y 
_atom_site.Cartn_z 
_atom_site.occupancy 
_atom_site.B_iso_or_equiv 
_atom_site.pdbx_formal_charge 
_atom_site.auth_seq_id 
_atom_site.auth_comp_id 
_atom_site.auth_asym_id 
_atom_site.auth_atom_id 
_atom_site.pdbx_PDB_model_num 
ATOM   1   N  N   . LEU A 1 5  ? 0.862   -6.487  -12.975 1.00 63.02 ? 735 LEU A N   1 
ATOM   2   C  CA  . LEU A 1 5  ? 1.870   -5.418  -12.753 1.00 50.66 ? 735 LEU A CA  1 
ATOM   3   C  C   . LEU A 1 5  ? 3.216   -6.010  -12.327 1.00 44.41 ? 735 LEU A C   1 
ATOM   4   O  O   . LEU A 1 5  ? 3.264   -6.913  -11.491 1.00 48.19 ? 735 LEU A O   1 
ATOM   5   C  CB  . LEU A 1 5  ? 1.381   -4.430  -11.672 1.00 44.75 ? 735 LEU A CB  1 
ATOM   6   N  N   . VAL A 1 6  ? 4.305   -5.521  -12.930 1.00 33.07 ? 736 VAL A N   1 
ATOM   7   C  CA  . VAL A 1 6  ? 5.626   -5.618  -12.302 1.00 27.70 ? 736 VAL A CA  1 
ATOM   8   C  C   . VAL A 1 6  ? 5.608   -4.492  -11.261 1.00 21.02 ? 736 VAL A C   1 
ATOM   9   O  O   . VAL A 1 6  ? 5.339   -3.341  -11.614 1.00 20.39 ? 736 VAL A O   1 
ATOM   10  C  CB  . VAL A 1 6  ? 6.773   -5.418  -13.321 1.00 25.10 ? 736 VAL A CB  1 
ATOM   11  C  CG1 . VAL A 1 6  ? 8.117   -5.273  -12.597 1.00 24.29 ? 736 VAL A CG1 1 
ATOM   12  C  CG2 . VAL A 1 6  ? 6.811   -6.571  -14.322 1.00 29.00 ? 736 VAL A CG2 1 
ATOM   13  N  N   . LEU A 1 7  ? 5.823   -4.823  -9.973  1.00 25.35 ? 737 LEU A N   1 
ATOM   14  C  CA  . LEU A 1 7  ? 5.628   -3.839  -8.907  1.00 23.44 ? 737 LEU A CA  1 
ATOM   15  C  C   . LEU A 1 7  ? 6.536   -2.647  -9.094  1.00 20.85 ? 737 LEU A C   1 
ATOM   16  O  O   . LEU A 1 7  ? 7.761   -2.795  -9.254  1.00 22.48 ? 737 LEU A O   1 
ATOM   17  C  CB  . LEU A 1 7  ? 5.845   -4.435  -7.517  1.00 26.45 ? 737 LEU A CB  1 
ATOM   18  C  CG  . LEU A 1 7  ? 4.759   -5.392  -7.037  1.00 28.31 ? 737 LEU A CG  1 
ATOM   19  C  CD1 . LEU A 1 7  ? 5.139   -5.927  -5.627  1.00 30.44 ? 737 LEU A CD1 1 
ATOM   20  C  CD2 . LEU A 1 7  ? 3.385   -4.709  -6.973  1.00 24.43 ? 737 LEU A CD2 1 
ATOM   21  N  N   . GLY A 1 8  ? 5.922   -1.475  -9.111  1.00 17.51 ? 738 GLY A N   1 
ATOM   22  C  CA  . GLY A 1 8  ? 6.615   -0.239  -9.296  1.00 18.52 ? 738 GLY A CA  1 
ATOM   23  C  C   . GLY A 1 8  ? 6.711   0.210   -10.729 1.00 16.77 ? 738 GLY A C   1 
ATOM   24  O  O   . GLY A 1 8  ? 7.076   1.338   -10.988 1.00 20.33 ? 738 GLY A O   1 
ATOM   25  N  N   . GLN A 1 9  ? 6.391   -0.684  -11.673 1.00 15.68 ? 739 GLN A N   1 
ATOM   26  C  CA  . GLN A 1 9  ? 6.565   -0.377  -13.089 1.00 16.64 ? 739 GLN A CA  1 
ATOM   27  C  C   . GLN A 1 9  ? 5.425   0.420   -13.700 1.00 16.02 ? 739 GLN A C   1 
ATOM   28  O  O   . GLN A 1 9  ? 5.637   1.191   -14.646 1.00 18.14 ? 739 GLN A O   1 
ATOM   29  C  CB  . GLN A 1 9  ? 6.853   -1.648  -13.886 1.00 17.37 ? 739 GLN A CB  1 
ATOM   30  C  CG  . GLN A 1 9  ? 7.262   -1.422  -15.306 1.00 18.13 ? 739 GLN A CG  1 
ATOM   31  C  CD  . GLN A 1 9  ? 7.879   -2.676  -15.890 1.00 17.87 ? 739 GLN A CD  1 
ATOM   32  O  OE1 . GLN A 1 9  ? 8.916   -3.141  -15.406 1.00 18.98 ? 739 GLN A OE1 1 
ATOM   33  N  NE2 . GLN A 1 9  ? 7.277   -3.216  -16.941 1.00 20.18 ? 739 GLN A NE2 1 
ATOM   34  N  N   . LYS A 1 10 ? 4.220   0.223   -13.182 1.00 16.44 ? 740 LYS A N   1 
ATOM   35  C  CA  . LYS A 1 10 ? 3.073   0.942   -13.643 1.00 18.66 ? 740 LYS A CA  1 
ATOM   36  C  C   . LYS A 1 10 ? 2.124   1.143   -12.493 1.00 16.56 ? 740 LYS A C   1 
ATOM   37  O  O   . LYS A 1 10 ? 2.116   0.388   -11.506 1.00 15.54 ? 740 LYS A O   1 
ATOM   38  C  CB  . LYS A 1 10 ? 2.363   0.219   -14.779 1.00 24.06 ? 740 LYS A CB  1 
ATOM   39  C  CG  . LYS A 1 10 ? 1.797   -1.142  -14.460 1.00 29.21 ? 740 LYS A CG  1 
ATOM   40  C  CD  . LYS A 1 10 ? 0.817   -1.619  -15.582 1.00 41.94 ? 740 LYS A CD  1 
ATOM   41  C  CE  . LYS A 1 10 ? -0.384  -0.665  -15.751 1.00 51.06 ? 740 LYS A CE  1 
ATOM   42  N  NZ  . LYS A 1 10 ? -1.615  -1.316  -16.328 1.00 58.67 ? 740 LYS A NZ  1 
ATOM   43  N  N   . GLN A 1 11 ? 1.346   2.195   -12.602 1.00 13.19 ? 741 GLN A N   1 
ATOM   44  C  CA  A GLN A 1 11 ? 0.388   2.544   -11.554 0.50 12.87 ? 741 GLN A CA  1 
ATOM   45  C  CA  B GLN A 1 11 ? 0.403   2.518   -11.563 0.50 12.59 ? 741 GLN A CA  1 
ATOM   46  C  C   . GLN A 1 11 ? -0.634  1.403   -11.429 1.00 11.50 ? 741 GLN A C   1 
ATOM   47  O  O   . GLN A 1 11 ? -1.219  0.981   -12.411 1.00 12.23 ? 741 GLN A O   1 
ATOM   48  C  CB  A GLN A 1 11 ? -0.313  3.886   -11.878 0.50 15.81 ? 741 GLN A CB  1 
ATOM   49  C  CB  B GLN A 1 11 ? -0.292  3.800   -11.921 0.50 14.59 ? 741 GLN A CB  1 
ATOM   50  C  CG  A GLN A 1 11 ? -1.291  4.406   -10.772 0.50 17.48 ? 741 GLN A CG  1 
ATOM   51  C  CG  B GLN A 1 11 ? -1.221  4.285   -10.865 0.50 15.45 ? 741 GLN A CG  1 
ATOM   52  C  CD  A GLN A 1 11 ? -1.813  5.843   -11.008 0.50 18.30 ? 741 GLN A CD  1 
ATOM   53  C  CD  B GLN A 1 11 ? -1.661  5.655   -11.156 0.50 14.74 ? 741 GLN A CD  1 
ATOM   54  O  OE1 A GLN A 1 11 ? -1.047  6.772   -11.301 0.50 21.70 ? 741 GLN A OE1 1 
ATOM   55  O  OE1 B GLN A 1 11 ? -1.650  6.524   -10.295 0.50 16.68 ? 741 GLN A OE1 1 
ATOM   56  N  NE2 A GLN A 1 11 ? -3.128  6.024   -10.876 0.50 18.25 ? 741 GLN A NE2 1 
ATOM   57  N  NE2 B GLN A 1 11 ? -2.005  5.900   -12.412 0.50 17.77 ? 741 GLN A NE2 1 
ATOM   58  N  N   . PRO A 1 12 ? -0.887  0.924   -10.215 1.00 9.86  ? 742 PRO A N   1 
ATOM   59  C  CA  . PRO A 1 12 ? -1.903  -0.128  -10.025 1.00 9.42  ? 742 PRO A CA  1 
ATOM   60  C  C   . PRO A 1 12 ? -3.313  0.455   -10.018 1.00 8.55  ? 742 PRO A C   1 
ATOM   61  O  O   . PRO A 1 12 ? -3.463  1.649   -9.780  1.00 9.49  ? 742 PRO A O   1 
ATOM   62  C  CB  . PRO A 1 12 ? -1.560  -0.658  -8.638  1.00 9.86  ? 742 PRO A CB  1 
ATOM   63  C  CG  . PRO A 1 12 ? -1.043  0.565   -7.934  1.00 9.65  ? 742 PRO A CG  1 
ATOM   64  C  CD  . PRO A 1 12 ? -0.212  1.295   -8.963  1.00 10.09 ? 742 PRO A CD  1 
ATOM   65  N  N   . THR A 1 13 ? -4.311  -0.394  -10.196 1.00 8.05  ? 743 THR A N   1 
ATOM   66  C  CA  . THR A 1 13 ? -5.677  -0.049  -9.845  1.00 7.57  ? 743 THR A CA  1 
ATOM   67  C  C   . THR A 1 13 ? -5.792  0.120   -8.354  1.00 7.69  ? 743 THR A C   1 
ATOM   68  O  O   . THR A 1 13 ? -5.417  -0.777  -7.606  1.00 8.15  ? 743 THR A O   1 
ATOM   69  C  CB  . THR A 1 13 ? -6.628  -1.158  -10.304 1.00 8.74  ? 743 THR A CB  1 
ATOM   70  O  OG1 . THR A 1 13 ? -6.663  -1.210  -11.740 1.00 10.36 ? 743 THR A OG1 1 
ATOM   71  C  CG2 . THR A 1 13 ? -8.023  -0.962  -9.756  1.00 11.35 ? 743 THR A CG2 1 
ATOM   72  N  N   . TRP A 1 14 ? -6.302  1.257   -7.898  1.00 6.70  ? 744 TRP A N   1 
ATOM   73  C  CA  . TRP A 1 14 ? -6.579  1.492   -6.489  1.00 7.66  ? 744 TRP A CA  1 
ATOM   74  C  C   . TRP A 1 14 ? -7.964  0.977   -6.154  1.00 7.42  ? 744 TRP A C   1 
ATOM   75  O  O   . TRP A 1 14 ? -8.946  1.363   -6.777  1.00 8.70  ? 744 TRP A O   1 
ATOM   76  C  CB  . TRP A 1 14 ? -6.506  2.963   -6.150  1.00 7.76  ? 744 TRP A CB  1 
ATOM   77  C  CG  . TRP A 1 14 ? -5.137  3.534   -5.970  1.00 7.34  ? 744 TRP A CG  1 
ATOM   78  C  CD1 . TRP A 1 14 ? -4.018  3.294   -6.718  1.00 9.27  ? 744 TRP A CD1 1 
ATOM   79  C  CD2 . TRP A 1 14 ? -4.777  4.544   -5.031  1.00 8.50  ? 744 TRP A CD2 1 
ATOM   80  N  NE1 . TRP A 1 14 ? -2.955  4.055   -6.243  1.00 9.56  ? 744 TRP A NE1 1 
ATOM   81  C  CE2 . TRP A 1 14 ? -3.427  4.827   -5.213  1.00 9.13  ? 744 TRP A CE2 1 
ATOM   82  C  CE3 . TRP A 1 14 ? -5.488  5.242   -4.057  1.00 8.05  ? 744 TRP A CE3 1 
ATOM   83  C  CZ2 . TRP A 1 14 ? -2.772  5.795   -4.452  1.00 9.95  ? 744 TRP A CZ2 1 
ATOM   84  C  CZ3 . TRP A 1 14 ? -4.825  6.195   -3.323  1.00 9.74  ? 744 TRP A CZ3 1 
ATOM   85  C  CH2 . TRP A 1 14 ? -3.497  6.436   -3.522  1.00 9.99  ? 744 TRP A CH2 1 
ATOM   86  N  N   . VAL A 1 15 ? -8.081  0.151   -5.127  1.00 7.07  ? 745 VAL A N   1 
ATOM   87  C  CA  . VAL A 1 15 ? -9.418  -0.280  -4.673  1.00 7.51  ? 745 VAL A CA  1 
ATOM   88  C  C   . VAL A 1 15 ? -10.126 0.926   -4.039  1.00 8.15  ? 745 VAL A C   1 
ATOM   89  O  O   . VAL A 1 15 ? -9.575  1.500   -3.114  1.00 9.10  ? 745 VAL A O   1 
ATOM   90  C  CB  . VAL A 1 15 ? -9.326  -1.440  -3.681  1.00 7.51  ? 745 VAL A CB  1 
ATOM   91  C  CG1 . VAL A 1 15 ? -10.691 -1.798  -3.134  1.00 9.50  ? 745 VAL A CG1 1 
ATOM   92  C  CG2 . VAL A 1 15 ? -8.639  -2.651  -4.289  1.00 9.22  ? 745 VAL A CG2 1 
ATOM   93  N  N   . PRO A 1 16 ? -11.313 1.291   -4.466  1.00 8.66  ? 746 PRO A N   1 
ATOM   94  C  CA  . PRO A 1 16 ? -11.971 2.455   -3.818  1.00 10.10 ? 746 PRO A CA  1 
ATOM   95  C  C   . PRO A 1 16 ? -12.234 2.181   -2.353  1.00 10.43 ? 746 PRO A C   1 
ATOM   96  O  O   . PRO A 1 16 ? -12.546 1.045   -1.945  1.00 9.75  ? 746 PRO A O   1 
ATOM   97  C  CB  . PRO A 1 16 ? -13.266 2.589   -4.588  1.00 12.48 ? 746 PRO A CB  1 
ATOM   98  C  CG  . PRO A 1 16 ? -12.913 2.051   -5.979  1.00 12.97 ? 746 PRO A CG  1 
ATOM   99  C  CD  . PRO A 1 16 ? -12.050 0.852   -5.654  1.00 10.16 ? 746 PRO A CD  1 
ATOM   100 N  N   . ASP A 1 17 ? -12.124 3.220   -1.513  1.00 11.43 ? 747 ASP A N   1 
ATOM   101 C  CA  . ASP A 1 17 ? -12.367 3.094   -0.071  1.00 11.19 ? 747 ASP A CA  1 
ATOM   102 C  C   . ASP A 1 17 ? -13.743 2.502   0.205   1.00 11.77 ? 747 ASP A C   1 
ATOM   103 O  O   . ASP A 1 17 ? -13.892 1.716   1.172   1.00 12.47 ? 747 ASP A O   1 
ATOM   104 C  CB  . ASP A 1 17 ? -12.300 4.454   0.635   1.00 11.66 ? 747 ASP A CB  1 
ATOM   105 C  CG  . ASP A 1 17 ? -10.916 5.044   0.710   1.00 14.63 ? 747 ASP A CG  1 
ATOM   106 O  OD1 . ASP A 1 17 ? -9.918  4.393   0.464   1.00 15.43 ? 747 ASP A OD1 1 
ATOM   107 O  OD2 . ASP A 1 17 ? -10.860 6.257   1.124   1.00 21.07 ? 747 ASP A OD2 1 
ATOM   108 N  N   . SER A 1 18 ? -14.730 2.832   -0.612  1.00 12.26 ? 748 SER A N   1 
ATOM   109 C  CA  . SER A 1 18 ? -16.066 2.272   -0.498  1.00 14.31 ? 748 SER A CA  1 
ATOM   110 C  C   . SER A 1 18 ? -16.161 0.758   -0.637  1.00 14.08 ? 748 SER A C   1 
ATOM   111 O  O   . SER A 1 18 ? -17.169 0.165   -0.236  1.00 17.63 ? 748 SER A O   1 
ATOM   112 C  CB  . SER A 1 18 ? -16.997 2.954   -1.519  1.00 16.28 ? 748 SER A CB  1 
ATOM   113 O  OG  . SER A 1 18 ? -16.562 2.723   -2.863  1.00 17.10 ? 748 SER A OG  1 
ATOM   114 N  N   A GLU A 1 19 ? -15.127 0.144   -1.222  0.50 11.20 ? 749 GLU A N   1 
ATOM   115 N  N   B GLU A 1 19 ? -15.143 0.125   -1.180  0.50 11.61 ? 749 GLU A N   1 
ATOM   116 C  CA  A GLU A 1 19 ? -14.994 -1.311  -1.413  0.50 11.39 ? 749 GLU A CA  1 
ATOM   117 C  CA  B GLU A 1 19 ? -15.160 -1.297  -1.372  0.50 13.02 ? 749 GLU A CA  1 
ATOM   118 C  C   A GLU A 1 19 ? -13.934 -1.953  -0.517  0.50 11.35 ? 749 GLU A C   1 
ATOM   119 C  C   B GLU A 1 19 ? -14.278 -2.014  -0.345  0.50 13.21 ? 749 GLU A C   1 
ATOM   120 O  O   A GLU A 1 19 ? -13.394 -3.005  -0.856  0.50 10.31 ? 749 GLU A O   1 
ATOM   121 O  O   B GLU A 1 19 ? -14.316 -3.236  -0.269  0.50 13.11 ? 749 GLU A O   1 
ATOM   122 C  CB  A GLU A 1 19 ? -14.557 -1.622  -2.860  0.50 12.40 ? 749 GLU A CB  1 
ATOM   123 C  CB  B GLU A 1 19 ? -14.739 -1.633  -2.824  0.50 15.62 ? 749 GLU A CB  1 
ATOM   124 C  CG  A GLU A 1 19 ? -15.533 -1.311  -3.923  0.50 14.31 ? 749 GLU A CG  1 
ATOM   125 C  CG  B GLU A 1 19 ? -15.708 -1.087  -3.864  0.50 20.01 ? 749 GLU A CG  1 
ATOM   126 C  CD  A GLU A 1 19 ? -15.029 -1.739  -5.293  0.50 17.62 ? 749 GLU A CD  1 
ATOM   127 C  CD  B GLU A 1 19 ? -15.289 -1.374  -5.308  0.50 20.74 ? 749 GLU A CD  1 
ATOM   128 O  OE1 A GLU A 1 19 ? -14.269 -2.743  -5.348  0.50 21.20 ? 749 GLU A OE1 1 
ATOM   129 O  OE1 B GLU A 1 19 ? -14.323 -2.137  -5.527  0.50 28.26 ? 749 GLU A OE1 1 
ATOM   130 O  OE2 A GLU A 1 19 ? -15.385 -1.079  -6.272  0.50 24.84 ? 749 GLU A OE2 1 
ATOM   131 O  OE2 B GLU A 1 19 ? -15.945 -0.835  -6.215  0.50 33.66 ? 749 GLU A OE2 1 
ATOM   132 N  N   A ALA A 1 20 ? -13.644 -1.353  0.635   0.50 8.88  ? 750 ALA A N   1 
ATOM   133 N  N   B ALA A 1 20 ? -13.527 -1.248  0.471   0.50 11.00 ? 750 ALA A N   1 
ATOM   134 C  CA  A ALA A 1 20 ? -12.471 -1.745  1.411   0.50 8.98  ? 750 ALA A CA  1 
ATOM   135 C  CA  B ALA A 1 20 ? -12.505 -1.799  1.375   0.50 10.43 ? 750 ALA A CA  1 
ATOM   136 C  C   A ALA A 1 20 ? -12.745 -1.643  2.889   0.50 8.20  ? 750 ALA A C   1 
ATOM   137 C  C   B ALA A 1 20 ? -12.846 -1.616  2.868   0.50 9.43  ? 750 ALA A C   1 
ATOM   138 O  O   A ALA A 1 20 ? -12.219 -0.720  3.528   0.50 7.20  ? 750 ALA A O   1 
ATOM   139 O  O   B ALA A 1 20 ? -12.478 -0.625  3.491   0.50 10.72 ? 750 ALA A O   1 
ATOM   140 C  CB  A ALA A 1 20 ? -11.298 -0.823  1.046   0.50 8.59  ? 750 ALA A CB  1 
ATOM   141 C  CB  B ALA A 1 20 ? -11.196 -1.152  1.060   0.50 11.63 ? 750 ALA A CB  1 
ATOM   142 N  N   . PRO A 1 21 ? -13.545 -2.559  3.445   1.00 8.86  ? 751 PRO A N   1 
ATOM   143 C  CA  . PRO A 1 21 ? -13.917 -2.454  4.827   1.00 9.27  ? 751 PRO A CA  1 
ATOM   144 C  C   . PRO A 1 21 ? -12.801 -2.846  5.835   1.00 7.93  ? 751 PRO A C   1 
ATOM   145 O  O   . PRO A 1 21 ? -12.891 -2.483  7.018   1.00 7.59  ? 751 PRO A O   1 
ATOM   146 C  CB  . PRO A 1 21 ? -15.105 -3.415  4.922   1.00 11.29 ? 751 PRO A CB  1 
ATOM   147 C  CG  . PRO A 1 21 ? -14.889 -4.365  3.879   1.00 12.46 ? 751 PRO A CG  1 
ATOM   148 C  CD  . PRO A 1 21 ? -14.314 -3.614  2.772   1.00 10.47 ? 751 PRO A CD  1 
ATOM   149 N  N   . ASN A 1 22 ? -11.818 -3.617  5.392   1.00 7.08  ? 752 ASN A N   1 
ATOM   150 C  CA  . ASN A 1 22 ? -10.779 -4.185  6.265   1.00 6.99  ? 752 ASN A CA  1 
ATOM   151 C  C   . ASN A 1 22 ? -9.409  -4.101  5.639   1.00 6.03  ? 752 ASN A C   1 
ATOM   152 O  O   . ASN A 1 22 ? -9.244  -4.139  4.405   1.00 7.37  ? 752 ASN A O   1 
ATOM   153 C  CB  . ASN A 1 22 ? -11.086 -5.677  6.551   1.00 8.34  ? 752 ASN A CB  1 
ATOM   154 C  CG  . ASN A 1 22 ? -12.347 -5.899  7.311   1.00 8.91  ? 752 ASN A CG  1 
ATOM   155 O  OD1 . ASN A 1 22 ? -13.439 -5.791  6.739   1.00 10.81 ? 752 ASN A OD1 1 
ATOM   156 N  ND2 . ASN A 1 22 ? -12.242 -6.251  8.582   1.00 8.26  ? 752 ASN A ND2 1 
ATOM   157 N  N   . CYS A 1 23 ? -8.388  -3.992  6.465   1.00 6.15  ? 753 CYS A N   1 
ATOM   158 C  CA  . CYS A 1 23 ? -7.012  -4.023  5.989   1.00 5.97  ? 753 CYS A CA  1 
ATOM   159 C  C   . CYS A 1 23 ? -6.772  -5.273  5.208   1.00 5.52  ? 753 CYS A C   1 
ATOM   160 O  O   . CYS A 1 23 ? -7.058  -6.382  5.665   1.00 6.40  ? 753 CYS A O   1 
ATOM   161 C  CB  . CYS A 1 23 ? -6.084  -3.915  7.184   1.00 5.66  ? 753 CYS A CB  1 
ATOM   162 S  SG  . CYS A 1 23 ? -4.321  -4.055  6.677   1.00 6.18  ? 753 CYS A SG  1 
ATOM   163 N  N   . MET A 1 24 ? -6.194  -5.118  4.018   1.00 5.48  ? 754 MET A N   1 
ATOM   164 C  CA  . MET A 1 24 ? -5.995  -6.235  3.120   1.00 6.12  ? 754 MET A CA  1 
ATOM   165 C  C   . MET A 1 24 ? -4.748  -7.029  3.428   1.00 7.20  ? 754 MET A C   1 
ATOM   166 O  O   . MET A 1 24 ? -4.429  -7.984  2.692   1.00 10.40 ? 754 MET A O   1 
ATOM   167 C  CB  . MET A 1 24 ? -6.039  -5.729  1.678   1.00 6.44  ? 754 MET A CB  1 
ATOM   168 C  CG  . MET A 1 24 ? -7.417  -5.200  1.329   1.00 6.66  ? 754 MET A CG  1 
ATOM   169 S  SD  . MET A 1 24 ? -7.555  -4.530  -0.308  1.00 7.54  ? 754 MET A SD  1 
ATOM   170 C  CE  . MET A 1 24 ? -9.179  -3.789  -0.154  1.00 11.09 ? 754 MET A CE  1 
ATOM   171 N  N   . ASN A 1 25 ? -4.031  -6.697  4.496   1.00 6.19  ? 755 ASN A N   1 
ATOM   172 C  CA  . ASN A 1 25 ? -3.018  -7.573  5.071   1.00 6.54  ? 755 ASN A CA  1 
ATOM   173 C  C   . ASN A 1 25 ? -3.506  -8.222  6.361   1.00 7.04  ? 755 ASN A C   1 
ATOM   174 O  O   . ASN A 1 25 ? -3.610  -9.456  6.416   1.00 8.35  ? 755 ASN A O   1 
ATOM   175 C  CB  . ASN A 1 25 ? -1.706  -6.853  5.312   1.00 5.98  ? 755 ASN A CB  1 
ATOM   176 C  CG  . ASN A 1 25 ? -0.637  -7.797  5.833   1.00 7.34  ? 755 ASN A CG  1 
ATOM   177 O  OD1 . ASN A 1 25 ? -0.325  -8.785  5.164   1.00 7.71  ? 755 ASN A OD1 1 
ATOM   178 N  ND2 . ASN A 1 25 ? -0.105  -7.529  7.007   1.00 7.67  ? 755 ASN A ND2 1 
ATOM   179 N  N   . CYS A 1 26 ? -3.790  -7.445  7.387   1.00 6.77  ? 756 CYS A N   1 
ATOM   180 C  CA  . CYS A 1 26 ? -4.018  -8.002  8.734   1.00 7.15  ? 756 CYS A CA  1 
ATOM   181 C  C   . CYS A 1 26 ? -5.474  -8.218  9.075   1.00 6.60  ? 756 CYS A C   1 
ATOM   182 O  O   . CYS A 1 26 ? -5.746  -8.809  10.126  1.00 7.09  ? 756 CYS A O   1 
ATOM   183 C  CB  . CYS A 1 26 ? -3.385  -7.141  9.812   1.00 7.77  ? 756 CYS A CB  1 
ATOM   184 S  SG  . CYS A 1 26 ? -4.297  -5.559  10.127  1.00 7.17  ? 756 CYS A SG  1 
ATOM   185 N  N   . GLN A 1 27 ? -6.391  -7.780  8.229   1.00 6.93  ? 757 GLN A N   1 
ATOM   186 C  CA  . GLN A 1 27 ? -7.840  -7.982  8.382   1.00 6.93  ? 757 GLN A CA  1 
ATOM   187 C  C   . GLN A 1 27 ? -8.521  -7.075  9.405   1.00 6.52  ? 757 GLN A C   1 
ATOM   188 O  O   . GLN A 1 27 ? -9.734  -7.169  9.572   1.00 7.04  ? 757 GLN A O   1 
ATOM   189 C  CB  . GLN A 1 27 ? -8.235  -9.460  8.624   1.00 7.45  ? 757 GLN A CB  1 
ATOM   190 C  CG  . GLN A 1 27 ? -7.650  -10.415 7.595   1.00 9.43  ? 757 GLN A CG  1 
ATOM   191 C  CD  . GLN A 1 27 ? -8.155  -11.812 7.652   1.00 10.27 ? 757 GLN A CD  1 
ATOM   192 O  OE1 . GLN A 1 27 ? -8.683  -12.287 8.603   1.00 11.57 ? 757 GLN A OE1 1 
ATOM   193 N  NE2 . GLN A 1 27 ? -7.847  -12.556 6.596   1.00 18.28 ? 757 GLN A NE2 1 
ATOM   194 N  N   . VAL A 1 28 ? -7.805  -6.161  10.036  1.00 6.21  ? 758 VAL A N   1 
ATOM   195 C  CA  . VAL A 1 28 ? -8.457  -5.255  10.982  1.00 6.10  ? 758 VAL A CA  1 
ATOM   196 C  C   . VAL A 1 28 ? -9.529  -4.421  10.275  1.00 5.61  ? 758 VAL A C   1 
ATOM   197 O  O   . VAL A 1 28 ? -9.336  -3.980  9.146   1.00 6.55  ? 758 VAL A O   1 
ATOM   198 C  CB  . VAL A 1 28 ? -7.429  -4.377  11.724  1.00 6.19  ? 758 VAL A CB  1 
ATOM   199 C  CG1 . VAL A 1 28 ? -6.815  -3.250  10.841  1.00 7.40  ? 758 VAL A CG1 1 
ATOM   200 C  CG2 . VAL A 1 28 ? -8.020  -3.769  13.018  1.00 7.37  ? 758 VAL A CG2 1 
ATOM   201 N  N   . LYS A 1 29 ? -10.619 -4.141  10.955  1.00 6.37  ? 759 LYS A N   1 
ATOM   202 C  CA  . LYS A 1 29 ? -11.680 -3.328  10.405  1.00 7.23  ? 759 LYS A CA  1 
ATOM   203 C  C   . LYS A 1 29 ? -11.327 -1.853  10.469  1.00 6.45  ? 759 LYS A C   1 
ATOM   204 O  O   . LYS A 1 29 ? -10.861 -1.340  11.487  1.00 7.32  ? 759 LYS A O   1 
ATOM   205 C  CB  . LYS A 1 29 ? -12.981 -3.602  11.187  1.00 8.44  ? 759 LYS A CB  1 
ATOM   206 C  CG  . LYS A 1 29 ? -14.182 -2.893  10.593  1.00 9.36  ? 759 LYS A CG  1 
ATOM   207 C  CD  . LYS A 1 29 ? -15.460 -3.198  11.278  1.00 13.68 ? 759 LYS A CD  1 
ATOM   208 C  CE  . LYS A 1 29 ? -16.647 -2.538  10.617  1.00 15.76 ? 759 LYS A CE  1 
ATOM   209 N  NZ  . LYS A 1 29 ? -16.769 -2.809  9.170   1.00 25.96 ? 759 LYS A NZ  1 
ATOM   210 N  N   . PHE A 1 30 ? -11.522 -1.133  9.354   1.00 6.74  ? 760 PHE A N   1 
ATOM   211 C  CA  . PHE A 1 30 ? -11.357 0.319   9.360   1.00 6.90  ? 760 PHE A CA  1 
ATOM   212 C  C   . PHE A 1 30 ? -12.455 0.944   10.178  1.00 7.54  ? 760 PHE A C   1 
ATOM   213 O  O   . PHE A 1 30 ? -13.637 0.520   10.121  1.00 9.71  ? 760 PHE A O   1 
ATOM   214 C  CB  . PHE A 1 30 ? -11.309 0.885   7.963   1.00 7.36  ? 760 PHE A CB  1 
ATOM   215 C  CG  . PHE A 1 30 ? -10.114 0.386   7.159   1.00 7.05  ? 760 PHE A CG  1 
ATOM   216 C  CD1 . PHE A 1 30 ? -8.847  0.717   7.544   1.00 6.91  ? 760 PHE A CD1 1 
ATOM   217 C  CD2 . PHE A 1 30 ? -10.282 -0.398  6.053   1.00 7.33  ? 760 PHE A CD2 1 
ATOM   218 C  CE1 . PHE A 1 30 ? -7.749  0.241   6.801   1.00 7.91  ? 760 PHE A CE1 1 
ATOM   219 C  CE2 . PHE A 1 30 ? -9.198  -0.851  5.314   1.00 8.35  ? 760 PHE A CE2 1 
ATOM   220 C  CZ  . PHE A 1 30 ? -7.951  -0.518  5.696   1.00 7.53  ? 760 PHE A CZ  1 
ATOM   221 N  N   . THR A 1 31 ? -12.098 1.959   10.939  1.00 8.31  ? 761 THR A N   1 
ATOM   222 C  CA  . THR A 1 31 ? -13.008 2.650   11.842  1.00 9.22  ? 761 THR A CA  1 
ATOM   223 C  C   . THR A 1 31 ? -12.764 4.153   11.734  1.00 10.35 ? 761 THR A C   1 
ATOM   224 O  O   . THR A 1 31 ? -11.945 4.608   10.942  1.00 10.33 ? 761 THR A O   1 
ATOM   225 C  CB  . THR A 1 31 ? -12.816 2.246   13.291  1.00 10.44 ? 761 THR A CB  1 
ATOM   226 O  OG1 . THR A 1 31 ? -11.559 2.779   13.728  1.00 10.99 ? 761 THR A OG1 1 
ATOM   227 C  CG2 . THR A 1 31 ? -12.946 0.710   13.499  1.00 11.70 ? 761 THR A CG2 1 
ATOM   228 N  N   . PHE A 1 32 ? -13.463 4.926   12.558  1.00 10.07 ? 762 PHE A N   1 
ATOM   229 C  CA  . PHE A 1 32 ? -13.324 6.373   12.544  1.00 11.41 ? 762 PHE A CA  1 
ATOM   230 C  C   . PHE A 1 32 ? -11.880 6.769   12.716  1.00 11.47 ? 762 PHE A C   1 
ATOM   231 O  O   . PHE A 1 32 ? -11.449 7.788   12.139  1.00 14.05 ? 762 PHE A O   1 
ATOM   232 C  CB  . PHE A 1 32 ? -14.181 6.961   13.672  1.00 12.06 ? 762 PHE A CB  1 
ATOM   233 C  CG  . PHE A 1 32 ? -14.326 8.436   13.632  1.00 14.58 ? 762 PHE A CG  1 
ATOM   234 C  CD1 . PHE A 1 32 ? -15.373 8.981   12.989  1.00 17.85 ? 762 PHE A CD1 1 
ATOM   235 C  CD2 . PHE A 1 32 ? -13.464 9.285   14.341  1.00 16.58 ? 762 PHE A CD2 1 
ATOM   236 C  CE1 . PHE A 1 32 ? -15.543 10.377  12.966  1.00 21.68 ? 762 PHE A CE1 1 
ATOM   237 C  CE2 . PHE A 1 32 ? -13.604 10.657  14.298  1.00 19.43 ? 762 PHE A CE2 1 
ATOM   238 C  CZ  . PHE A 1 32 ? -14.652 11.178  13.648  1.00 20.26 ? 762 PHE A CZ  1 
ATOM   239 N  N   . THR A 1 33 ? -11.140 6.058   13.536  1.00 12.10 ? 763 THR A N   1 
ATOM   240 C  CA  . THR A 1 33 ? -9.717  6.404   13.773  1.00 14.18 ? 763 THR A CA  1 
ATOM   241 C  C   . THR A 1 33 ? -8.727  5.409   13.153  1.00 14.25 ? 763 THR A C   1 
ATOM   242 O  O   . THR A 1 33 ? -7.560  5.795   12.967  1.00 20.28 ? 763 THR A O   1 
ATOM   243 C  CB  . THR A 1 33 ? -9.409  6.650   15.243  1.00 19.33 ? 763 THR A CB  1 
ATOM   244 O  OG1 . THR A 1 33 ? -9.638  5.469   15.924  1.00 20.71 ? 763 THR A OG1 1 
ATOM   245 C  CG2 . THR A 1 33 ? -10.290 7.780   15.801  1.00 23.88 ? 763 THR A CG2 1 
ATOM   246 N  N   . LYS A 1 34 ? -9.139  4.220   12.782  1.00 11.44 ? 764 LYS A N   1 
ATOM   247 C  CA  A LYS A 1 34 ? -8.250  3.317   12.086  0.50 12.25 ? 764 LYS A CA  1 
ATOM   248 C  CA  B LYS A 1 34 ? -8.273  3.235   12.093  0.50 11.83 ? 764 LYS A CA  1 
ATOM   249 C  C   . LYS A 1 34 ? -8.518  3.487   10.616  1.00 11.22 ? 764 LYS A C   1 
ATOM   250 O  O   . LYS A 1 34 ? -9.405  2.889   10.035  1.00 11.23 ? 764 LYS A O   1 
ATOM   251 C  CB  A LYS A 1 34 ? -8.465  1.909   12.526  0.50 13.41 ? 764 LYS A CB  1 
ATOM   252 C  CB  B LYS A 1 34 ? -8.661  1.789   12.506  0.50 12.87 ? 764 LYS A CB  1 
ATOM   253 C  CG  A LYS A 1 34 ? -7.319  1.040   12.094  0.50 13.88 ? 764 LYS A CG  1 
ATOM   254 C  CG  B LYS A 1 34 ? -7.800  0.626   11.883  0.50 13.48 ? 764 LYS A CG  1 
ATOM   255 C  CD  A LYS A 1 34 ? -7.494  -0.315  12.673  0.50 15.53 ? 764 LYS A CD  1 
ATOM   256 C  CD  B LYS A 1 34 ? -6.356  0.622   12.408  0.50 16.73 ? 764 LYS A CD  1 
ATOM   257 C  CE  A LYS A 1 34 ? -7.596  -0.268  14.159  0.50 19.12 ? 764 LYS A CE  1 
ATOM   258 C  CE  B LYS A 1 34 ? -6.264  0.516   13.905  0.50 19.41 ? 764 LYS A CE  1 
ATOM   259 N  NZ  A LYS A 1 34 ? -6.287  0.021   14.792  0.50 24.39 ? 764 LYS A NZ  1 
ATOM   260 N  NZ  B LYS A 1 34 ? -7.253  -0.426  14.477  0.50 33.50 ? 764 LYS A NZ  1 
ATOM   261 N  N   . ARG A 1 35 ? -7.746  4.389   10.006  1.00 12.07 ? 765 ARG A N   1 
ATOM   262 C  CA  . ARG A 1 35 ? -8.031  4.834   8.642   1.00 12.72 ? 765 ARG A CA  1 
ATOM   263 C  C   . ARG A 1 35 ? -7.270  4.091   7.569   1.00 10.55 ? 765 ARG A C   1 
ATOM   264 O  O   . ARG A 1 35 ? -6.291  3.381   7.793   1.00 10.23 ? 765 ARG A O   1 
ATOM   265 C  CB  . ARG A 1 35 ? -7.715  6.319   8.572   1.00 16.95 ? 765 ARG A CB  1 
ATOM   266 C  CG  . ARG A 1 35 ? -8.551  7.076   9.625   1.00 23.39 ? 765 ARG A CG  1 
ATOM   267 C  CD  . ARG A 1 35 ? -8.618  8.559   9.420   1.00 34.10 ? 765 ARG A CD  1 
ATOM   268 N  NE  . ARG A 1 35 ? -9.550  8.924   8.360   1.00 44.91 ? 765 ARG A NE  1 
ATOM   269 C  CZ  . ARG A 1 35 ? -9.824  10.178  8.000   1.00 72.65 ? 765 ARG A CZ  1 
ATOM   270 N  NH1 . ARG A 1 35 ? -10.686 10.409  7.014   1.00 92.46 ? 765 ARG A NH1 1 
ATOM   271 N  NH2 . ARG A 1 35 ? -9.243  11.206  8.621   1.00 79.76 ? 765 ARG A NH2 1 
ATOM   272 N  N   . ARG A 1 36 ? -7.764  4.281   6.368   1.00 10.41 ? 766 ARG A N   1 
ATOM   273 C  CA  . ARG A 1 36 ? -7.288  3.608   5.166   1.00 9.40  ? 766 ARG A CA  1 
ATOM   274 C  C   . ARG A 1 36 ? -6.063  4.272   4.560   1.00 9.03  ? 766 ARG A C   1 
ATOM   275 O  O   . ARG A 1 36 ? -5.981  5.490   4.452   1.00 11.74 ? 766 ARG A O   1 
ATOM   276 C  CB  . ARG A 1 36 ? -8.396  3.603   4.122   1.00 9.32  ? 766 ARG A CB  1 
ATOM   277 C  CG  . ARG A 1 36 ? -9.570  2.758   4.527   1.00 9.93  ? 766 ARG A CG  1 
ATOM   278 C  CD  . ARG A 1 36 ? -10.698 2.904   3.530   1.00 11.19 ? 766 ARG A CD  1 
ATOM   279 N  NE  . ARG A 1 36 ? -11.876 2.123   3.884   1.00 12.73 ? 766 ARG A NE  1 
ATOM   280 C  CZ  . ARG A 1 36 ? -12.772 2.434   4.789   1.00 13.87 ? 766 ARG A CZ  1 
ATOM   281 N  NH1 . ARG A 1 36 ? -12.662 3.541   5.516   1.00 17.06 ? 766 ARG A NH1 1 
ATOM   282 N  NH2 . ARG A 1 36 ? -13.798 1.608   5.048   1.00 16.80 ? 766 ARG A NH2 1 
ATOM   283 N  N   . HIS A 1 37 ? -5.126  3.461   4.109   1.00 7.71  ? 767 HIS A N   1 
ATOM   284 C  CA  . HIS A 1 37 ? -3.953  3.877   3.333   1.00 8.05  ? 767 HIS A CA  1 
ATOM   285 C  C   . HIS A 1 37 ? -3.771  2.985   2.143   1.00 7.72  ? 767 HIS A C   1 
ATOM   286 O  O   . HIS A 1 37 ? -3.682  1.782   2.304   1.00 9.42  ? 767 HIS A O   1 
ATOM   287 C  CB  . HIS A 1 37 ? -2.694  3.791   4.192   1.00 9.60  ? 767 HIS A CB  1 
ATOM   288 C  CG  . HIS A 1 37 ? -2.772  4.616   5.407   1.00 12.32 ? 767 HIS A CG  1 
ATOM   289 N  ND1 . HIS A 1 37 ? -2.494  5.965   5.384   1.00 15.75 ? 767 HIS A ND1 1 
ATOM   290 C  CD2 . HIS A 1 37 ? -3.164  4.312   6.670   1.00 13.73 ? 767 HIS A CD2 1 
ATOM   291 C  CE1 . HIS A 1 37 ? -2.677  6.455   6.601   1.00 19.57 ? 767 HIS A CE1 1 
ATOM   292 N  NE2 . HIS A 1 37 ? -3.044  5.467   7.405   1.00 17.70 ? 767 HIS A NE2 1 
ATOM   293 N  N   . HIS A 1 38 ? -3.633  3.545   0.959   1.00 7.24  ? 768 HIS A N   1 
ATOM   294 C  CA  . HIS A 1 38 ? -3.340  2.725   -0.202  1.00 6.77  ? 768 HIS A CA  1 
ATOM   295 C  C   . HIS A 1 38 ? -1.846  2.513   -0.402  1.00 6.68  ? 768 HIS A C   1 
ATOM   296 O  O   . HIS A 1 38 ? -1.032  3.434   -0.241  1.00 8.23  ? 768 HIS A O   1 
ATOM   297 C  CB  . HIS A 1 38 ? -3.896  3.345   -1.493  1.00 7.56  ? 768 HIS A CB  1 
ATOM   298 C  CG  . HIS A 1 38 ? -5.371  3.222   -1.634  1.00 7.16  ? 768 HIS A CG  1 
ATOM   299 N  ND1 . HIS A 1 38 ? -6.269  4.051   -0.987  1.00 8.31  ? 768 HIS A ND1 1 
ATOM   300 C  CD2 . HIS A 1 38 ? -6.105  2.360   -2.364  1.00 7.53  ? 768 HIS A CD2 1 
ATOM   301 C  CE1 . HIS A 1 38 ? -7.498  3.724   -1.360  1.00 8.77  ? 768 HIS A CE1 1 
ATOM   302 N  NE2 . HIS A 1 38 ? -7.424  2.682   -2.161  1.00 7.82  ? 768 HIS A NE2 1 
ATOM   303 N  N   . CYS A 1 39 ? -1.504  1.314   -0.820  1.00 6.78  ? 769 CYS A N   1 
ATOM   304 C  CA  . CYS A 1 39 ? -0.169  1.007   -1.315  1.00 7.43  ? 769 CYS A CA  1 
ATOM   305 C  C   . CYS A 1 39 ? -0.045  1.506   -2.730  1.00 6.89  ? 769 CYS A C   1 
ATOM   306 O  O   . CYS A 1 39 ? -0.848  1.132   -3.604  1.00 7.11  ? 769 CYS A O   1 
ATOM   307 C  CB  . CYS A 1 39 ? 0.070   -0.508  -1.272  1.00 6.65  ? 769 CYS A CB  1 
ATOM   308 S  SG  . CYS A 1 39 ? 1.660   -0.970  -1.966  1.00 7.25  ? 769 CYS A SG  1 
ATOM   309 N  N   . ARG A 1 40 ? 0.962   2.314   -3.019  1.00 7.26  ? 770 ARG A N   1 
ATOM   310 C  CA  . ARG A 1 40 ? 1.157   2.853   -4.349  1.00 8.22  ? 770 ARG A CA  1 
ATOM   311 C  C   . ARG A 1 40 ? 1.728   1.822   -5.316  1.00 7.80  ? 770 ARG A C   1 
ATOM   312 O  O   . ARG A 1 40 ? 1.783   2.073   -6.526  1.00 9.49  ? 770 ARG A O   1 
ATOM   313 C  CB  . ARG A 1 40 ? 2.012   4.120   -4.284  1.00 9.65  ? 770 ARG A CB  1 
ATOM   314 C  CG  . ARG A 1 40 ? 1.256   5.382   -4.015  1.00 9.77  ? 770 ARG A CG  1 
ATOM   315 C  CD  . ARG A 1 40 ? 0.602   5.433   -2.685  1.00 10.17 ? 770 ARG A CD  1 
ATOM   316 N  NE  . ARG A 1 40 ? 0.120   6.775   -2.439  1.00 11.82 ? 770 ARG A NE  1 
ATOM   317 C  CZ  . ARG A 1 40 ? -0.616  7.129   -1.394  1.00 11.61 ? 770 ARG A CZ  1 
ATOM   318 N  NH1 . ARG A 1 40 ? -0.984  6.283   -0.465  1.00 11.58 ? 770 ARG A NH1 1 
ATOM   319 N  NH2 . ARG A 1 40 ? -1.014  8.402   -1.287  1.00 15.67 ? 770 ARG A NH2 1 
ATOM   320 N  N   . ALA A 1 41 ? 2.187   0.680   -4.817  1.00 7.87  ? 771 ALA A N   1 
ATOM   321 C  CA  . ALA A 1 41 ? 2.661   -0.368  -5.693  1.00 8.35  ? 771 ALA A CA  1 
ATOM   322 C  C   . ALA A 1 41 ? 1.580   -1.366  -6.113  1.00 8.34  ? 771 ALA A C   1 
ATOM   323 O  O   . ALA A 1 41 ? 1.505   -1.703  -7.297  1.00 9.56  ? 771 ALA A O   1 
ATOM   324 C  CB  . ALA A 1 41 ? 3.879   -1.102  -5.082  1.00 9.12  ? 771 ALA A CB  1 
ATOM   325 N  N   . CYS A 1 42 ? 0.731   -1.805  -5.195  1.00 7.31  ? 772 CYS A N   1 
ATOM   326 C  CA  . CYS A 1 42 ? -0.277  -2.814  -5.499  1.00 8.05  ? 772 CYS A CA  1 
ATOM   327 C  C   . CYS A 1 42 ? -1.709  -2.292  -5.504  1.00 6.64  ? 772 CYS A C   1 
ATOM   328 O  O   . CYS A 1 42 ? -2.595  -3.005  -5.993  1.00 7.50  ? 772 CYS A O   1 
ATOM   329 C  CB  . CYS A 1 42 ? -0.173  -4.041  -4.583  1.00 7.75  ? 772 CYS A CB  1 
ATOM   330 S  SG  . CYS A 1 42 ? -0.641  -3.720  -2.841  1.00 7.44  ? 772 CYS A SG  1 
ATOM   331 N  N   . GLY A 1 43 ? -1.943  -1.097  -5.004  1.00 6.35  ? 773 GLY A N   1 
ATOM   332 C  CA  . GLY A 1 43 ? -3.275  -0.496  -5.043  1.00 6.38  ? 773 GLY A CA  1 
ATOM   333 C  C   . GLY A 1 43 ? -4.252  -0.966  -3.996  1.00 5.70  ? 773 GLY A C   1 
ATOM   334 O  O   . GLY A 1 43 ? -5.368  -0.462  -3.942  1.00 6.48  ? 773 GLY A O   1 
ATOM   335 N  N   . LYS A 1 44 ? -3.849  -1.913  -3.163  1.00 5.60  ? 774 LYS A N   1 
ATOM   336 C  CA  A LYS A 1 44 ? -4.698  -2.425  -2.094  0.50 6.05  ? 774 LYS A CA  1 
ATOM   337 C  CA  B LYS A 1 44 ? -4.688  -2.432  -2.095  0.50 6.10  ? 774 LYS A CA  1 
ATOM   338 C  C   . LYS A 1 44 ? -4.705  -1.441  -0.919  1.00 5.66  ? 774 LYS A C   1 
ATOM   339 O  O   . LYS A 1 44 ? -3.971  -0.449  -0.892  1.00 5.94  ? 774 LYS A O   1 
ATOM   340 C  CB  A LYS A 1 44 ? -4.270  -3.840  -1.713  0.50 6.36  ? 774 LYS A CB  1 
ATOM   341 C  CB  B LYS A 1 44 ? -4.215  -3.828  -1.714  0.50 6.44  ? 774 LYS A CB  1 
ATOM   342 C  CG  A LYS A 1 44 ? -4.650  -4.854  -2.824  0.50 7.23  ? 774 LYS A CG  1 
ATOM   343 C  CG  B LYS A 1 44 ? -4.430  -4.826  -2.866  0.50 8.32  ? 774 LYS A CG  1 
ATOM   344 C  CD  A LYS A 1 44 ? -4.645  -6.275  -2.394  0.50 9.57  ? 774 LYS A CD  1 
ATOM   345 C  CD  B LYS A 1 44 ? -3.995  -6.235  -2.569  0.50 9.12  ? 774 LYS A CD  1 
ATOM   346 C  CE  A LYS A 1 44 ? -3.307  -6.682  -1.838  0.50 11.40 ? 774 LYS A CE  1 
ATOM   347 C  CE  B LYS A 1 44 ? -2.547  -6.642  -2.842  0.50 15.06 ? 774 LYS A CE  1 
ATOM   348 N  NZ  A LYS A 1 44 ? -3.075  -8.140  -1.686  0.50 14.29 ? 774 LYS A NZ  1 
ATOM   349 N  NZ  B LYS A 1 44 ? -2.544  -8.156  -2.758  0.50 16.98 ? 774 LYS A NZ  1 
ATOM   350 N  N   . VAL A 1 45 ? -5.572  -1.708  0.040   1.00 5.80  ? 775 VAL A N   1 
ATOM   351 C  CA  . VAL A 1 45 ? -5.898  -0.780  1.124   1.00 6.04  ? 775 VAL A CA  1 
ATOM   352 C  C   . VAL A 1 45 ? -5.549  -1.404  2.458   1.00 5.64  ? 775 VAL A C   1 
ATOM   353 O  O   . VAL A 1 45 ? -5.894  -2.556  2.715   1.00 6.53  ? 775 VAL A O   1 
ATOM   354 C  CB  . VAL A 1 45 ? -7.384  -0.417  1.123   1.00 6.68  ? 775 VAL A CB  1 
ATOM   355 C  CG1 . VAL A 1 45 ? -7.638  0.762   2.054   1.00 8.78  ? 775 VAL A CG1 1 
ATOM   356 C  CG2 . VAL A 1 45 ? -7.874  -0.075  -0.313  1.00 10.20 ? 775 VAL A CG2 1 
ATOM   357 N  N   . PHE A 1 46 ? -4.820  -0.649  3.271   1.00 5.83  ? 776 PHE A N   1 
ATOM   358 C  CA  . PHE A 1 46 ? -4.193  -1.146  4.490   1.00 6.23  ? 776 PHE A CA  1 
ATOM   359 C  C   . PHE A 1 46 ? -4.347  -0.204  5.650   1.00 6.44  ? 776 PHE A C   1 
ATOM   360 O  O   . PHE A 1 46 ? -4.535  0.994   5.459   1.00 7.55  ? 776 PHE A O   1 
ATOM   361 C  CB  . PHE A 1 46 ? -2.687  -1.318  4.209   1.00 6.57  ? 776 PHE A CB  1 
ATOM   362 C  CG  . PHE A 1 46 ? -2.391  -2.264  3.105   1.00 6.27  ? 776 PHE A CG  1 
ATOM   363 C  CD1 . PHE A 1 46 ? -2.255  -1.806  1.794   1.00 6.20  ? 776 PHE A CD1 1 
ATOM   364 C  CD2 . PHE A 1 46 ? -2.325  -3.619  3.328   1.00 6.40  ? 776 PHE A CD2 1 
ATOM   365 C  CE1 . PHE A 1 46 ? -2.021  -2.697  0.758   1.00 5.91  ? 776 PHE A CE1 1 
ATOM   366 C  CE2 . PHE A 1 46 ? -2.083  -4.512  2.295   1.00 6.41  ? 776 PHE A CE2 1 
ATOM   367 C  CZ  . PHE A 1 46 ? -1.946  -4.027  0.985   1.00 6.03  ? 776 PHE A CZ  1 
ATOM   368 N  N   . CYS A 1 47 ? -4.214  -0.745  6.843   1.00 6.63  ? 777 CYS A N   1 
ATOM   369 C  CA  . CYS A 1 47 ? -4.015  0.091   8.027   1.00 7.27  ? 777 CYS A CA  1 
ATOM   370 C  C   . CYS A 1 47 ? -2.603  0.656   8.059   1.00 7.73  ? 777 CYS A C   1 
ATOM   371 O  O   . CYS A 1 47 ? -1.720  0.211   7.301   1.00 8.03  ? 777 CYS A O   1 
ATOM   372 C  CB  . CYS A 1 47 ? -4.327  -0.703  9.299   1.00 7.54  ? 777 CYS A CB  1 
ATOM   373 S  SG  . CYS A 1 47 ? -3.010  -1.878  9.763   1.00 7.88  ? 777 CYS A SG  1 
ATOM   374 N  N   A GLY A 1 48 ? -2.358  1.636   8.889   0.50 8.14  ? 778 GLY A N   1 
ATOM   375 N  N   B GLY A 1 48 ? -2.373  1.592   8.972   0.50 9.61  ? 778 GLY A N   1 
ATOM   376 C  CA  A GLY A 1 48 ? -1.063  2.245   8.906   0.50 8.54  ? 778 GLY A CA  1 
ATOM   377 C  CA  B GLY A 1 48 ? -1.088  2.265   9.120   0.50 11.24 ? 778 GLY A CA  1 
ATOM   378 C  C   A GLY A 1 48 ? 0.052   1.283   9.278   0.50 8.95  ? 778 GLY A C   1 
ATOM   379 C  C   B GLY A 1 48 ? 0.052   1.411   9.676   0.50 12.20 ? 778 GLY A C   1 
ATOM   380 O  O   A GLY A 1 48 ? 1.158   1.373   8.736   0.50 8.57  ? 778 GLY A O   1 
ATOM   381 O  O   B GLY A 1 48 ? 1.229   1.730   9.510   0.50 16.75 ? 778 GLY A O   1 
ATOM   382 N  N   A VAL A 1 49 ? -0.194  0.400   10.237  0.50 8.62  ? 779 VAL A N   1 
ATOM   383 N  N   B VAL A 1 49 ? -0.246  0.311   10.311  0.50 10.07 ? 779 VAL A N   1 
ATOM   384 C  CA  A VAL A 1 49 ? 0.820   -0.571  10.679  0.50 9.66  ? 779 VAL A CA  1 
ATOM   385 C  CA  B VAL A 1 49 ? 0.814   -0.614  10.688  0.50 10.40 ? 779 VAL A CA  1 
ATOM   386 C  C   A VAL A 1 49 ? 1.266   -1.506  9.571   0.50 9.22  ? 779 VAL A C   1 
ATOM   387 C  C   B VAL A 1 49 ? 1.319   -1.366  9.433   0.50 8.98  ? 779 VAL A C   1 
ATOM   388 O  O   A VAL A 1 49 ? 2.381   -2.006  9.619   0.50 10.35 ? 779 VAL A O   1 
ATOM   389 O  O   B VAL A 1 49 ? 2.528   -1.549  9.196   0.50 9.31  ? 779 VAL A O   1 
ATOM   390 C  CB  A VAL A 1 49 ? 0.305   -1.391  11.884  0.50 10.05 ? 779 VAL A CB  1 
ATOM   391 C  CB  B VAL A 1 49 ? 0.293   -1.567  11.757  0.50 10.89 ? 779 VAL A CB  1 
ATOM   392 C  CG1 A VAL A 1 49 ? 1.133   -2.664  12.110  0.50 13.18 ? 779 VAL A CG1 1 
ATOM   393 C  CG1 B VAL A 1 49 ? 1.409   -2.467  12.277  0.50 14.71 ? 779 VAL A CG1 1 
ATOM   394 C  CG2 A VAL A 1 49 ? 0.307   -0.556  13.159  0.50 12.40 ? 779 VAL A CG2 1 
ATOM   395 C  CG2 B VAL A 1 49 ? -0.324  -0.780  12.925  0.50 13.13 ? 779 VAL A CG2 1 
ATOM   396 N  N   . CYS A 1 50 ? 0.382   -1.777  8.612   1.00 8.10  ? 780 CYS A N   1 
ATOM   397 C  CA  . CYS A 1 50 ? 0.684   -2.602  7.452   1.00 6.99  ? 780 CYS A CA  1 
ATOM   398 C  C   . CYS A 1 50 ? 1.145   -1.826  6.258   1.00 8.14  ? 780 CYS A C   1 
ATOM   399 O  O   . CYS A 1 50 ? 1.534   -2.444  5.252   1.00 9.00  ? 780 CYS A O   1 
ATOM   400 C  CB  . CYS A 1 50 ? -0.530  -3.460  7.091   1.00 6.89  ? 780 CYS A CB  1 
ATOM   401 S  SG  . CYS A 1 50 ? -1.007  -4.643  8.412   1.00 7.35  ? 780 CYS A SG  1 
ATOM   402 N  N   . CYS A 1 51 ? 1.139   -0.509  6.309   1.00 8.29  ? 781 CYS A N   1 
ATOM   403 C  CA  . CYS A 1 51 ? 1.489   0.307   5.148   1.00 9.25  ? 781 CYS A CA  1 
ATOM   404 C  C   . CYS A 1 51 ? 1.979   1.648   5.610   1.00 11.42 ? 781 CYS A C   1 
ATOM   405 O  O   . CYS A 1 51 ? 1.213   2.607   5.660   1.00 16.16 ? 781 CYS A O   1 
ATOM   406 C  CB  . CYS A 1 51 ? 0.273   0.426   4.240   1.00 9.44  ? 781 CYS A CB  1 
ATOM   407 S  SG  . CYS A 1 51 ? 0.469   1.301   2.688   1.00 12.28 ? 781 CYS A SG  1 
ATOM   408 N  N   . ASN A 1 52 ? 3.224   1.721   6.016   1.00 11.63 ? 782 ASN A N   1 
ATOM   409 C  CA  . ASN A 1 52 ? 3.788   2.957   6.555   1.00 14.61 ? 782 ASN A CA  1 
ATOM   410 C  C   . ASN A 1 52 ? 5.186   3.260   6.113   1.00 14.70 ? 782 ASN A C   1 
ATOM   411 O  O   . ASN A 1 52 ? 5.763   4.241   6.610   1.00 21.26 ? 782 ASN A O   1 
ATOM   412 C  CB  . ASN A 1 52 ? 3.754   2.997   8.081   1.00 18.36 ? 782 ASN A CB  1 
ATOM   413 C  CG  . ASN A 1 52 ? 4.445   1.829   8.715   1.00 17.54 ? 782 ASN A CG  1 
ATOM   414 O  OD1 . ASN A 1 52 ? 5.448   1.321   8.218   1.00 38.97 ? 782 ASN A OD1 1 
ATOM   415 N  ND2 . ASN A 1 52 ? 3.917   1.390   9.853   1.00 45.06 ? 782 ASN A ND2 1 
ATOM   416 N  N   . ARG A 1 53 ? 5.789   2.458   5.252   1.00 12.14 ? 783 ARG A N   1 
ATOM   417 C  CA  A ARG A 1 53 ? 7.108   2.795   4.750   0.50 14.08 ? 783 ARG A CA  1 
ATOM   418 C  CA  B ARG A 1 53 ? 7.118   2.746   4.725   0.50 13.53 ? 783 ARG A CA  1 
ATOM   419 C  C   . ARG A 1 53 ? 7.000   3.274   3.335   1.00 12.41 ? 783 ARG A C   1 
ATOM   420 O  O   . ARG A 1 53 ? 6.005   3.027   2.668   1.00 13.10 ? 783 ARG A O   1 
ATOM   421 C  CB  A ARG A 1 53 ? 8.077   1.621   4.901   0.50 16.83 ? 783 ARG A CB  1 
ATOM   422 C  CB  B ARG A 1 53 ? 7.992   1.490   4.729   0.50 15.60 ? 783 ARG A CB  1 
ATOM   423 C  CG  A ARG A 1 53 ? 8.491   1.424   6.340   0.50 19.51 ? 783 ARG A CG  1 
ATOM   424 C  CG  B ARG A 1 53 ? 8.469   1.106   6.097   0.50 16.64 ? 783 ARG A CG  1 
ATOM   425 C  CD  A ARG A 1 53 ? 9.733   0.606   6.466   0.50 25.84 ? 783 ARG A CD  1 
ATOM   426 C  CD  B ARG A 1 53 ? 9.456   -0.024  6.032   0.50 19.40 ? 783 ARG A CD  1 
ATOM   427 N  NE  A ARG A 1 53 ? 9.410   -0.810  6.510   0.50 28.81 ? 783 ARG A NE  1 
ATOM   428 N  NE  B ARG A 1 53 ? 9.849   -0.435  7.375   0.50 22.16 ? 783 ARG A NE  1 
ATOM   429 C  CZ  A ARG A 1 53 ? 10.223  -1.744  6.990   0.50 29.11 ? 783 ARG A CZ  1 
ATOM   430 C  CZ  B ARG A 1 53 ? 10.219  -1.669  7.700   0.50 22.06 ? 783 ARG A CZ  1 
ATOM   431 N  NH1 A ARG A 1 53 ? 9.840   -3.005  6.982   0.50 26.78 ? 783 ARG A NH1 1 
ATOM   432 N  NH1 B ARG A 1 53 ? 10.556  -1.953  8.954   0.50 24.93 ? 783 ARG A NH1 1 
ATOM   433 N  NH2 A ARG A 1 53 ? 11.415  -1.409  7.477   0.50 29.52 ? 783 ARG A NH2 1 
ATOM   434 N  NH2 B ARG A 1 53 ? 10.220  -2.622  6.784   0.50 22.14 ? 783 ARG A NH2 1 
ATOM   435 N  N   . LYS A 1 54 ? 7.998   3.991   2.880   1.00 13.60 ? 784 LYS A N   1 
ATOM   436 C  CA  . LYS A 1 54 ? 8.071   4.438   1.513   1.00 13.88 ? 784 LYS A CA  1 
ATOM   437 C  C   . LYS A 1 54 ? 9.262   3.837   0.789   1.00 16.47 ? 784 LYS A C   1 
ATOM   438 O  O   . LYS A 1 54 ? 10.302  3.569   1.406   1.00 17.13 ? 784 LYS A O   1 
ATOM   439 C  CB  . LYS A 1 54 ? 8.171   5.952   1.469   1.00 16.21 ? 784 LYS A CB  1 
ATOM   440 C  CG  . LYS A 1 54 ? 6.972   6.687   2.008   1.00 17.95 ? 784 LYS A CG  1 
ATOM   441 C  CD  . LYS A 1 54 ? 7.074   8.188   1.782   1.00 26.69 ? 784 LYS A CD  1 
ATOM   442 C  CE  . LYS A 1 54 ? 5.811   8.876   2.259   1.00 34.04 ? 784 LYS A CE  1 
ATOM   443 N  NZ  . LYS A 1 54 ? 5.614   8.678   3.725   1.00 41.10 ? 784 LYS A NZ  1 
ATOM   444 N  N   . CYS A 1 55 ? 9.088   3.620   -0.527  1.00 15.75 ? 785 CYS A N   1 
ATOM   445 C  CA  A CYS A 1 55 ? 10.233  3.330   -1.367  0.50 17.67 ? 785 CYS A CA  1 
ATOM   446 C  CA  B CYS A 1 55 ? 10.102  3.147   -1.472  0.50 16.85 ? 785 CYS A CA  1 
ATOM   447 C  C   . CYS A 1 55 ? 10.029  3.999   -2.715  1.00 18.35 ? 785 CYS A C   1 
ATOM   448 O  O   . CYS A 1 55 ? 8.936   4.490   -3.032  1.00 16.75 ? 785 CYS A O   1 
ATOM   449 C  CB  A CYS A 1 55 ? 10.540  1.827   -1.471  0.50 20.10 ? 785 CYS A CB  1 
ATOM   450 C  CB  B CYS A 1 55 ? 9.743   1.753   -1.958  0.50 17.59 ? 785 CYS A CB  1 
ATOM   451 S  SG  A CYS A 1 55 ? 9.328   0.820   -2.321  0.50 21.55 ? 785 CYS A SG  1 
ATOM   452 S  SG  B CYS A 1 55 ? 9.976   0.479   -0.815  0.50 21.14 ? 785 CYS A SG  1 
ATOM   453 N  N   . LYS A 1 56 ? 11.125  4.088   -3.458  1.00 19.62 ? 786 LYS A N   1 
ATOM   454 C  CA  . LYS A 1 56 ? 11.110  4.702   -4.749  1.00 21.38 ? 786 LYS A CA  1 
ATOM   455 C  C   . LYS A 1 56 ? 10.369  3.754   -5.673  1.00 22.20 ? 786 LYS A C   1 
ATOM   456 O  O   . LYS A 1 56 ? 10.622  2.529   -5.683  1.00 24.25 ? 786 LYS A O   1 
ATOM   457 C  CB  . LYS A 1 56 ? 12.528  4.941   -5.273  1.00 23.70 ? 786 LYS A CB  1 
ATOM   458 C  CG  . LYS A 1 56 ? 12.584  5.793   -6.543  1.00 33.02 ? 786 LYS A CG  1 
ATOM   459 C  CD  . LYS A 1 56 ? 13.338  7.112   -6.321  1.00 50.42 ? 786 LYS A CD  1 
ATOM   460 C  CE  . LYS A 1 56 ? 13.666  7.802   -7.647  1.00 49.59 ? 786 LYS A CE  1 
ATOM   461 N  NZ  . LYS A 1 56 ? 14.689  8.892   -7.494  1.00 60.53 ? 786 LYS A NZ  1 
ATOM   462 N  N   . LEU A 1 57 ? 9.385   4.306   -6.383  1.00 17.92 ? 787 LEU A N   1 
ATOM   463 C  CA  . LEU A 1 57 ? 8.658   3.561   -7.405  1.00 18.34 ? 787 LEU A CA  1 
ATOM   464 C  C   . LEU A 1 57 ? 8.939   4.165   -8.758  1.00 18.66 ? 787 LEU A C   1 
ATOM   465 O  O   . LEU A 1 57 ? 8.784   5.358   -8.959  1.00 19.87 ? 787 LEU A O   1 
ATOM   466 C  CB  . LEU A 1 57 ? 7.160   3.546   -7.145  1.00 16.20 ? 787 LEU A CB  1 
ATOM   467 C  CG  . LEU A 1 57 ? 6.740   2.987   -5.804  1.00 15.02 ? 787 LEU A CG  1 
ATOM   468 C  CD1 . LEU A 1 57 ? 5.203   3.070   -5.698  1.00 16.07 ? 787 LEU A CD1 1 
ATOM   469 C  CD2 . LEU A 1 57 ? 7.228   1.544   -5.606  1.00 16.30 ? 787 LEU A CD2 1 
ATOM   470 N  N   . GLN A 1 58 ? 9.373   3.305   -9.684  1.00 20.66 ? 788 GLN A N   1 
ATOM   471 C  CA  . GLN A 1 58 ? 9.777   3.707   -11.023 1.00 23.81 ? 788 GLN A CA  1 
ATOM   472 C  C   . GLN A 1 58 ? 8.731   4.563   -11.719 1.00 22.74 ? 788 GLN A C   1 
ATOM   473 O  O   . GLN A 1 58 ? 9.068   5.608   -12.302 1.00 23.77 ? 788 GLN A O   1 
ATOM   474 C  CB  . GLN A 1 58 ? 10.049  2.465   -11.847 1.00 26.45 ? 788 GLN A CB  1 
ATOM   475 C  CG  . GLN A 1 58 ? 10.756  2.706   -13.140 1.00 37.29 ? 788 GLN A CG  1 
ATOM   476 C  CD  . GLN A 1 58 ? 11.231  1.415   -13.716 1.00 45.09 ? 788 GLN A CD  1 
ATOM   477 O  OE1 . GLN A 1 58 ? 12.368  1.008   -13.486 1.00 50.37 ? 788 GLN A OE1 1 
ATOM   478 N  NE2 . GLN A 1 58 ? 10.349  0.721   -14.419 1.00 38.98 ? 788 GLN A NE2 1 
ATOM   479 N  N   . TYR A 1 59 ? 7.461   4.155   -11.661 1.00 19.01 ? 789 TYR A N   1 
ATOM   480 C  CA  . TYR A 1 59 ? 6.450   4.888   -12.426 1.00 19.40 ? 789 TYR A CA  1 
ATOM   481 C  C   . TYR A 1 59 ? 6.204   6.304   -11.883 1.00 20.89 ? 789 TYR A C   1 
ATOM   482 O  O   . TYR A 1 59 ? 5.720   7.165   -12.603 1.00 24.14 ? 789 TYR A O   1 
ATOM   483 C  CB  . TYR A 1 59 ? 5.134   4.087   -12.545 1.00 18.78 ? 789 TYR A CB  1 
ATOM   484 C  CG  . TYR A 1 59 ? 4.228   4.133   -11.339 1.00 16.24 ? 789 TYR A CG  1 
ATOM   485 C  CD1 . TYR A 1 59 ? 4.314   3.165   -10.369 1.00 14.93 ? 789 TYR A CD1 1 
ATOM   486 C  CD2 . TYR A 1 59 ? 3.283   5.137   -11.179 1.00 18.31 ? 789 TYR A CD2 1 
ATOM   487 C  CE1 . TYR A 1 59 ? 3.498   3.185   -9.269  1.00 12.61 ? 789 TYR A CE1 1 
ATOM   488 C  CE2 . TYR A 1 59 ? 2.458   5.153   -10.093 1.00 15.27 ? 789 TYR A CE2 1 
ATOM   489 C  CZ  . TYR A 1 59 ? 2.560   4.176   -9.132  1.00 13.45 ? 789 TYR A CZ  1 
ATOM   490 O  OH  . TYR A 1 59 ? 1.713   4.215   -8.052  1.00 13.75 ? 789 TYR A OH  1 
ATOM   491 N  N   . LEU A 1 60 ? 6.553   6.541   -10.621 1.00 20.21 ? 790 LEU A N   1 
ATOM   492 C  CA  . LEU A 1 60 ? 6.446   7.874   -9.998  1.00 22.99 ? 790 LEU A CA  1 
ATOM   493 C  C   . LEU A 1 60 ? 7.745   8.648   -10.046 1.00 26.34 ? 790 LEU A C   1 
ATOM   494 O  O   . LEU A 1 60 ? 7.734   9.883   -9.974  1.00 30.91 ? 790 LEU A O   1 
ATOM   495 C  CB  . LEU A 1 60 ? 6.017   7.748   -8.536  1.00 21.60 ? 790 LEU A CB  1 
ATOM   496 C  CG  . LEU A 1 60 ? 4.608   7.254   -8.336  1.00 20.95 ? 790 LEU A CG  1 
ATOM   497 C  CD1 . LEU A 1 60 ? 4.339   6.999   -6.845  1.00 21.18 ? 790 LEU A CD1 1 
ATOM   498 C  CD2 . LEU A 1 60 ? 3.595   8.242   -8.904  1.00 24.63 ? 790 LEU A CD2 1 
ATOM   499 N  N   . GLU A 1 61 ? 8.863   7.932   -10.152 1.00 25.64 ? 791 GLU A N   1 
ATOM   500 C  CA  . GLU A 1 61 ? 10.197  8.527   -10.017 1.00 28.52 ? 791 GLU A CA  1 
ATOM   501 C  C   . GLU A 1 61 ? 10.350  9.281   -8.696  1.00 30.90 ? 791 GLU A C   1 
ATOM   502 O  O   . GLU A 1 61 ? 11.035  10.305  -8.624  1.00 33.91 ? 791 GLU A O   1 
ATOM   503 C  CB  . GLU A 1 61 ? 10.512  9.443   -11.215 1.00 34.45 ? 791 GLU A CB  1 
ATOM   504 C  CG  . GLU A 1 61 ? 10.450  8.730   -12.574 1.00 40.59 ? 791 GLU A CG  1 
ATOM   505 C  CD  . GLU A 1 61 ? 10.586  9.683   -13.759 1.00 59.79 ? 791 GLU A CD  1 
ATOM   506 O  OE1 . GLU A 1 61 ? 10.903  10.877  -13.551 1.00 72.48 ? 791 GLU A OE1 1 
ATOM   507 O  OE2 . GLU A 1 61 ? 10.368  9.229   -14.902 1.00 72.81 ? 791 GLU A OE2 1 
ATOM   508 N  N   . LYS A 1 62 ? 9.713   8.770   -7.647  1.00 27.53 ? 792 LYS A N   1 
ATOM   509 C  CA  . LYS A 1 62 ? 9.885   9.329   -6.302  1.00 29.06 ? 792 LYS A CA  1 
ATOM   510 C  C   . LYS A 1 62 ? 9.389   8.329   -5.281  1.00 22.92 ? 792 LYS A C   1 
ATOM   511 O  O   . LYS A 1 62 ? 8.804   7.288   -5.644  1.00 23.18 ? 792 LYS A O   1 
ATOM   512 C  CB  . LYS A 1 62 ? 9.123   10.641  -6.151  1.00 33.88 ? 792 LYS A CB  1 
ATOM   513 C  CG  . LYS A 1 62 ? 7.637   10.515  -6.293  1.00 33.66 ? 792 LYS A CG  1 
ATOM   514 C  CD  . LYS A 1 62 ? 6.924   11.838  -6.015  1.00 51.57 ? 792 LYS A CD  1 
ATOM   515 C  CE  . LYS A 1 62 ? 5.425   11.620  -5.824  1.00 54.67 ? 792 LYS A CE  1 
ATOM   516 N  NZ  . LYS A 1 62 ? 4.766   12.770  -5.144  1.00 67.21 ? 792 LYS A NZ  1 
ATOM   517 N  N   . GLU A 1 63 ? 9.611   8.655   -4.009  1.00 22.42 ? 793 GLU A N   1 
ATOM   518 C  CA  . GLU A 1 63 ? 9.276   7.774   -2.886  1.00 21.76 ? 793 GLU A CA  1 
ATOM   519 C  C   . GLU A 1 63 ? 7.793   7.827   -2.628  1.00 19.52 ? 793 GLU A C   1 
ATOM   520 O  O   . GLU A 1 63 ? 7.175   8.892   -2.675  1.00 21.73 ? 793 GLU A O   1 
ATOM   521 C  CB  . GLU A 1 63 ? 10.030  8.221   -1.629  1.00 27.77 ? 793 GLU A CB  1 
ATOM   522 C  CG  . GLU A 1 63 ? 11.562  8.220   -1.774  1.00 39.31 ? 793 GLU A CG  1 
ATOM   523 C  CD  . GLU A 1 63 ? 12.265  7.007   -1.156  1.00 57.29 ? 793 GLU A CD  1 
ATOM   524 O  OE1 . GLU A 1 63 ? 11.594  6.116   -0.590  1.00 55.31 ? 793 GLU A OE1 1 
ATOM   525 O  OE2 . GLU A 1 63 ? 13.513  6.962   -1.230  1.00 69.25 ? 793 GLU A OE2 1 
ATOM   526 N  N   . ALA A 1 64 ? 7.175   6.681   -2.372  1.00 15.37 ? 794 ALA A N   1 
ATOM   527 C  CA  . ALA A 1 64 ? 5.761   6.631   -2.114  1.00 14.41 ? 794 ALA A CA  1 
ATOM   528 C  C   . ALA A 1 64 ? 5.462   5.509   -1.126  1.00 13.73 ? 794 ALA A C   1 
ATOM   529 O  O   . ALA A 1 64 ? 6.232   4.551   -0.994  1.00 12.77 ? 794 ALA A O   1 
ATOM   530 C  CB  . ALA A 1 64 ? 4.986   6.384   -3.425  1.00 18.46 ? 794 ALA A CB  1 
ATOM   531 N  N   . ARG A 1 65 ? 4.342   5.629   -0.451  1.00 11.76 ? 795 ARG A N   1 
ATOM   532 C  CA  A ARG A 1 65 ? 3.923   4.680   0.554   0.50 12.10 ? 795 ARG A CA  1 
ATOM   533 C  CA  B ARG A 1 65 ? 3.909   4.698   0.537   0.50 12.11 ? 795 ARG A CA  1 
ATOM   534 C  C   . ARG A 1 65 ? 3.608   3.329   -0.049  1.00 9.75  ? 795 ARG A C   1 
ATOM   535 O  O   . ARG A 1 65 ? 2.874   3.232   -1.063  1.00 9.71  ? 795 ARG A O   1 
ATOM   536 C  CB  A ARG A 1 65 ? 2.688   5.202   1.290   0.50 14.17 ? 795 ARG A CB  1 
ATOM   537 C  CB  B ARG A 1 65 ? 2.647   5.244   1.167   0.50 14.56 ? 795 ARG A CB  1 
ATOM   538 C  CG  A ARG A 1 65 ? 2.240   4.360   2.440   0.50 15.77 ? 795 ARG A CG  1 
ATOM   539 C  CG  B ARG A 1 65 ? 2.432   4.797   2.508   0.50 15.06 ? 795 ARG A CG  1 
ATOM   540 C  CD  A ARG A 1 65 ? 0.866   4.786   2.945   0.50 17.38 ? 795 ARG A CD  1 
ATOM   541 C  CD  B ARG A 1 65 ? 1.105   5.275   3.014   0.50 17.15 ? 795 ARG A CD  1 
ATOM   542 N  NE  A ARG A 1 65 ? 0.890   6.118   3.531   0.50 19.93 ? 795 ARG A NE  1 
ATOM   543 N  NE  B ARG A 1 65 ? 0.929   4.873   4.390   0.50 16.51 ? 795 ARG A NE  1 
ATOM   544 C  CZ  A ARG A 1 65 ? 0.945   6.377   4.833   0.50 21.82 ? 795 ARG A CZ  1 
ATOM   545 C  CZ  B ARG A 1 65 ? 0.752   5.719   5.399   0.50 15.49 ? 795 ARG A CZ  1 
ATOM   546 N  NH1 A ARG A 1 65 ? 0.965   5.398   5.726   0.50 22.02 ? 795 ARG A NH1 1 
ATOM   547 N  NH1 B ARG A 1 65 ? 0.614   5.249   6.626   0.50 16.48 ? 795 ARG A NH1 1 
ATOM   548 N  NH2 A ARG A 1 65 ? 0.964   7.637   5.245   0.50 28.41 ? 795 ARG A NH2 1 
ATOM   549 N  NH2 B ARG A 1 65 ? 0.692   7.024   5.179   0.50 21.43 ? 795 ARG A NH2 1 
ATOM   550 N  N   . VAL A 1 66 ? 4.134   2.274   0.579   1.00 9.27  ? 796 VAL A N   1 
ATOM   551 C  CA  . VAL A 1 66 ? 3.897   0.905   0.151   1.00 8.69  ? 796 VAL A CA  1 
ATOM   552 C  C   . VAL A 1 66 ? 3.594   -0.012  1.342   1.00 8.20  ? 796 VAL A C   1 
ATOM   553 O  O   . VAL A 1 66 ? 3.972   0.286   2.481   1.00 9.69  ? 796 VAL A O   1 
ATOM   554 C  CB  . VAL A 1 66 ? 5.087   0.365   -0.643  1.00 9.84  ? 796 VAL A CB  1 
ATOM   555 C  CG1 . VAL A 1 66 ? 5.250   1.090   -1.983  1.00 10.85 ? 796 VAL A CG1 1 
ATOM   556 C  CG2 . VAL A 1 66 ? 6.402   0.451   0.152   1.00 12.66 ? 796 VAL A CG2 1 
ATOM   557 N  N   . CYS A 1 67 ? 2.909   -1.116  1.062   1.00 7.05  ? 797 CYS A N   1 
ATOM   558 C  CA  . CYS A 1 67 ? 2.529   -2.060  2.091   1.00 7.11  ? 797 CYS A CA  1 
ATOM   559 C  C   . CYS A 1 67 ? 3.719   -2.921  2.477   1.00 7.34  ? 797 CYS A C   1 
ATOM   560 O  O   . CYS A 1 67 ? 4.770   -2.946  1.825   1.00 7.86  ? 797 CYS A O   1 
ATOM   561 C  CB  . CYS A 1 67 ? 1.352   -2.901  1.645   1.00 6.93  ? 797 CYS A CB  1 
ATOM   562 S  SG  . CYS A 1 67 ? 1.734   -4.146  0.355   1.00 7.13  ? 797 CYS A SG  1 
ATOM   563 N  N   . VAL A 1 68 ? 3.526   -3.727  3.521   1.00 7.13  ? 798 VAL A N   1 
ATOM   564 C  CA  A VAL A 1 68 ? 4.571   -4.580  4.047   0.50 8.21  ? 798 VAL A CA  1 
ATOM   565 C  CA  B VAL A 1 68 ? 4.623   -4.552  4.022   0.50 8.13  ? 798 VAL A CA  1 
ATOM   566 C  C   . VAL A 1 68 ? 5.110   -5.558  2.990   1.00 7.64  ? 798 VAL A C   1 
ATOM   567 O  O   . VAL A 1 68 ? 6.294   -5.857  2.925   1.00 9.98  ? 798 VAL A O   1 
ATOM   568 C  CB  A VAL A 1 68 ? 4.054   -5.336  5.297   0.50 8.96  ? 798 VAL A CB  1 
ATOM   569 C  CB  B VAL A 1 68 ? 4.300   -5.280  5.336   0.50 8.73  ? 798 VAL A CB  1 
ATOM   570 C  CG1 A VAL A 1 68 ? 2.778   -6.132  4.985   0.50 13.29 ? 798 VAL A CG1 1 
ATOM   571 C  CG1 B VAL A 1 68 ? 4.109   -4.287  6.473   0.50 10.46 ? 798 VAL A CG1 1 
ATOM   572 C  CG2 A VAL A 1 68 ? 5.180   -6.197  5.919   0.50 12.55 ? 798 VAL A CG2 1 
ATOM   573 C  CG2 B VAL A 1 68 ? 3.112   -6.130  5.206   0.50 9.53  ? 798 VAL A CG2 1 
ATOM   574 N  N   . VAL A 1 69 ? 4.196   -6.081  2.161   1.00 7.17  ? 799 VAL A N   1 
ATOM   575 C  CA  . VAL A 1 69 ? 4.566   -7.045  1.119   1.00 7.58  ? 799 VAL A CA  1 
ATOM   576 C  C   . VAL A 1 69 ? 5.392   -6.375  0.029   1.00 8.14  ? 799 VAL A C   1 
ATOM   577 O  O   . VAL A 1 69 ? 6.482   -6.828  -0.332  1.00 8.90  ? 799 VAL A O   1 
ATOM   578 C  CB  . VAL A 1 69 ? 3.282   -7.703  0.520   1.00 7.81  ? 799 VAL A CB  1 
ATOM   579 C  CG1 . VAL A 1 69 ? 3.624   -8.669  -0.595  1.00 11.06 ? 799 VAL A CG1 1 
ATOM   580 C  CG2 . VAL A 1 69 ? 2.434   -8.348  1.568   1.00 9.92  ? 799 VAL A CG2 1 
ATOM   581 N  N   . CYS A 1 70 ? 4.853   -5.293  -0.507  1.00 7.34  ? 800 CYS A N   1 
ATOM   582 C  CA  . CYS A 1 70 ? 5.541   -4.612  -1.594  1.00 8.08  ? 800 CYS A CA  1 
ATOM   583 C  C   . CYS A 1 70 ? 6.879   -4.012  -1.150  1.00 8.55  ? 800 CYS A C   1 
ATOM   584 O  O   . CYS A 1 70 ? 7.837   -3.998  -1.900  1.00 10.01 ? 800 CYS A O   1 
ATOM   585 C  CB  . CYS A 1 70 ? 4.638   -3.553  -2.212  1.00 8.42  ? 800 CYS A CB  1 
ATOM   586 S  SG  . CYS A 1 70 ? 3.182   -4.228  -3.053  1.00 8.40  ? 800 CYS A SG  1 
ATOM   587 N  N   . TYR A 1 71 ? 6.959   -3.525  0.088   1.00 8.69  ? 801 TYR A N   1 
ATOM   588 C  CA  . TYR A 1 71 ? 8.183   -2.924  0.582   1.00 9.57  ? 801 TYR A CA  1 
ATOM   589 C  C   . TYR A 1 71 ? 9.326   -3.927  0.489   1.00 10.18 ? 801 TYR A C   1 
ATOM   590 O  O   . TYR A 1 71 ? 10.404  -3.638  0.012   1.00 11.63 ? 801 TYR A O   1 
ATOM   591 C  CB  . TYR A 1 71 ? 8.064   -2.432  2.041   1.00 10.20 ? 801 TYR A CB  1 
ATOM   592 C  CG  . TYR A 1 71 ? 9.354   -1.816  2.508   1.00 13.37 ? 801 TYR A CG  1 
ATOM   593 C  CD1 . TYR A 1 71 ? 10.288  -2.565  3.226   1.00 15.32 ? 801 TYR A CD1 1 
ATOM   594 C  CD2 . TYR A 1 71 ? 9.692   -0.522  2.142   1.00 14.92 ? 801 TYR A CD2 1 
ATOM   595 C  CE1 . TYR A 1 71 ? 11.502  -2.005  3.612   1.00 17.41 ? 801 TYR A CE1 1 
ATOM   596 C  CE2 . TYR A 1 71 ? 10.920  0.034   2.506   1.00 18.62 ? 801 TYR A CE2 1 
ATOM   597 C  CZ  . TYR A 1 71 ? 11.809  -0.711  3.227   1.00 18.29 ? 801 TYR A CZ  1 
ATOM   598 O  OH  . TYR A 1 71 ? 13.016  -0.139  3.580   1.00 23.81 ? 801 TYR A OH  1 
ATOM   599 N  N   . GLU A 1 72 ? 9.104   -5.134  0.991   1.00 9.90  ? 802 GLU A N   1 
ATOM   600 C  CA  . GLU A 1 72 ? 10.177  -6.106  1.022   1.00 10.74 ? 802 GLU A CA  1 
ATOM   601 C  C   . GLU A 1 72 ? 10.518  -6.573  -0.387  1.00 11.88 ? 802 GLU A C   1 
ATOM   602 O  O   . GLU A 1 72 ? 11.691  -6.786  -0.715  1.00 14.53 ? 802 GLU A O   1 
ATOM   603 C  CB  . GLU A 1 72 ? 9.805   -7.325  1.900   1.00 11.41 ? 802 GLU A CB  1 
ATOM   604 C  CG  . GLU A 1 72 ? 10.906  -8.293  2.126   1.00 13.26 ? 802 GLU A CG  1 
ATOM   605 C  CD  . GLU A 1 72 ? 10.609  -9.309  3.225   1.00 11.62 ? 802 GLU A CD  1 
ATOM   606 O  OE1 . GLU A 1 72 ? 10.900  -10.490 2.981   1.00 12.91 ? 802 GLU A OE1 1 
ATOM   607 O  OE2 . GLU A 1 72 ? 10.184  -8.875  4.305   1.00 13.06 ? 802 GLU A OE2 1 
ATOM   608 N  N   . THR A 1 73 ? 9.488   -6.759  -1.196  1.00 11.85 ? 803 THR A N   1 
ATOM   609 C  CA  . THR A 1 73 ? 9.662   -7.221  -2.533  1.00 14.63 ? 803 THR A CA  1 
ATOM   610 C  C   . THR A 1 73 ? 10.470  -6.200  -3.368  1.00 14.76 ? 803 THR A C   1 
ATOM   611 O  O   . THR A 1 73 ? 11.403  -6.573  -4.065  1.00 19.62 ? 803 THR A O   1 
ATOM   612 C  CB  . THR A 1 73 ? 8.281   -7.564  -3.128  1.00 16.77 ? 803 THR A CB  1 
ATOM   613 O  OG1 . THR A 1 73 ? 7.555   -8.471  -2.253  1.00 17.26 ? 803 THR A OG1 1 
ATOM   614 C  CG2 . THR A 1 73 ? 8.414   -8.185  -4.496  1.00 19.82 ? 803 THR A CG2 1 
ATOM   615 N  N   . ILE A 1 74 ? 10.117  -4.909  -3.275  1.00 14.15 ? 804 ILE A N   1 
ATOM   616 C  CA  . ILE A 1 74 ? 10.758  -3.824  -4.043  1.00 15.21 ? 804 ILE A CA  1 
ATOM   617 C  C   . ILE A 1 74 ? 12.115  -3.413  -3.486  1.00 17.97 ? 804 ILE A C   1 
ATOM   618 O  O   . ILE A 1 74 ? 13.065  -3.186  -4.267  1.00 19.85 ? 804 ILE A O   1 
ATOM   619 C  CB  . ILE A 1 74 ? 9.853   -2.588  -4.128  1.00 16.06 ? 804 ILE A CB  1 
ATOM   620 C  CG1 . ILE A 1 74 ? 8.602   -2.975  -4.875  1.00 16.83 ? 804 ILE A CG1 1 
ATOM   621 C  CG2 . ILE A 1 74 ? 10.578  -1.415  -4.829  1.00 21.61 ? 804 ILE A CG2 1 
ATOM   622 C  CD1 . ILE A 1 74 ? 7.482   -1.980  -4.799  1.00 19.41 ? 804 ILE A CD1 1 
ATOM   623 N  N   A SER A 1 75 ? 12.238  -3.279  -2.168  0.50 19.32 ? 805 SER A N   1 
ATOM   624 N  N   B SER A 1 75 ? 12.223  -3.275  -2.165  0.50 19.63 ? 805 SER A N   1 
ATOM   625 C  CA  A SER A 1 75 ? 13.500  -2.822  -1.584  0.50 23.97 ? 805 SER A CA  1 
ATOM   626 C  CA  B SER A 1 75 ? 13.491  -2.894  -1.535  0.50 24.21 ? 805 SER A CA  1 
ATOM   627 C  C   A SER A 1 75 ? 14.617  -3.872  -1.792  0.50 25.49 ? 805 SER A C   1 
ATOM   628 C  C   B SER A 1 75 ? 14.582  -3.859  -1.948  0.50 23.77 ? 805 SER A C   1 
ATOM   629 O  O   A SER A 1 75 ? 15.802  -3.515  -1.815  0.50 36.52 ? 805 SER A O   1 
ATOM   630 O  O   B SER A 1 75 ? 15.703  -3.440  -2.288  0.50 25.03 ? 805 SER A O   1 
ATOM   631 C  CB  A SER A 1 75 ? 13.336  -2.430  -0.102  0.50 25.08 ? 805 SER A CB  1 
ATOM   632 C  CB  B SER A 1 75 ? 13.372  -2.885  -0.012  0.50 25.96 ? 805 SER A CB  1 
ATOM   633 O  OG  A SER A 1 75 ? 13.009  -3.536  0.707   0.50 22.48 ? 805 SER A OG  1 
ATOM   634 O  OG  B SER A 1 75 ? 12.608  -1.779  0.404   0.50 26.45 ? 805 SER A OG  1 
ATOM   635 N  N   . LYS A 1 76 ? 14.251  -5.149  -1.957  1.00 24.82 ? 806 LYS A N   1 
ATOM   636 C  CA  . LYS A 1 76 ? 15.215  -6.199  -2.342  1.00 31.47 ? 806 LYS A CA  1 
ATOM   637 C  C   . LYS A 1 76 ? 15.613  -6.046  -3.820  1.00 33.82 ? 806 LYS A C   1 
ATOM   638 O  O   . LYS A 1 76 ? 16.813  -6.076  -4.150  1.00 38.94 ? 806 LYS A O   1 
ATOM   639 C  CB  . LYS A 1 76 ? 14.633  -7.591  -2.103  1.00 44.48 ? 806 LYS A CB  1 
ATOM   640 N  N   . ALA A 1 77 ? 14.619  -5.870  -4.694  1.00 34.12 ? 807 ALA A N   1 
ATOM   641 C  CA  . ALA A 1 77 ? 14.844  -5.642  -6.133  1.00 42.63 ? 807 ALA A CA  1 
ATOM   642 C  C   . ALA A 1 77 ? 15.709  -4.401  -6.406  1.00 43.25 ? 807 ALA A C   1 
ATOM   643 O  O   . ALA A 1 77 ? 16.369  -4.321  -7.445  1.00 54.93 ? 807 ALA A O   1 
ATOM   644 C  CB  . ALA A 1 77 ? 13.506  -5.531  -6.875  1.00 44.20 ? 807 ALA A CB  1 
ATOM   645 N  N   . GLN A 1 78 ? 15.718  -3.449  -5.474  1.00 37.85 ? 808 GLN A N   1 
ATOM   646 C  CA  . GLN A 1 78 ? 16.570  -2.255  -5.580  1.00 46.07 ? 808 GLN A CA  1 
ATOM   647 C  C   . GLN A 1 78 ? 17.955  -2.442  -4.945  1.00 50.23 ? 808 GLN A C   1 
ATOM   648 O  O   . GLN A 1 78 ? 18.244  -3.470  -4.322  1.00 49.73 ? 808 GLN A O   1 
ATOM   649 C  CB  . GLN A 1 78 ? 15.870  -1.062  -4.942  1.00 44.94 ? 808 GLN A CB  1 
ATOM   650 C  CG  . GLN A 1 78 ? 14.638  -0.624  -5.701  1.00 44.73 ? 808 GLN A CG  1 
ATOM   651 C  CD  . GLN A 1 78 ? 13.883  0.496   -5.015  1.00 47.65 ? 808 GLN A CD  1 
ATOM   652 O  OE1 . GLN A 1 78 ? 14.116  0.806   -3.841  1.00 52.49 ? 808 GLN A OE1 1 
ATOM   653 N  NE2 . GLN A 1 78 ? 12.967  1.111   -5.747  1.00 31.01 ? 808 GLN A NE2 1 
HETATM 654 ZN ZN  . ZN  B 2 .  ? -3.220  -4.004  8.778   1.00 6.43  ? 1   ZN  A ZN  1 
HETATM 655 ZN ZN  . ZN  C 2 .  ? 1.428   -3.328  -1.829  1.00 6.90  ? 2   ZN  A ZN  1 
HETATM 656 C  C1  . EDO D 3 .  ? -5.560  -10.624 4.037   1.00 28.08 ? 821 EDO A C1  1 
HETATM 657 O  O1  . EDO D 3 .  ? -4.467  -11.519 3.754   1.00 40.56 ? 821 EDO A O1  1 
HETATM 658 C  C2  . EDO D 3 .  ? -6.854  -11.387 3.949   1.00 22.67 ? 821 EDO A C2  1 
HETATM 659 O  O2  . EDO D 3 .  ? -8.032  -10.637 4.046   1.00 27.87 ? 821 EDO A O2  1 
HETATM 660 O  O   . HOH E 4 .  ? -14.892 -0.781  7.894   1.00 14.49 ? 3   HOH A O   1 
HETATM 661 O  O   . HOH E 4 .  ? -4.746  2.773   10.004  1.00 13.71 ? 4   HOH A O   1 
HETATM 662 O  O   . HOH E 4 .  ? -15.837 3.711   13.713  1.00 11.76 ? 5   HOH A O   1 
HETATM 663 O  O   . HOH E 4 .  ? 5.055   -0.506  4.861   1.00 14.81 ? 6   HOH A O   1 
HETATM 664 O  O   . HOH E 4 .  ? -10.423 5.570   6.106   1.00 14.96 ? 7   HOH A O   1 
HETATM 665 O  O   . HOH E 4 .  ? 3.249   -0.682  -9.203  1.00 14.62 ? 8   HOH A O   1 
HETATM 666 O  O   . HOH E 4 .  ? -10.550 1.551   15.873  1.00 13.95 ? 9   HOH A O   1 
HETATM 667 O  O   . HOH E 4 .  ? -5.578  -4.380  -8.982  1.00 16.12 ? 10  HOH A O   1 
HETATM 668 O  O   . HOH E 4 .  ? 4.578   -1.451  11.201  1.00 18.68 ? 11  HOH A O   1 
HETATM 669 O  O   . HOH E 4 .  ? -0.984  -10.140 2.901   1.00 15.79 ? 12  HOH A O   1 
HETATM 670 O  O   . HOH E 4 .  ? -11.232 -2.387  13.988  1.00 12.99 ? 13  HOH A O   1 
HETATM 671 O  O   . HOH E 4 .  ? 8.063   -5.020  4.939   1.00 19.56 ? 14  HOH A O   1 
HETATM 672 O  O   . HOH E 4 .  ? -15.784 -5.523  8.108   1.00 21.52 ? 15  HOH A O   1 
HETATM 673 O  O   . HOH E 4 .  ? -0.662  5.436   -7.438  1.00 15.54 ? 16  HOH A O   1 
HETATM 674 O  O   . HOH E 4 .  ? -2.015  7.227   2.818   1.00 20.89 ? 17  HOH A O   1 
HETATM 675 O  O   . HOH E 4 .  ? 9.879   0.574   -8.831  1.00 26.20 ? 18  HOH A O   1 
HETATM 676 O  O   . HOH E 4 .  ? -8.390  7.397   0.427   1.00 16.53 ? 19  HOH A O   1 
HETATM 677 O  O   . HOH E 4 .  ? 2.896   8.207   -0.736  1.00 22.91 ? 21  HOH A O   1 
HETATM 678 O  O   . HOH E 4 .  ? -3.584  -3.194  -10.460 1.00 15.33 ? 22  HOH A O   1 
HETATM 679 O  O   . HOH E 4 .  ? -11.872 5.324   8.404   1.00 31.11 ? 23  HOH A O   1 
HETATM 680 O  O   . HOH E 4 .  ? -14.714 5.332   -2.106  1.00 21.93 ? 24  HOH A O   1 
HETATM 681 O  O   . HOH E 4 .  ? -2.916  8.996   -10.947 1.00 22.10 ? 25  HOH A O   1 
HETATM 682 O  O   . HOH E 4 .  ? -2.070  2.305   -14.703 1.00 25.43 ? 26  HOH A O   1 
HETATM 683 O  O   . HOH E 4 .  ? -16.265 1.070   10.803  1.00 17.83 ? 27  HOH A O   1 
HETATM 684 O  O   . HOH E 4 .  ? 1.849   4.212   -14.772 1.00 24.62 ? 28  HOH A O   1 
HETATM 685 O  O   . HOH E 4 .  ? 10.338  -2.195  -13.423 1.00 29.62 ? 31  HOH A O   1 
HETATM 686 O  O   . HOH E 4 .  ? 0.130   7.993   -6.680  1.00 21.64 ? 32  HOH A O   1 
HETATM 687 O  O   . HOH E 4 .  ? -15.597 0.250   3.030   1.00 22.68 ? 33  HOH A O   1 
HETATM 688 O  O   . HOH E 4 .  ? -2.173  -5.322  -7.374  1.00 24.65 ? 34  HOH A O   1 
HETATM 689 O  O   . HOH E 4 .  ? 0.368   8.899   -4.372  1.00 24.48 ? 35  HOH A O   1 
HETATM 690 O  O   . HOH E 4 .  ? 13.619  2.868   -2.457  1.00 31.44 ? 36  HOH A O   1 
HETATM 691 O  O   . HOH E 4 .  ? 7.218   -2.311  5.588   1.00 21.28 ? 37  HOH A O   1 
HETATM 692 O  O   . HOH E 4 .  ? 6.985   -4.706  7.867   1.00 27.52 ? 38  HOH A O   1 
HETATM 693 O  O   . HOH E 4 .  ? -18.382 1.024   -4.275  1.00 31.39 ? 39  HOH A O   1 
HETATM 694 O  O   . HOH E 4 .  ? -7.527  7.685   4.877   1.00 28.63 ? 41  HOH A O   1 
HETATM 695 O  O   . HOH E 4 .  ? 9.559   -1.315  -10.914 1.00 29.36 ? 42  HOH A O   1 
HETATM 696 O  O   . HOH E 4 .  ? -5.360  8.197   -11.101 1.00 15.65 ? 43  HOH A O   1 
HETATM 697 O  O   . HOH E 4 .  ? 12.344  -0.077  -7.946  1.00 35.75 ? 44  HOH A O   1 
HETATM 698 O  O   . HOH E 4 .  ? 2.258   -7.216  -3.740  1.00 20.93 ? 45  HOH A O   1 
HETATM 699 O  O   . HOH E 4 .  ? -4.909  -7.370  -6.684  1.00 33.39 ? 46  HOH A O   1 
HETATM 700 O  O   . HOH E 4 .  ? 5.633   -5.985  -18.348 1.00 44.03 ? 47  HOH A O   1 
HETATM 701 O  O   . HOH E 4 .  ? 4.405   -2.192  -17.278 1.00 38.86 ? 50  HOH A O   1 
HETATM 702 O  O   . HOH E 4 .  ? -4.164  4.221   -13.419 1.00 36.29 ? 52  HOH A O   1 
HETATM 703 O  O   . HOH E 4 .  ? -4.479  -2.714  -13.253 1.00 35.51 ? 54  HOH A O   1 
HETATM 704 O  O   . HOH E 4 .  ? -11.623 -1.184  -8.460  1.00 22.31 ? 55  HOH A O   1 
HETATM 705 O  O   . HOH E 4 .  ? -11.760 6.574   3.710   1.00 37.85 ? 57  HOH A O   1 
HETATM 706 O  O   . HOH E 4 .  ? -14.624 3.543   8.355   1.00 38.79 ? 58  HOH A O   1 
HETATM 707 O  O   . HOH E 4 .  ? -16.293 6.186   10.555  1.00 33.71 ? 59  HOH A O   1 
HETATM 708 O  O   . HOH E 4 .  ? -17.407 -1.984  1.937   1.00 37.34 ? 60  HOH A O   1 
HETATM 709 O  O   . HOH E 4 .  ? -16.223 -4.973  -0.021  1.00 40.75 ? 61  HOH A O   1 
HETATM 710 O  O   . HOH E 4 .  ? -11.530 -7.538  2.780   1.00 35.99 ? 62  HOH A O   1 
HETATM 711 O  O   . HOH E 4 .  ? -8.607  -8.476  4.608   1.00 19.48 ? 63  HOH A O   1 
HETATM 712 O  O   . HOH E 4 .  ? -11.541 -9.646  6.499   1.00 43.91 ? 64  HOH A O   1 
HETATM 713 O  O   . HOH E 4 .  ? -11.825 -9.702  9.258   0.50 27.44 ? 65  HOH A O   1 
HETATM 714 O  O   . HOH E 4 .  ? -2.657  1.718   12.164  1.00 26.77 ? 66  HOH A O   1 
HETATM 715 O  O   . HOH E 4 .  ? -2.715  5.589   10.059  1.00 35.80 ? 67  HOH A O   1 
HETATM 716 O  O   . HOH E 4 .  ? -5.089  5.114   11.575  1.00 30.61 ? 68  HOH A O   1 
HETATM 717 O  O   . HOH E 4 .  ? -2.926  9.665   3.873   1.00 39.02 ? 69  HOH A O   1 
HETATM 718 O  O   . HOH E 4 .  ? -1.311  9.861   1.134   1.00 26.22 ? 70  HOH A O   1 
HETATM 719 O  O   . HOH E 4 .  ? 1.258   8.676   2.060   1.00 36.67 ? 71  HOH A O   1 
HETATM 720 O  O   . HOH E 4 .  ? 0.309   -7.524  -5.633  1.00 38.43 ? 74  HOH A O   1 
HETATM 721 O  O   . HOH E 4 .  ? 4.352   -0.819  7.238   1.00 24.29 ? 75  HOH A O   1 
HETATM 722 O  O   . HOH E 4 .  ? 7.510   0.264   9.570   1.00 43.71 ? 76  HOH A O   1 
HETATM 723 O  O   . HOH E 4 .  ? 10.693  11.539  -3.098  1.00 43.04 ? 77  HOH A O   1 
HETATM 724 O  O   . HOH E 4 .  ? 2.332   9.338   -3.534  1.00 39.36 ? 78  HOH A O   1 
HETATM 725 O  O   . HOH E 4 .  ? 12.805  -5.582  4.245   1.00 33.52 ? 79  HOH A O   1 
HETATM 726 O  O   . HOH E 4 .  ? -3.744  -7.967  -10.715 1.00 32.19 ? 80  HOH A O   1 
HETATM 727 O  O   . HOH E 4 .  ? -2.469  -6.768  -12.143 1.00 42.35 ? 81  HOH A O   1 
HETATM 728 O  O   . HOH E 4 .  ? -4.945  -0.886  -13.627 1.00 29.80 ? 82  HOH A O   1 
HETATM 729 O  O   . HOH E 4 .  ? 3.263   -9.696  -4.274  1.00 36.13 ? 83  HOH A O   1 
HETATM 730 O  O   . HOH E 4 .  ? 8.229   2.061   -15.354 1.00 36.23 ? 84  HOH A O   1 
HETATM 731 O  O   . HOH E 4 .  ? -0.553  4.248   -15.915 1.00 31.99 ? 85  HOH A O   1 
HETATM 732 O  O   . HOH E 4 .  ? -18.179 -0.455  -6.193  1.00 35.97 ? 88  HOH A O   1 
HETATM 733 O  O   . HOH E 4 .  ? -14.030 -7.758  4.914   1.00 34.25 ? 89  HOH A O   1 
HETATM 734 O  O   . HOH E 4 .  ? -1.057  -8.264  2.253   1.00 29.92 ? 90  HOH A O   1 
HETATM 735 O  O   . HOH E 4 .  ? -7.830  -15.522 6.568   1.00 34.36 ? 91  HOH A O   1 
HETATM 736 O  O   . HOH E 4 .  ? -12.269 8.453   9.514   1.00 38.22 ? 92  HOH A O   1 
HETATM 737 O  O   . HOH E 4 .  ? 4.200   0.471   13.086  1.00 38.09 ? 94  HOH A O   1 
HETATM 738 O  O   . HOH E 4 .  ? 2.146   12.529  -6.825  1.00 44.53 ? 95  HOH A O   1 
HETATM 739 O  O   . HOH E 4 .  ? -17.866 1.578   -11.960 1.00 20.87 ? 96  HOH A O   1 
HETATM 740 O  O   . HOH E 4 .  ? 14.020  -6.675  0.905   1.00 40.27 ? 97  HOH A O   1 
HETATM 741 O  O   . HOH E 4 .  ? 3.954   -3.768  -15.234 1.00 47.61 ? 98  HOH A O   1 
HETATM 742 O  O   . HOH E 4 .  ? -14.377 -0.242  -8.564  1.00 36.45 ? 99  HOH A O   1 
HETATM 743 O  O   . HOH E 4 .  ? -15.648 -0.173  -10.668 1.00 24.43 ? 100 HOH A O   1 
HETATM 744 O  O   . HOH E 4 .  ? -5.384  -3.278  -6.348  1.00 9.67  ? 822 HOH A O   1 
HETATM 745 O  O   . HOH E 4 .  ? -11.243 -4.751  2.636   1.00 10.28 ? 823 HOH A O   1 
# 
loop_
_atom_site_anisotrop.id 
_atom_site_anisotrop.type_symbol 
_atom_site_anisotrop.pdbx_label_atom_id 
_atom_site_anisotrop.pdbx_label_alt_id 
_atom_site_anisotrop.pdbx_label_comp_id 
_atom_site_anisotrop.pdbx_label_asym_id 
_atom_site_anisotrop.pdbx_label_seq_id 
_atom_site_anisotrop.pdbx_PDB_ins_code 
_atom_site_anisotrop.U[1][1] 
_atom_site_anisotrop.U[2][2] 
_atom_site_anisotrop.U[3][3] 
_atom_site_anisotrop.U[1][2] 
_atom_site_anisotrop.U[1][3] 
_atom_site_anisotrop.U[2][3] 
_atom_site_anisotrop.pdbx_auth_seq_id 
_atom_site_anisotrop.pdbx_auth_comp_id 
_atom_site_anisotrop.pdbx_auth_asym_id 
_atom_site_anisotrop.pdbx_auth_atom_id 
1   N  N   . LEU A 5  ? 0.7337 0.8216 0.8388 -0.1488 0.1510  -0.1238 735 LEU A N   
2   C  CA  . LEU A 5  ? 0.5934 0.6802 0.6512 -0.0934 0.1135  -0.0724 735 LEU A CA  
3   C  C   . LEU A 5  ? 0.5535 0.5531 0.5809 -0.0613 0.1407  -0.0446 735 LEU A C   
4   O  O   . LEU A 5  ? 0.6266 0.5529 0.6514 -0.0488 0.1904  -0.0258 735 LEU A O   
5   C  CB  . LEU A 5  ? 0.5087 0.6228 0.5685 -0.0667 0.0960  -0.0342 735 LEU A CB  
6   N  N   . VAL A 6  ? 0.4137 0.4258 0.4169 -0.0402 0.1172  -0.0388 736 VAL A N   
7   C  CA  . VAL A 6  ? 0.3603 0.3471 0.3449 0.0045  0.1253  -0.0089 736 VAL A CA  
8   C  C   . VAL A 6  ? 0.2567 0.2944 0.2473 0.0269  0.0964  0.0102  736 VAL A C   
9   O  O   . VAL A 6  ? 0.2325 0.3092 0.2327 0.0131  0.0703  0.0025  736 VAL A O   
10  C  CB  . VAL A 6  ? 0.3268 0.3250 0.3016 0.0107  0.1159  -0.0180 736 VAL A CB  
11  C  CG1 . VAL A 6  ? 0.3073 0.3320 0.2833 0.0561  0.1144  0.0023  736 VAL A CG1 
12  C  CG2 . VAL A 6  ? 0.3998 0.3427 0.3593 -0.0085 0.1481  -0.0434 736 VAL A CG2 
13  N  N   . LEU A 7  ? 0.3172 0.3510 0.2946 0.0683  0.1098  0.0351  737 LEU A N   
14  C  CA  . LEU A 7  ? 0.2752 0.3615 0.2540 0.0864  0.0849  0.0404  737 LEU A CA  
15  C  C   . LEU A 7  ? 0.2148 0.3635 0.2139 0.0800  0.0542  0.0136  737 LEU A C   
16  O  O   . LEU A 7  ? 0.2203 0.4054 0.2284 0.0960  0.0517  0.0017  737 LEU A O   
17  C  CB  . LEU A 7  ? 0.3222 0.4145 0.2681 0.1498  0.1044  0.0704  737 LEU A CB  
18  C  CG  . LEU A 7  ? 0.3773 0.3901 0.3081 0.1565  0.1565  0.1024  737 LEU A CG  
19  C  CD1 . LEU A 7  ? 0.4208 0.4389 0.2968 0.2474  0.1868  0.1475  737 LEU A CD1 
20  C  CD2 . LEU A 7  ? 0.3166 0.3361 0.2755 0.1126  0.1447  0.0928  737 LEU A CD2 
21  N  N   . GLY A 8  ? 0.1653 0.3228 0.1770 0.0560  0.0423  0.0027  738 GLY A N   
22  C  CA  . GLY A 8  ? 0.1600 0.3455 0.1982 0.0388  0.0383  -0.0270 738 GLY A CA  
23  C  C   . GLY A 8  ? 0.1475 0.2975 0.1921 0.0146  0.0540  -0.0257 738 GLY A C   
24  O  O   . GLY A 8  ? 0.1888 0.3300 0.2534 -0.0007 0.0740  -0.0415 738 GLY A O   
25  N  N   . GLN A 9  ? 0.1484 0.2742 0.1729 0.0137  0.0550  -0.0100 739 GLN A N   
26  C  CA  . GLN A 9  ? 0.1698 0.2781 0.1840 0.0071  0.0687  -0.0074 739 GLN A CA  
27  C  C   . GLN A 9  ? 0.1711 0.2775 0.1600 0.0157  0.0741  0.0110  739 GLN A C   
28  O  O   . GLN A 9  ? 0.2097 0.2991 0.1803 0.0300  0.0999  0.0240  739 GLN A O   
29  C  CB  . GLN A 9  ? 0.1878 0.2855 0.1866 0.0064  0.0686  -0.0119 739 GLN A CB  
30  C  CG  . GLN A 9  ? 0.2069 0.2960 0.1857 0.0099  0.0830  -0.0117 739 GLN A CG  
31  C  CD  . GLN A 9  ? 0.2135 0.2853 0.1801 0.0092  0.0891  -0.0243 739 GLN A CD  
32  O  OE1 . GLN A 9  ? 0.2226 0.2902 0.2083 0.0179  0.0972  -0.0247 739 GLN A OE1 
33  N  NE2 . GLN A 9  ? 0.2529 0.3275 0.1862 0.0044  0.0874  -0.0397 739 GLN A NE2 
34  N  N   . LYS A 10 ? 0.1701 0.2993 0.1551 0.0169  0.0580  0.0171  740 LYS A N   
35  C  CA  . LYS A 10 ? 0.1956 0.3546 0.1587 0.0384  0.0599  0.0361  740 LYS A CA  
36  C  C   . LYS A 10 ? 0.1600 0.3324 0.1366 0.0391  0.0525  0.0438  740 LYS A C   
37  O  O   . LYS A 10 ? 0.1425 0.3084 0.1397 0.0226  0.0436  0.0338  740 LYS A O   
38  C  CB  . LYS A 10 ? 0.2474 0.4727 0.1941 0.0415  0.0426  0.0229  740 LYS A CB  
39  C  CG  . LYS A 10 ? 0.2924 0.5454 0.2720 0.0027  0.0270  -0.0122 740 LYS A CG  
40  C  CD  . LYS A 10 ? 0.4184 0.7784 0.3967 -0.0027 0.0094  -0.0495 740 LYS A CD  
41  C  CE  . LYS A 10 ? 0.5027 0.9666 0.4707 0.0384  -0.0041 -0.0307 740 LYS A CE  
42  N  NZ  . LYS A 10 ? 0.5366 1.1548 0.5376 0.0203  -0.0289 -0.0871 740 LYS A NZ  
43  N  N   . GLN A 11 ? 0.1835 0.2005 0.1171 -0.0012 0.0150  0.0285  741 GLN A N   
44  C  CA  A GLN A 11 ? 0.1805 0.1889 0.1195 -0.0017 0.0127  0.0277  741 GLN A CA  
45  C  CA  B GLN A 11 ? 0.1768 0.1855 0.1158 -0.0017 0.0126  0.0276  741 GLN A CA  
46  C  C   . GLN A 11 ? 0.1620 0.1722 0.1027 0.0030  0.0066  0.0236  741 GLN A C   
47  O  O   . GLN A 11 ? 0.1726 0.1848 0.1070 0.0064  0.0038  0.0241  741 GLN A O   
48  C  CB  A GLN A 11 ? 0.2237 0.2194 0.1575 -0.0011 0.0151  0.0341  741 GLN A CB  
49  C  CB  B GLN A 11 ? 0.2078 0.2047 0.1417 -0.0009 0.0148  0.0339  741 GLN A CB  
50  C  CG  A GLN A 11 ? 0.2469 0.2324 0.1848 -0.0001 0.0144  0.0341  741 GLN A CG  
51  C  CG  B GLN A 11 ? 0.2205 0.2077 0.1585 -0.0001 0.0141  0.0338  741 GLN A CG  
52  C  CD  A GLN A 11 ? 0.2653 0.2344 0.1955 0.0022  0.0194  0.0413  741 GLN A CD  
53  C  CD  B GLN A 11 ? 0.2191 0.1911 0.1496 0.0018  0.0188  0.0408  741 GLN A CD  
54  O  OE1 A GLN A 11 ? 0.3141 0.2729 0.2374 -0.0029 0.0260  0.0446  741 GLN A OE1 
55  O  OE1 B GLN A 11 ? 0.2487 0.2068 0.1783 -0.0015 0.0232  0.0409  741 GLN A OE1 
56  N  NE2 A GLN A 11 ? 0.2653 0.2317 0.1961 0.0103  0.0172  0.0443  741 GLN A NE2 
57  N  NE2 B GLN A 11 ? 0.2597 0.2328 0.1825 0.0075  0.0190  0.0470  741 GLN A NE2 
58  N  N   . PRO A 12 ? 0.1390 0.1485 0.0868 0.0021  0.0048  0.0197  742 PRO A N   
59  C  CA  . PRO A 12 ? 0.1330 0.1428 0.0819 0.0045  -0.0001 0.0161  742 PRO A CA  
60  C  C   . PRO A 12 ? 0.1221 0.1300 0.0725 0.0061  -0.0031 0.0193  742 PRO A C   
61  O  O   . PRO A 12 ? 0.1354 0.1383 0.0868 0.0068  -0.0004 0.0238  742 PRO A O   
62  C  CB  . PRO A 12 ? 0.1362 0.1461 0.0921 0.0032  0.0004  0.0125  742 PRO A CB  
63  C  CG  . PRO A 12 ? 0.1329 0.1411 0.0927 -0.0005 0.0038  0.0148  742 PRO A CG  
64  C  CD  . PRO A 12 ? 0.1398 0.1494 0.0942 -0.0023 0.0074  0.0183  742 PRO A CD  
65  N  N   . THR A 13 ? 0.1145 0.1267 0.0647 0.0064  -0.0078 0.0169  743 THR A N   
66  C  CA  . THR A 13 ? 0.1054 0.1216 0.0605 0.0080  -0.0108 0.0195  743 THR A CA  
67  C  C   . THR A 13 ? 0.1057 0.1173 0.0691 0.0073  -0.0090 0.0183  743 THR A C   
68  O  O   . THR A 13 ? 0.1113 0.1210 0.0772 0.0045  -0.0091 0.0135  743 THR A O   
69  C  CB  . THR A 13 ? 0.1180 0.1429 0.0712 0.0052  -0.0162 0.0159  743 THR A CB  
70  O  OG1 . THR A 13 ? 0.1395 0.1705 0.0834 0.0058  -0.0184 0.0169  743 THR A OG1 
71  C  CG2 . THR A 13 ? 0.1452 0.1798 0.1062 0.0060  -0.0192 0.0183  743 THR A CG2 
72  N  N   . TRP A 14 ? 0.0932 0.1018 0.0594 0.0107  -0.0068 0.0230  744 TRP A N   
73  C  CA  . TRP A 14 ? 0.1048 0.1089 0.0773 0.0106  -0.0050 0.0219  744 TRP A CA  
74  C  C   . TRP A 14 ? 0.0962 0.1109 0.0748 0.0123  -0.0088 0.0222  744 TRP A C   
75  O  O   . TRP A 14 ? 0.1094 0.1330 0.0880 0.0168  -0.0107 0.0271  744 TRP A O   
76  C  CB  . TRP A 14 ? 0.1108 0.1033 0.0805 0.0137  0.0005  0.0260  744 TRP A CB  
77  C  CG  . TRP A 14 ? 0.1105 0.0924 0.0759 0.0084  0.0052  0.0243  744 TRP A CG  
78  C  CD1 . TRP A 14 ? 0.1353 0.1196 0.0973 0.0044  0.0056  0.0232  744 TRP A CD1 
79  C  CD2 . TRP A 14 ? 0.1308 0.0989 0.0933 0.0056  0.0106  0.0236  744 TRP A CD2 
80  N  NE1 . TRP A 14 ? 0.1425 0.1189 0.1017 -0.0019 0.0106  0.0221  744 TRP A NE1 
81  C  CE2 . TRP A 14 ? 0.1408 0.1062 0.0997 -0.0020 0.0135  0.0217  744 TRP A CE2 
82  C  CE3 . TRP A 14 ? 0.1286 0.0868 0.0905 0.0086  0.0138  0.0240  744 TRP A CE3 
83  C  CZ2 . TRP A 14 ? 0.1572 0.1098 0.1111 -0.0090 0.0191  0.0197  744 TRP A CZ2 
84  C  CZ3 . TRP A 14 ? 0.1573 0.0997 0.1127 0.0029  0.0198  0.0217  744 TRP A CZ3 
85  C  CH2 . TRP A 14 ? 0.1626 0.1027 0.1141 -0.0068 0.0220  0.0191  744 TRP A CH2 
86  N  N   . VAL A 15 ? 0.0897 0.1052 0.0736 0.0089  -0.0096 0.0179  745 VAL A N   
87  C  CA  . VAL A 15 ? 0.0895 0.1158 0.0799 0.0090  -0.0123 0.0187  745 VAL A CA  
88  C  C   . VAL A 15 ? 0.0965 0.1226 0.0902 0.0163  -0.0090 0.0239  745 VAL A C   
89  O  O   . VAL A 15 ? 0.1129 0.1269 0.1058 0.0170  -0.0046 0.0227  745 VAL A O   
90  C  CB  . VAL A 15 ? 0.0892 0.1134 0.0825 0.0037  -0.0126 0.0136  745 VAL A CB  
91  C  CG1 . VAL A 15 ? 0.1080 0.1443 0.1085 0.0025  -0.0144 0.0148  745 VAL A CG1 
92  C  CG2 . VAL A 15 ? 0.1145 0.1344 0.1014 -0.0014 -0.0140 0.0088  745 VAL A CG2 
93  N  N   . PRO A 16 ? 0.0974 0.1373 0.0940 0.0218  -0.0105 0.0295  746 PRO A N   
94  C  CA  . PRO A 16 ? 0.1161 0.1534 0.1141 0.0315  -0.0057 0.0350  746 PRO A CA  
95  C  C   . PRO A 16 ? 0.1189 0.1545 0.1227 0.0301  -0.0036 0.0319  746 PRO A C   
96  O  O   . PRO A 16 ? 0.1048 0.1505 0.1147 0.0233  -0.0070 0.0284  746 PRO A O   
97  C  CB  . PRO A 16 ? 0.1373 0.1975 0.1392 0.0381  -0.0088 0.0421  746 PRO A CB  
98  C  CG  . PRO A 16 ? 0.1426 0.2099 0.1400 0.0329  -0.0141 0.0410  746 PRO A CG  
99  C  CD  . PRO A 16 ? 0.1101 0.1687 0.1069 0.0209  -0.0161 0.0317  746 PRO A CD  
100 N  N   . ASP A 17 ? 0.1378 0.1586 0.1379 0.0360  0.0029  0.0331  747 ASP A N   
101 C  CA  . ASP A 17 ? 0.1344 0.1528 0.1379 0.0356  0.0056  0.0302  747 ASP A CA  
102 C  C   . ASP A 17 ? 0.1306 0.1722 0.1445 0.0380  0.0033  0.0334  747 ASP A C   
103 O  O   . ASP A 17 ? 0.1363 0.1822 0.1554 0.0328  0.0027  0.0300  747 ASP A O   
104 C  CB  . ASP A 17 ? 0.1496 0.1485 0.1449 0.0431  0.0138  0.0316  747 ASP A CB  
105 C  CG  . ASP A 17 ? 0.1983 0.1743 0.1830 0.0370  0.0171  0.0270  747 ASP A CG  
106 O  OD1 . ASP A 17 ? 0.2079 0.1849 0.1935 0.0280  0.0135  0.0226  747 ASP A OD1 
107 O  OD2 . ASP A 17 ? 0.2901 0.2457 0.2645 0.0417  0.0246  0.0277  747 ASP A OD2 
108 N  N   . SER A 18 ? 0.1299 0.1888 0.1471 0.0454  0.0018  0.0404  748 SER A N   
109 C  CA  . SER A 18 ? 0.1427 0.2303 0.1707 0.0462  -0.0011 0.0440  748 SER A CA  
110 C  C   . SER A 18 ? 0.1332 0.2342 0.1673 0.0316  -0.0077 0.0389  748 SER A C   
111 O  O   . SER A 18 ? 0.1680 0.2904 0.2112 0.0284  -0.0092 0.0402  748 SER A O   
112 C  CB  . SER A 18 ? 0.1604 0.2681 0.1901 0.0573  -0.0020 0.0533  748 SER A CB  
113 O  OG  . SER A 18 ? 0.1713 0.2817 0.1967 0.0528  -0.0073 0.0531  748 SER A OG  
114 N  N   A GLU A 19 ? 0.1032 0.1911 0.1312 0.0229  -0.0107 0.0332  749 GLU A N   
115 N  N   B GLU A 19 ? 0.1083 0.1963 0.1365 0.0227  -0.0106 0.0331  749 GLU A N   
116 C  CA  A GLU A 19 ? 0.1044 0.1953 0.1328 0.0093  -0.0152 0.0273  749 GLU A CA  
117 C  CA  B GLU A 19 ? 0.1238 0.2175 0.1533 0.0096  -0.0152 0.0278  749 GLU A CA  
118 C  C   A GLU A 19 ? 0.1125 0.1820 0.1368 0.0042  -0.0126 0.0212  749 GLU A C   
119 C  C   B GLU A 19 ? 0.1336 0.2078 0.1602 0.0040  -0.0127 0.0220  749 GLU A C   
120 O  O   A GLU A 19 ? 0.1033 0.1656 0.1227 -0.0041 -0.0146 0.0164  749 GLU A O   
121 O  O   B GLU A 19 ? 0.1327 0.2067 0.1586 -0.0057 -0.0143 0.0180  749 GLU A O   
122 C  CB  A GLU A 19 ? 0.1194 0.2105 0.1411 0.0051  -0.0196 0.0255  749 GLU A CB  
123 C  CB  B GLU A 19 ? 0.1588 0.2530 0.1816 0.0051  -0.0198 0.0260  749 GLU A CB  
124 C  CG  A GLU A 19 ? 0.1345 0.2503 0.1588 0.0075  -0.0238 0.0307  749 GLU A CG  
125 C  CG  B GLU A 19 ? 0.2053 0.3240 0.2309 0.0099  -0.0234 0.0324  749 GLU A CG  
126 C  CD  A GLU A 19 ? 0.1798 0.2945 0.1953 0.0019  -0.0281 0.0277  749 GLU A CD  
127 C  CD  B GLU A 19 ? 0.2169 0.3368 0.2342 0.0057  -0.0278 0.0305  749 GLU A CD  
128 O  OE1 A GLU A 19 ? 0.2323 0.3315 0.2413 -0.0076 -0.0286 0.0203  749 GLU A OE1 
129 O  OE1 B GLU A 19 ? 0.3206 0.4228 0.3303 -0.0020 -0.0282 0.0236  749 GLU A OE1 
130 O  OE2 A GLU A 19 ? 0.2671 0.3955 0.2811 0.0081  -0.0303 0.0331  749 GLU A OE2 
131 O  OE2 B GLU A 19 ? 0.3736 0.5134 0.3916 0.0111  -0.0308 0.0364  749 GLU A OE2 
132 N  N   A ALA A 20 ? 0.0844 0.1440 0.1090 0.0095  -0.0079 0.0215  750 ALA A N   
133 N  N   B ALA A 20 ? 0.1119 0.1702 0.1356 0.0101  -0.0080 0.0215  750 ALA A N   
134 C  CA  A ALA A 20 ? 0.0930 0.1352 0.1127 0.0066  -0.0056 0.0167  750 ALA A CA  
135 C  CA  B ALA A 20 ? 0.1112 0.1539 0.1310 0.0063  -0.0059 0.0167  750 ALA A CA  
136 C  C   A ALA A 20 ? 0.0826 0.1237 0.1052 0.0087  -0.0018 0.0169  750 ALA A C   
137 C  C   B ALA A 20 ? 0.0976 0.1398 0.1206 0.0090  -0.0019 0.0172  750 ALA A C   
138 O  O   A ALA A 20 ? 0.0746 0.1054 0.0935 0.0136  0.0019  0.0162  750 ALA A O   
139 O  O   B ALA A 20 ? 0.1179 0.1513 0.1379 0.0145  0.0020  0.0171  750 ALA A O   
140 C  CB  A ALA A 20 ? 0.0951 0.1233 0.1078 0.0101  -0.0039 0.0158  750 ALA A CB  
141 C  CB  B ALA A 20 ? 0.1337 0.1619 0.1464 0.0083  -0.0045 0.0149  750 ALA A CB  
142 N  N   . PRO A 21 ? 0.0861 0.1366 0.1137 0.0042  -0.0021 0.0173  751 PRO A N   
143 C  CA  . PRO A 21 ? 0.0900 0.1417 0.1204 0.0069  0.0019  0.0181  751 PRO A CA  
144 C  C   . PRO A 21 ? 0.0800 0.1171 0.1043 0.0056  0.0042  0.0145  751 PRO A C   
145 O  O   . PRO A 21 ? 0.0761 0.1122 0.1001 0.0091  0.0078  0.0146  751 PRO A O   
146 C  CB  . PRO A 21 ? 0.1077 0.1758 0.1453 0.0005  0.0008  0.0202  751 PRO A CB  
147 C  CG  . PRO A 21 ? 0.1242 0.1902 0.1587 -0.0084 -0.0033 0.0177  751 PRO A CG  
148 C  CD  . PRO A 21 ? 0.1015 0.1638 0.1324 -0.0042 -0.0058 0.0174  751 PRO A CD  
149 N  N   . ASN A 22 ? 0.0738 0.1020 0.0929 0.0015  0.0023  0.0118  752 ASN A N   
150 C  CA  . ASN A 22 ? 0.0776 0.0968 0.0911 0.0014  0.0040  0.0099  752 ASN A CA  
151 C  C   . ASN A 22 ? 0.0697 0.0817 0.0776 0.0020  0.0027  0.0075  752 ASN A C   
152 O  O   . ASN A 22 ? 0.0874 0.0983 0.0941 0.0005  0.0004  0.0069  752 ASN A O   
153 C  CB  . ASN A 22 ? 0.0960 0.1126 0.1081 -0.0034 0.0048  0.0106  752 ASN A CB  
154 C  CG  . ASN A 22 ? 0.0985 0.1239 0.1162 -0.0055 0.0069  0.0134  752 ASN A CG  
155 O  OD1 . ASN A 22 ? 0.1166 0.1534 0.1407 -0.0089 0.0053  0.0148  752 ASN A OD1 
156 N  ND2 . ASN A 22 ? 0.0916 0.1146 0.1073 -0.0039 0.0104  0.0146  752 ASN A ND2 
157 N  N   . CYS A 23 ? 0.0732 0.0831 0.0774 0.0040  0.0043  0.0062  753 CYS A N   
158 C  CA  . CYS A 23 ? 0.0729 0.0812 0.0727 0.0046  0.0034  0.0047  753 CYS A CA  
159 C  C   . CYS A 23 ? 0.0700 0.0733 0.0664 0.0043  0.0029  0.0052  753 CYS A C   
160 O  O   . CYS A 23 ? 0.0835 0.0822 0.0773 0.0046  0.0045  0.0066  753 CYS A O   
161 C  CB  . CYS A 23 ? 0.0683 0.0810 0.0654 0.0063  0.0049  0.0039  753 CYS A CB  
162 S  SG  . CYS A 23 ? 0.0743 0.0928 0.0676 0.0074  0.0040  0.0031  753 CYS A SG  
163 N  N   . MET A 24 ? 0.0706 0.0726 0.0648 0.0040  0.0013  0.0041  754 MET A N   
164 C  CA  . MET A 24 ? 0.0831 0.0777 0.0715 0.0040  0.0013  0.0037  754 MET A CA  
165 C  C   . MET A 24 ? 0.0996 0.0920 0.0818 0.0096  0.0041  0.0047  754 MET A C   
166 O  O   . MET A 24 ? 0.1458 0.1288 0.1203 0.0115  0.0057  0.0042  754 MET A O   
167 C  CB  . MET A 24 ? 0.0872 0.0824 0.0751 0.0020  -0.0011 0.0025  754 MET A CB  
168 C  CG  . MET A 24 ? 0.0867 0.0863 0.0799 -0.0017 -0.0034 0.0032  754 MET A CG  
169 S  SD  . MET A 24 ? 0.0973 0.1000 0.0891 -0.0027 -0.0064 0.0032  754 MET A SD  
170 C  CE  . MET A 24 ? 0.1358 0.1495 0.1357 -0.0033 -0.0082 0.0063  754 MET A CE  
171 N  N   . ASN A 25 ? 0.0832 0.0846 0.0672 0.0129  0.0051  0.0059  755 ASN A N   
172 C  CA  . ASN A 25 ? 0.0888 0.0920 0.0674 0.0204  0.0079  0.0086  755 ASN A CA  
173 C  C   . ASN A 25 ? 0.0969 0.0969 0.0737 0.0226  0.0103  0.0112  755 ASN A C   
174 O  O   . ASN A 25 ? 0.1204 0.1072 0.0894 0.0265  0.0141  0.0138  755 ASN A O   
175 C  CB  . ASN A 25 ? 0.0748 0.0961 0.0560 0.0226  0.0071  0.0088  755 ASN A CB  
176 C  CG  . ASN A 25 ? 0.0914 0.1200 0.0674 0.0326  0.0100  0.0131  755 ASN A CG  
177 O  OD1 . ASN A 25 ? 0.1017 0.1205 0.0705 0.0392  0.0132  0.0150  755 ASN A OD1 
178 N  ND2 . ASN A 25 ? 0.0893 0.1344 0.0673 0.0345  0.0097  0.0148  755 ASN A ND2 
179 N  N   . CYS A 26 ? 0.0885 0.0979 0.0705 0.0203  0.0092  0.0110  756 CYS A N   
180 C  CA  . CYS A 26 ? 0.0939 0.1041 0.0735 0.0238  0.0117  0.0141  756 CYS A CA  
181 C  C   . CYS A 26 ? 0.0894 0.0904 0.0708 0.0190  0.0129  0.0144  756 CYS A C   
182 O  O   . CYS A 26 ? 0.0973 0.0965 0.0755 0.0215  0.0158  0.0178  756 CYS A O   
183 C  CB  . CYS A 26 ? 0.0952 0.1230 0.0770 0.0244  0.0104  0.0135  756 CYS A CB  
184 S  SG  . CYS A 26 ? 0.0849 0.1146 0.0727 0.0160  0.0084  0.0083  756 CYS A SG  
185 N  N   . GLN A 27 ? 0.0930 0.0908 0.0793 0.0127  0.0108  0.0118  757 GLN A N   
186 C  CA  . GLN A 27 ? 0.0930 0.0874 0.0829 0.0072  0.0116  0.0124  757 GLN A CA  
187 C  C   . GLN A 27 ? 0.0825 0.0868 0.0783 0.0070  0.0119  0.0126  757 GLN A C   
188 O  O   . GLN A 27 ? 0.0870 0.0930 0.0872 0.0033  0.0128  0.0138  757 GLN A O   
189 C  CB  . GLN A 27 ? 0.1064 0.0873 0.0891 0.0058  0.0157  0.0153  757 GLN A CB  
190 C  CG  . GLN A 27 ? 0.1397 0.1056 0.1128 0.0064  0.0169  0.0145  757 GLN A CG  
191 C  CD  . GLN A 27 ? 0.1603 0.1066 0.1233 0.0027  0.0220  0.0162  757 GLN A CD  
192 O  OE1 . GLN A 27 ? 0.1785 0.1212 0.1399 0.0016  0.0256  0.0195  757 GLN A OE1 
193 N  NE2 . GLN A 27 ? 0.2705 0.2005 0.2235 0.0015  0.0234  0.0139  757 GLN A NE2 
194 N  N   . VAL A 28 ? 0.0764 0.0878 0.0719 0.0100  0.0114  0.0111  758 VAL A N   
195 C  CA  . VAL A 28 ? 0.0720 0.0893 0.0702 0.0102  0.0127  0.0102  758 VAL A CA  
196 C  C   . VAL A 28 ? 0.0636 0.0815 0.0679 0.0082  0.0119  0.0094  758 VAL A C   
197 O  O   . VAL A 28 ? 0.0757 0.0917 0.0813 0.0070  0.0096  0.0081  758 VAL A O   
198 C  CB  . VAL A 28 ? 0.0728 0.0957 0.0666 0.0116  0.0123  0.0071  758 VAL A CB  
199 C  CG1 . VAL A 28 ? 0.0885 0.1102 0.0824 0.0089  0.0102  0.0031  758 VAL A CG1 
200 C  CG2 . VAL A 28 ? 0.0872 0.1134 0.0793 0.0126  0.0151  0.0063  758 VAL A CG2 
201 N  N   . LYS A 29 ? 0.0705 0.0930 0.0782 0.0091  0.0145  0.0110  759 LYS A N   
202 C  CA  . LYS A 29 ? 0.0781 0.1048 0.0915 0.0101  0.0147  0.0117  759 LYS A CA  
203 C  C   . LYS A 29 ? 0.0713 0.0931 0.0807 0.0138  0.0160  0.0088  759 LYS A C   
204 O  O   . LYS A 29 ? 0.0854 0.1041 0.0886 0.0152  0.0184  0.0060  759 LYS A O   
205 C  CB  . LYS A 29 ? 0.0886 0.1247 0.1073 0.0108  0.0179  0.0153  759 LYS A CB  
206 C  CG  . LYS A 29 ? 0.0943 0.1407 0.1205 0.0135  0.0182  0.0178  759 LYS A CG  
207 C  CD  . LYS A 29 ? 0.1421 0.2028 0.1749 0.0139  0.0216  0.0220  759 LYS A CD  
208 C  CE  . LYS A 29 ? 0.1602 0.2370 0.2015 0.0180  0.0217  0.0259  759 LYS A CE  
209 N  NZ  . LYS A 29 ? 0.2862 0.3685 0.3317 0.0133  0.0163  0.0264  759 LYS A NZ  
210 N  N   . PHE A 30 ? 0.0751 0.0949 0.0861 0.0151  0.0148  0.0091  760 PHE A N   
211 C  CA  . PHE A 30 ? 0.0822 0.0928 0.0871 0.0189  0.0178  0.0071  760 PHE A CA  
212 C  C   . PHE A 30 ? 0.0897 0.1022 0.0946 0.0256  0.0230  0.0089  760 PHE A C   
213 O  O   . PHE A 30 ? 0.1097 0.1356 0.1233 0.0285  0.0233  0.0137  760 PHE A O   
214 C  CB  . PHE A 30 ? 0.0891 0.0960 0.0943 0.0198  0.0161  0.0085  760 PHE A CB  
215 C  CG  . PHE A 30 ? 0.0866 0.0910 0.0902 0.0138  0.0120  0.0064  760 PHE A CG  
216 C  CD1 . PHE A 30 ? 0.0893 0.0871 0.0862 0.0099  0.0125  0.0021  760 PHE A CD1 
217 C  CD2 . PHE A 30 ? 0.0866 0.0969 0.0950 0.0119  0.0081  0.0085  760 PHE A CD2 
218 C  CE1 . PHE A 30 ? 0.1015 0.1009 0.0980 0.0059  0.0093  0.0010  760 PHE A CE1 
219 C  CE2 . PHE A 30 ? 0.1012 0.1089 0.1071 0.0081  0.0053  0.0066  760 PHE A CE2 
220 C  CZ  . PHE A 30 ? 0.0941 0.0971 0.0948 0.0059  0.0062  0.0034  760 PHE A CZ  
221 N  N   . THR A 31 ? 0.1070 0.1069 0.1016 0.0277  0.0276  0.0050  761 THR A N   
222 C  CA  . THR A 31 ? 0.1205 0.1183 0.1113 0.0355  0.0341  0.0057  761 THR A CA  
223 C  C   . THR A 31 ? 0.1466 0.1227 0.1239 0.0393  0.0399  0.0025  761 THR A C   
224 O  O   . THR A 31 ? 0.1516 0.1165 0.1242 0.0349  0.0383  0.0004  761 THR A O   
225 C  CB  . THR A 31 ? 0.1366 0.1368 0.1232 0.0333  0.0359  0.0026  761 THR A CB  
226 O  OG1 . THR A 31 ? 0.1519 0.1394 0.1263 0.0272  0.0359  -0.0047 761 THR A OG1 
227 C  CG2 . THR A 31 ? 0.1436 0.1604 0.1403 0.0292  0.0317  0.0061  761 THR A CG2 
228 N  N   . PHE A 32 ? 0.1483 0.1165 0.1178 0.0474  0.0474  0.0021  762 PHE A N   
229 C  CA  . PHE A 32 ? 0.1796 0.1214 0.1326 0.0519  0.0550  -0.0011 762 PHE A CA  
230 C  C   . PHE A 32 ? 0.1902 0.1149 0.1305 0.0391  0.0539  -0.0099 762 PHE A C   
231 O  O   . PHE A 32 ? 0.2343 0.1365 0.1627 0.0377  0.0578  -0.0120 762 PHE A O   
232 C  CB  . PHE A 32 ? 0.1930 0.1282 0.1370 0.0620  0.0639  -0.0016 762 PHE A CB  
233 C  CG  . PHE A 32 ? 0.2415 0.1459 0.1663 0.0701  0.0741  -0.0035 762 PHE A CG  
234 C  CD1 . PHE A 32 ? 0.2824 0.1864 0.2090 0.0857  0.0795  0.0050  762 PHE A CD1 
235 C  CD2 . PHE A 32 ? 0.2836 0.1594 0.1867 0.0624  0.0793  -0.0136 762 PHE A CD2 
236 C  CE1 . PHE A 32 ? 0.3489 0.2199 0.2548 0.0959  0.0909  0.0043  762 PHE A CE1 
237 C  CE2 . PHE A 32 ? 0.3383 0.1796 0.2201 0.0691  0.0903  -0.0158 762 PHE A CE2 
238 C  CZ  . PHE A 32 ? 0.3498 0.1873 0.2326 0.0870  0.0966  -0.0065 762 PHE A CZ  
239 N  N   . THR A 33 ? 0.1946 0.1294 0.1357 0.0298  0.0497  -0.0147 763 THR A N   
240 C  CA  . THR A 33 ? 0.2277 0.1534 0.1577 0.0164  0.0479  -0.0230 763 THR A CA  
241 C  C   . THR A 33 ? 0.2187 0.1624 0.1601 0.0081  0.0390  -0.0219 763 THR A C   
242 O  O   . THR A 33 ? 0.2989 0.2379 0.2335 -0.0025 0.0376  -0.0270 763 THR A O   
243 C  CB  . THR A 33 ? 0.2983 0.2205 0.2154 0.0117  0.0510  -0.0306 763 THR A CB  
244 O  OG1 . THR A 33 ? 0.3046 0.2500 0.2323 0.0138  0.0468  -0.0275 763 THR A OG1 
245 C  CG2 . THR A 33 ? 0.3691 0.2675 0.2705 0.0203  0.0616  -0.0330 763 THR A CG2 
246 N  N   . LYS A 34 ? 0.1718 0.1343 0.1286 0.0120  0.0340  -0.0155 764 LYS A N   
247 C  CA  A LYS A 34 ? 0.1752 0.1501 0.1400 0.0064  0.0273  -0.0141 764 LYS A CA  
248 C  CA  B LYS A 34 ? 0.1692 0.1452 0.1348 0.0067  0.0270  -0.0138 764 LYS A CA  
249 C  C   . LYS A 34 ? 0.1617 0.1324 0.1319 0.0089  0.0261  -0.0099 764 LYS A C   
250 O  O   . LYS A 34 ? 0.1560 0.1347 0.1359 0.0145  0.0244  -0.0043 764 LYS A O   
251 C  CB  A LYS A 34 ? 0.1810 0.1733 0.1551 0.0085  0.0236  -0.0103 764 LYS A CB  
252 C  CB  B LYS A 34 ? 0.1733 0.1666 0.1490 0.0097  0.0237  -0.0093 764 LYS A CB  
253 C  CG  A LYS A 34 ? 0.1823 0.1847 0.1603 0.0038  0.0183  -0.0100 764 LYS A CG  
254 C  CG  B LYS A 34 ? 0.1751 0.1794 0.1575 0.0064  0.0180  -0.0071 764 LYS A CG  
255 C  CD  A LYS A 34 ? 0.1976 0.2116 0.1807 0.0066  0.0167  -0.0060 764 LYS A CD  
256 C  CD  B LYS A 34 ? 0.2161 0.2269 0.1926 0.0004  0.0160  -0.0113 764 LYS A CD  
257 C  CE  A LYS A 34 ? 0.2436 0.2618 0.2208 0.0076  0.0192  -0.0077 764 LYS A CE  
258 C  CE  B LYS A 34 ? 0.2497 0.2673 0.2203 0.0005  0.0174  -0.0133 764 LYS A CE  
259 N  NZ  A LYS A 34 ? 0.3108 0.3357 0.2800 0.0022  0.0176  -0.0125 764 LYS A NZ  
260 N  NZ  B LYS A 34 ? 0.4252 0.4468 0.4006 0.0068  0.0186  -0.0082 764 LYS A NZ  
261 N  N   . ARG A 35 ? 0.1993 0.1490 0.1102 0.0591  0.0153  -0.0334 765 ARG A N   
262 C  CA  . ARG A 35 ? 0.2052 0.1493 0.1284 0.0583  0.0153  -0.0285 765 ARG A CA  
263 C  C   . ARG A 35 ? 0.1706 0.1217 0.1082 0.0458  0.0102  -0.0226 765 ARG A C   
264 O  O   . ARG A 35 ? 0.1646 0.1206 0.1034 0.0371  0.0059  -0.0233 765 ARG A O   
265 C  CB  . ARG A 35 ? 0.2722 0.1871 0.1844 0.0607  0.0135  -0.0369 765 ARG A CB  
266 C  CG  . ARG A 35 ? 0.3627 0.2679 0.2578 0.0762  0.0197  -0.0442 765 ARG A CG  
267 C  CD  . ARG A 35 ? 0.5124 0.3857 0.3974 0.0825  0.0199  -0.0511 765 ARG A CD  
268 N  NE  . ARG A 35 ? 0.6442 0.5201 0.5421 0.0909  0.0245  -0.0416 765 ARG A NE  
269 C  CZ  . ARG A 35 ? 1.0062 0.8555 0.8983 0.0991  0.0261  -0.0438 765 ARG A CZ  
270 N  NH1 . ARG A 35 ? 1.2505 1.1069 1.1557 0.1072  0.0297  -0.0330 765 ARG A NH1 
271 N  NH2 . ARG A 35 ? 1.1140 0.9291 0.9872 0.0994  0.0233  -0.0566 765 ARG A NH2 
272 N  N   . ARG A 36 ? 0.1650 0.1174 0.1129 0.0466  0.0112  -0.0164 766 ARG A N   
273 C  CA  . ARG A 36 ? 0.1457 0.1056 0.1056 0.0375  0.0079  -0.0105 766 ARG A CA  
274 C  C   . ARG A 36 ? 0.1464 0.0912 0.1053 0.0293  0.0035  -0.0130 766 ARG A C   
275 O  O   . ARG A 36 ? 0.1889 0.1149 0.1423 0.0312  0.0034  -0.0156 766 ARG A O   
276 C  CB  . ARG A 36 ? 0.1386 0.1077 0.1078 0.0420  0.0101  -0.0026 766 ARG A CB  
277 C  CG  . ARG A 36 ? 0.1372 0.1271 0.1127 0.0467  0.0135  0.0023  766 ARG A CG  
278 C  CD  . ARG A 36 ? 0.1463 0.1473 0.1316 0.0510  0.0143  0.0102  766 ARG A CD  
279 N  NE  . ARG A 36 ? 0.1550 0.1791 0.1496 0.0539  0.0170  0.0165  766 ARG A NE  
280 C  CZ  . ARG A 36 ? 0.1665 0.1996 0.1607 0.0644  0.0232  0.0180  766 ARG A CZ  
281 N  NH1 . ARG A 36 ? 0.2162 0.2335 0.1983 0.0747  0.0273  0.0117  766 ARG A NH1 
282 N  NH2 . ARG A 36 ? 0.1915 0.2496 0.1972 0.0646  0.0255  0.0259  766 ARG A NH2 
283 N  N   . HIS A 37 ? 0.1250 0.0778 0.0901 0.0205  0.0006  -0.0110 767 HIS A N   
284 C  CA  . HIS A 37 ? 0.1303 0.0766 0.0988 0.0121  -0.0024 -0.0103 767 HIS A CA  
285 C  C   . HIS A 37 ? 0.1190 0.0781 0.0961 0.0090  -0.0019 -0.0042 767 HIS A C   
286 O  O   . HIS A 37 ? 0.1356 0.1066 0.1157 0.0082  -0.0020 -0.0037 767 HIS A O   
287 C  CB  . HIS A 37 ? 0.1510 0.0964 0.1172 0.0050  -0.0066 -0.0153 767 HIS A CB  
288 C  CG  . HIS A 37 ? 0.1940 0.1256 0.1482 0.0072  -0.0085 -0.0233 767 HIS A CG  
289 N  ND1 . HIS A 37 ? 0.2467 0.1567 0.1951 0.0044  -0.0107 -0.0273 767 HIS A ND1 
290 C  CD2 . HIS A 37 ? 0.2141 0.1486 0.1588 0.0123  -0.0080 -0.0283 767 HIS A CD2 
291 C  CE1 . HIS A 37 ? 0.3035 0.2018 0.2380 0.0081  -0.0122 -0.0363 767 HIS A CE1 
292 N  NE2 . HIS A 37 ? 0.2753 0.1901 0.2069 0.0131  -0.0104 -0.0369 767 HIS A NE2 
293 N  N   . HIS A 38 ? 0.1134 0.0686 0.0929 0.0071  -0.0014 0.0004  768 HIS A N   
294 C  CA  . HIS A 38 ? 0.1021 0.0688 0.0861 0.0045  -0.0008 0.0048  768 HIS A CA  
295 C  C   . HIS A 38 ? 0.0983 0.0692 0.0863 -0.0025 -0.0014 0.0051  768 HIS A C   
296 O  O   . HIS A 38 ? 0.1199 0.0835 0.1092 -0.0078 -0.0027 0.0054  768 HIS A O   
297 C  CB  . HIS A 38 ? 0.1129 0.0776 0.0964 0.0065  0.0004  0.0111  768 HIS A CB  
298 C  CG  . HIS A 38 ? 0.1065 0.0758 0.0895 0.0135  0.0005  0.0132  768 HIS A CG  
299 N  ND1 . HIS A 38 ? 0.1241 0.0860 0.1056 0.0204  0.0017  0.0130  768 HIS A ND1 
300 C  CD2 . HIS A 38 ? 0.1066 0.0883 0.0912 0.0144  -0.0004 0.0156  768 HIS A CD2 
301 C  CE1 . HIS A 38 ? 0.1251 0.0985 0.1095 0.0256  0.0017  0.0170  768 HIS A CE1 
302 N  NE2 . HIS A 38 ? 0.1084 0.0937 0.0948 0.0210  -0.0003 0.0183  768 HIS A NE2 
303 N  N   . CYS A 39 ? 0.0949 0.0772 0.0852 -0.0024 -0.0005 0.0056  769 CYS A N   
304 C  CA  . CYS A 39 ? 0.0987 0.0893 0.0940 -0.0063 0.0007  0.0076  769 CYS A CA  
305 C  C   . CYS A 39 ? 0.0919 0.0836 0.0863 -0.0072 0.0035  0.0133  769 CYS A C   
306 O  O   . CYS A 39 ? 0.0960 0.0889 0.0850 -0.0034 0.0045  0.0144  769 CYS A O   
307 C  CB  . CYS A 39 ? 0.0856 0.0852 0.0818 -0.0032 0.0015  0.0056  769 CYS A CB  
308 S  SG  . CYS A 39 ? 0.0868 0.0993 0.0891 -0.0040 0.0049  0.0086  769 CYS A SG  
309 N  N   . ARG A 40 ? 0.0945 0.0874 0.0938 -0.0128 0.0045  0.0178  770 ARG A N   
310 C  CA  . ARG A 40 ? 0.1061 0.1015 0.1045 -0.0140 0.0080  0.0255  770 ARG A CA  
311 C  C   . ARG A 40 ? 0.0961 0.1068 0.0933 -0.0106 0.0126  0.0268  770 ARG A C   
312 O  O   . ARG A 40 ? 0.1177 0.1327 0.1103 -0.0098 0.0162  0.0328  770 ARG A O   
313 C  CB  . ARG A 40 ? 0.1236 0.1142 0.1288 -0.0226 0.0077  0.0313  770 ARG A CB  
314 C  CG  . ARG A 40 ? 0.1333 0.1031 0.1346 -0.0238 0.0050  0.0322  770 ARG A CG  
315 C  CD  . ARG A 40 ? 0.1435 0.1016 0.1413 -0.0212 0.0008  0.0231  770 ARG A CD  
316 N  NE  . ARG A 40 ? 0.1732 0.1089 0.1669 -0.0220 -0.0009 0.0238  770 ARG A NE  
317 C  CZ  . ARG A 40 ? 0.1773 0.0986 0.1650 -0.0175 -0.0032 0.0164  770 ARG A CZ  
318 N  NH1 . ARG A 40 ? 0.1755 0.1037 0.1605 -0.0131 -0.0043 0.0089  770 ARG A NH1 
319 N  NH2 . ARG A 40 ? 0.2382 0.1360 0.2209 -0.0166 -0.0041 0.0170  770 ARG A NH2 
320 N  N   . ALA A 41 ? 0.0938 0.1119 0.0933 -0.0079 0.0127  0.0218  771 ALA A N   
321 C  CA  . ALA A 41 ? 0.0975 0.1262 0.0934 -0.0023 0.0175  0.0213  771 ALA A CA  
322 C  C   . ALA A 41 ? 0.1035 0.1255 0.0876 0.0035  0.0163  0.0151  771 ALA A C   
323 O  O   . ALA A 41 ? 0.1212 0.1462 0.0956 0.0071  0.0193  0.0154  771 ALA A O   
324 C  CB  . ALA A 41 ? 0.1001 0.1408 0.1055 -0.0008 0.0192  0.0205  771 ALA A CB  
325 N  N   . CYS A 42 ? 0.0933 0.1071 0.0772 0.0037  0.0117  0.0102  772 CYS A N   
326 C  CA  . CYS A 42 ? 0.1074 0.1155 0.0829 0.0066  0.0093  0.0050  772 CYS A CA  
327 C  C   . CYS A 42 ? 0.0921 0.0952 0.0649 0.0049  0.0051  0.0059  772 CYS A C   
328 O  O   . CYS A 42 ? 0.1057 0.1069 0.0721 0.0054  0.0022  0.0029  772 CYS A O   
329 C  CB  . CYS A 42 ? 0.1039 0.1084 0.0819 0.0086  0.0081  0.0002  772 CYS A CB  
330 S  SG  . CYS A 42 ? 0.0982 0.1000 0.0843 0.0056  0.0043  0.0007  772 CYS A SG  
331 N  N   . GLY A 43 ? 0.0874 0.0884 0.0651 0.0029  0.0043  0.0097  773 GLY A N   
332 C  CA  . GLY A 43 ? 0.0892 0.0875 0.0656 0.0038  0.0013  0.0119  773 GLY A CA  
333 C  C   . GLY A 43 ? 0.0797 0.0771 0.0597 0.0046  -0.0013 0.0091  773 GLY A C   
334 O  O   . GLY A 43 ? 0.0890 0.0872 0.0700 0.0065  -0.0030 0.0117  773 GLY A O   
335 N  N   . LYS A 44 ? 0.0777 0.0748 0.0601 0.0038  -0.0012 0.0052  774 LYS A N   
336 C  CA  A LYS A 44 ? 0.0821 0.0798 0.0679 0.0041  -0.0029 0.0042  774 LYS A CA  
337 C  CA  B LYS A 44 ? 0.0827 0.0803 0.0685 0.0041  -0.0030 0.0042  774 LYS A CA  
338 C  C   . LYS A 44 ? 0.0772 0.0723 0.0653 0.0058  -0.0019 0.0046  774 LYS A C   
339 O  O   . LYS A 44 ? 0.0826 0.0729 0.0700 0.0053  -0.0010 0.0047  774 LYS A O   
340 C  CB  A LYS A 44 ? 0.0862 0.0827 0.0723 0.0031  -0.0032 0.0013  774 LYS A CB  
341 C  CB  B LYS A 44 ? 0.0873 0.0838 0.0735 0.0031  -0.0031 0.0013  774 LYS A CB  
342 C  CG  A LYS A 44 ? 0.0996 0.0942 0.0806 0.0015  -0.0053 -0.0010 774 LYS A CG  
343 C  CG  B LYS A 44 ? 0.1136 0.1080 0.0942 0.0019  -0.0048 -0.0011 774 LYS A CG  
344 C  CD  A LYS A 44 ? 0.1311 0.1199 0.1124 0.0002  -0.0064 -0.0032 774 LYS A CD  
345 C  CD  B LYS A 44 ? 0.1262 0.1142 0.1059 0.0019  -0.0049 -0.0042 774 LYS A CD  
346 C  CE  A LYS A 44 ? 0.1548 0.1410 0.1371 0.0037  -0.0033 -0.0042 774 LYS A CE  
347 C  CE  B LYS A 44 ? 0.2031 0.1887 0.1803 0.0061  -0.0013 -0.0066 774 LYS A CE  
348 N  NZ  A LYS A 44 ? 0.1951 0.1719 0.1756 0.0047  -0.0038 -0.0064 774 LYS A NZ  
349 N  NZ  B LYS A 44 ? 0.2319 0.2069 0.2061 0.0070  -0.0022 -0.0098 774 LYS A NZ  
350 N  N   . VAL A 45 ? 0.0774 0.0753 0.0675 0.0076  -0.0020 0.0048  775 VAL A N   
351 C  CA  . VAL A 45 ? 0.0817 0.0769 0.0707 0.0113  -0.0006 0.0042  775 VAL A CA  
352 C  C   . VAL A 45 ? 0.0764 0.0734 0.0644 0.0112  -0.0002 0.0022  775 VAL A C   
353 O  O   . VAL A 45 ? 0.0847 0.0876 0.0756 0.0100  -0.0004 0.0042  775 VAL A O   
354 C  CB  . VAL A 45 ? 0.0870 0.0882 0.0783 0.0161  0.0005  0.0078  775 VAL A CB  
355 C  CG1 . VAL A 45 ? 0.1171 0.1118 0.1044 0.0225  0.0032  0.0060  775 VAL A CG1 
356 C  CG2 . VAL A 45 ? 0.1304 0.1340 0.1232 0.0161  -0.0012 0.0115  775 VAL A CG2 
357 N  N   . PHE A 46 ? 0.0823 0.0734 0.0657 0.0118  -0.0005 -0.0013 776 PHE A N   
358 C  CA  . PHE A 46 ? 0.0875 0.0808 0.0681 0.0112  -0.0015 -0.0033 776 PHE A CA  
359 C  C   . PHE A 46 ? 0.0948 0.0831 0.0667 0.0147  -0.0012 -0.0075 776 PHE A C   
360 O  O   . PHE A 46 ? 0.1135 0.0917 0.0815 0.0165  -0.0009 -0.0103 776 PHE A O   
361 C  CB  . PHE A 46 ? 0.0908 0.0842 0.0742 0.0065  -0.0040 -0.0043 776 PHE A CB  
362 C  CG  . PHE A 46 ? 0.0841 0.0810 0.0729 0.0051  -0.0034 -0.0015 776 PHE A CG  
363 C  CD1 . PHE A 46 ? 0.0833 0.0781 0.0737 0.0035  -0.0026 -0.0008 776 PHE A CD1 
364 C  CD2 . PHE A 46 ? 0.0838 0.0846 0.0748 0.0060  -0.0033 0.0004  776 PHE A CD2 
365 C  CE1 . PHE A 46 ? 0.0783 0.0755 0.0703 0.0035  -0.0016 0.0004  776 PHE A CE1 
366 C  CE2 . PHE A 46 ? 0.0833 0.0835 0.0766 0.0059  -0.0025 0.0011  776 PHE A CE2 
367 C  CZ  . PHE A 46 ? 0.0792 0.0778 0.0719 0.0048  -0.0016 0.0004  776 PHE A CZ  
368 N  N   . CYS A 47 ? 0.0969 0.0906 0.0642 0.0160  -0.0015 -0.0079 777 CYS A N   
369 C  CA  . CYS A 47 ? 0.1110 0.0989 0.0660 0.0186  -0.0027 -0.0142 777 CYS A CA  
370 C  C   . CYS A 47 ? 0.1195 0.1011 0.0730 0.0118  -0.0086 -0.0190 777 CYS A C   
371 O  O   . CYS A 47 ? 0.1184 0.1047 0.0818 0.0064  -0.0107 -0.0158 777 CYS A O   
372 C  CB  . CYS A 47 ? 0.1130 0.1115 0.0619 0.0223  -0.0012 -0.0120 777 CYS A CB  
373 S  SG  . CYS A 47 ? 0.1131 0.1208 0.0652 0.0174  -0.0061 -0.0085 777 CYS A SG  
374 N  N   A GLY A 48 ? 0.1320 0.1035 0.0736 0.0117  -0.0115 -0.0265 778 GLY A N   
375 N  N   B GLY A 48 ? 0.1506 0.1228 0.0916 0.0120  -0.0115 -0.0265 778 GLY A N   
376 C  CA  A GLY A 48 ? 0.1389 0.1050 0.0807 0.0029  -0.0184 -0.0306 778 GLY A CA  
377 C  CA  B GLY A 48 ? 0.1739 0.1398 0.1133 0.0034  -0.0186 -0.0315 778 GLY A CA  
378 C  C   A GLY A 48 ? 0.1364 0.1191 0.0844 -0.0017 -0.0230 -0.0271 778 GLY A C   
379 C  C   B GLY A 48 ? 0.1794 0.1610 0.1228 -0.0014 -0.0240 -0.0291 778 GLY A C   
380 O  O   A GLY A 48 ? 0.1268 0.1139 0.0848 -0.0093 -0.0269 -0.0253 778 GLY A O   
381 O  O   B GLY A 48 ? 0.2344 0.2182 0.1837 -0.0099 -0.0300 -0.0299 778 GLY A O   
382 N  N   A VAL A 49 ? 0.1306 0.1238 0.0729 0.0032  -0.0223 -0.0250 779 VAL A N   
383 N  N   B VAL A 49 ? 0.1488 0.1430 0.0907 0.0038  -0.0221 -0.0247 779 VAL A N   
384 C  CA  A VAL A 49 ? 0.1366 0.1459 0.0845 0.0011  -0.0266 -0.0202 779 VAL A CA  
385 C  CA  B VAL A 49 ? 0.1458 0.1554 0.0937 0.0012  -0.0265 -0.0200 779 VAL A CA  
386 C  C   A VAL A 49 ? 0.1227 0.1401 0.0874 0.0002  -0.0242 -0.0123 779 VAL A C   
387 C  C   B VAL A 49 ? 0.1196 0.1361 0.0853 -0.0006 -0.0244 -0.0129 779 VAL A C   
388 O  O   A VAL A 49 ? 0.1303 0.1596 0.1030 -0.0021 -0.0280 -0.0088 779 VAL A O   
389 O  O   B VAL A 49 ? 0.1175 0.1436 0.0927 -0.0049 -0.0283 -0.0104 779 VAL A O   
390 C  CB  A VAL A 49 ? 0.1420 0.1598 0.0798 0.0077  -0.0252 -0.0172 779 VAL A CB  
391 C  CB  B VAL A 49 ? 0.1516 0.1706 0.0916 0.0079  -0.0246 -0.0157 779 VAL A CB  
392 C  CG1 A VAL A 49 ? 0.1737 0.2072 0.1199 0.0081  -0.0276 -0.0085 779 VAL A CG1 
393 C  CG1 B VAL A 49 ? 0.1931 0.2276 0.1379 0.0068  -0.0299 -0.0100 779 VAL A CG1 
394 C  CG2 A VAL A 49 ? 0.1798 0.1934 0.0977 0.0084  -0.0295 -0.0258 779 VAL A CG2 
395 C  CG2 B VAL A 49 ? 0.1888 0.2014 0.1085 0.0117  -0.0248 -0.0234 779 VAL A CG2 
396 N  N   . CYS A 50 ? 0.1087 0.1208 0.0782 0.0031  -0.0181 -0.0099 780 CYS A N   
397 C  CA  . CYS A 50 ? 0.0893 0.1053 0.0708 0.0031  -0.0154 -0.0047 780 CYS A CA  
398 C  C   . CYS A 50 ? 0.1030 0.1152 0.0908 -0.0015 -0.0151 -0.0058 780 CYS A C   
399 O  O   . CYS A 50 ? 0.1099 0.1263 0.1058 -0.0009 -0.0125 -0.0023 780 CYS A O   
400 C  CB  . CYS A 50 ? 0.0889 0.1021 0.0707 0.0074  -0.0103 -0.0012 780 CYS A CB  
401 S  SG  . CYS A 50 ? 0.0941 0.1136 0.0713 0.0117  -0.0098 0.0043  780 CYS A SG  
402 N  N   . CYS A 51 ? 0.1093 0.1125 0.0929 -0.0056 -0.0171 -0.0104 781 CYS A N   
403 C  CA  . CYS A 51 ? 0.1212 0.1195 0.1105 -0.0104 -0.0162 -0.0096 781 CYS A CA  
404 C  C   . CYS A 51 ? 0.1530 0.1420 0.1386 -0.0174 -0.0214 -0.0142 781 CYS A C   
405 O  O   . CYS A 51 ? 0.2213 0.1940 0.1987 -0.0164 -0.0207 -0.0181 781 CYS A O   
406 C  CB  . CYS A 51 ? 0.1271 0.1172 0.1144 -0.0061 -0.0113 -0.0084 781 CYS A CB  
407 S  SG  . CYS A 51 ? 0.1632 0.1479 0.1553 -0.0098 -0.0091 -0.0048 781 CYS A SG  
408 N  N   . ASN A 52 ? 0.1505 0.1493 0.1418 -0.0244 -0.0269 -0.0139 782 ASN A N   
409 C  CA  . ASN A 52 ? 0.1927 0.1818 0.1806 -0.0338 -0.0339 -0.0191 782 ASN A CA  
410 C  C   . ASN A 52 ? 0.1848 0.1863 0.1874 -0.0449 -0.0380 -0.0144 782 ASN A C   
411 O  O   . ASN A 52 ? 0.2709 0.2651 0.2718 -0.0555 -0.0456 -0.0185 782 ASN A O   
412 C  CB  . ASN A 52 ? 0.2453 0.2325 0.2196 -0.0332 -0.0401 -0.0266 782 ASN A CB  
413 C  CG  . ASN A 52 ? 0.2257 0.2358 0.2050 -0.0314 -0.0429 -0.0225 782 ASN A CG  
414 O  OD1 . ASN A 52 ? 0.4858 0.5139 0.4807 -0.0344 -0.0437 -0.0156 782 ASN A OD1 
415 N  ND2 . ASN A 52 ? 0.5784 0.5890 0.5443 -0.0250 -0.0439 -0.0258 782 ASN A ND2 
416 N  N   . ARG A 53 ? 0.1412 0.1617 0.1580 -0.0431 -0.0337 -0.0060 783 ARG A N   
417 C  CA  A ARG A 53 ? 0.1551 0.1914 0.1883 -0.0531 -0.0361 0.0004  783 ARG A CA  
418 C  CA  B ARG A 53 ? 0.1477 0.1849 0.1813 -0.0527 -0.0358 0.0007  783 ARG A CA  
419 C  C   . ARG A 53 ? 0.1336 0.1653 0.1724 -0.0546 -0.0292 0.0064  783 ARG A C   
420 O  O   . ARG A 53 ? 0.1483 0.1697 0.1797 -0.0462 -0.0226 0.0062  783 ARG A O   
421 C  CB  A ARG A 53 ? 0.1761 0.2413 0.2220 -0.0491 -0.0360 0.0064  783 ARG A CB  
422 C  CB  B ARG A 53 ? 0.1605 0.2257 0.2065 -0.0474 -0.0344 0.0071  783 ARG A CB  
423 C  CG  A ARG A 53 ? 0.2085 0.2818 0.2509 -0.0512 -0.0454 0.0027  783 ARG A CG  
424 C  CG  B ARG A 53 ? 0.1704 0.2467 0.2148 -0.0481 -0.0428 0.0046  783 ARG A CG  
425 C  CD  A ARG A 53 ? 0.2727 0.3772 0.3318 -0.0502 -0.0474 0.0107  783 ARG A CD  
426 C  CD  B ARG A 53 ? 0.1909 0.2958 0.2503 -0.0423 -0.0414 0.0129  783 ARG A CD  
427 N  NE  A ARG A 53 ? 0.3089 0.4193 0.3662 -0.0352 -0.0416 0.0135  783 ARG A NE  
428 N  NE  B ARG A 53 ? 0.2229 0.3393 0.2796 -0.0417 -0.0500 0.0118  783 ARG A NE  
429 C  CZ  A ARG A 53 ? 0.3021 0.4352 0.3686 -0.0296 -0.0437 0.0195  783 ARG A CZ  
430 C  CZ  B ARG A 53 ? 0.2143 0.3477 0.2761 -0.0312 -0.0487 0.0176  783 ARG A CZ  
431 N  NH1 A ARG A 53 ? 0.2740 0.4061 0.3373 -0.0160 -0.0380 0.0221  783 ARG A NH1 
432 N  NH1 B ARG A 53 ? 0.2481 0.3925 0.3063 -0.0310 -0.0573 0.0175  783 ARG A NH1 
433 N  NH2 A ARG A 53 ? 0.2952 0.4517 0.3747 -0.0377 -0.0521 0.0236  783 ARG A NH2 
434 N  NH2 B ARG A 53 ? 0.2115 0.3492 0.2803 -0.0204 -0.0391 0.0230  783 ARG A NH2 
435 N  N   . LYS A 54 ? 0.1417 0.1817 0.1934 -0.0661 -0.0311 0.0124  784 LYS A N   
436 C  CA  . LYS A 54 ? 0.1431 0.1828 0.2012 -0.0682 -0.0240 0.0206  784 LYS A CA  
437 C  C   . LYS A 54 ? 0.1593 0.2307 0.2356 -0.0686 -0.0195 0.0310  784 LYS A C   
438 O  O   . LYS A 54 ? 0.1563 0.2493 0.2452 -0.0735 -0.0244 0.0333  784 LYS A O   
439 C  CB  . LYS A 54 ? 0.1791 0.1994 0.2371 -0.0819 -0.0287 0.0213  784 LYS A CB  
440 C  CG  . LYS A 54 ? 0.2187 0.2052 0.2582 -0.0792 -0.0314 0.0116  784 LYS A CG  
441 C  CD  . LYS A 54 ? 0.3374 0.3000 0.3764 -0.0915 -0.0349 0.0132  784 LYS A CD  
442 C  CE  . LYS A 54 ? 0.4485 0.3766 0.4679 -0.0848 -0.0359 0.0037  784 LYS A CE  
443 N  NZ  . LYS A 54 ? 0.5441 0.4662 0.5512 -0.0826 -0.0428 -0.0095 784 LYS A NZ  
444 N  N   . CYS A 55 ? 0.1487 0.2242 0.2254 -0.0626 -0.0097 0.0375  785 CYS A N   
445 C  CA  A CYS A 55 ? 0.1578 0.2624 0.2510 -0.0634 -0.0036 0.0485  785 CYS A CA  
446 C  CA  B CYS A 55 ? 0.1483 0.2523 0.2395 -0.0606 -0.0022 0.0479  785 CYS A CA  
447 C  C   . CYS A 55 ? 0.1687 0.2683 0.2602 -0.0653 0.0039  0.0564  785 CYS A C   
448 O  O   . CYS A 55 ? 0.1616 0.2361 0.2386 -0.0634 0.0045  0.0533  785 CYS A O   
449 C  CB  A CYS A 55 ? 0.1813 0.3058 0.2766 -0.0487 0.0020  0.0481  785 CYS A CB  
450 C  CB  B CYS A 55 ? 0.1580 0.2682 0.2418 -0.0436 0.0054  0.0454  785 CYS A CB  
451 S  SG  A CYS A 55 ? 0.2111 0.3204 0.2870 -0.0320 0.0102  0.0425  785 CYS A SG  
452 S  SG  B CYS A 55 ? 0.1993 0.3192 0.2846 -0.0348 0.0016  0.0398  785 CYS A SG  
453 N  N   . LYS A 56 ? 0.1707 0.2965 0.2780 -0.0694 0.0096  0.0684  786 LYS A N   
454 C  CA  . LYS A 56 ? 0.1930 0.3194 0.2997 -0.0715 0.0175  0.0787  786 LYS A CA  
455 C  C   . LYS A 56 ? 0.2095 0.3342 0.2998 -0.0544 0.0262  0.0753  786 LYS A C   
456 O  O   . LYS A 56 ? 0.2308 0.3701 0.3205 -0.0422 0.0304  0.0716  786 LYS A O   
457 C  CB  . LYS A 56 ? 0.2036 0.3639 0.3327 -0.0796 0.0224  0.0935  786 LYS A CB  
458 C  CG  . LYS A 56 ? 0.3214 0.4822 0.4510 -0.0851 0.0301  0.1070  786 LYS A CG  
459 C  CD  . LYS A 56 ? 0.5352 0.6973 0.6831 -0.1073 0.0245  0.1180  786 LYS A CD  
460 C  CE  . LYS A 56 ? 0.5197 0.6920 0.6726 -0.1123 0.0344  0.1358  786 LYS A CE  
461 N  NZ  . LYS A 56 ? 0.6468 0.8294 0.8236 -0.1353 0.0301  0.1498  786 LYS A NZ  
462 N  N   . LEU A 57 ? 0.1670 0.2709 0.2428 -0.0531 0.0281  0.0759  787 LEU A N   
463 C  CA  . LEU A 57 ? 0.1785 0.2808 0.2374 -0.0393 0.0351  0.0736  787 LEU A CA  
464 C  C   . LEU A 57 ? 0.1797 0.2917 0.2375 -0.0410 0.0434  0.0869  787 LEU A C   
465 O  O   . LEU A 57 ? 0.1982 0.2986 0.2579 -0.0509 0.0416  0.0948  787 LEU A O   
466 C  CB  . LEU A 57 ? 0.1663 0.2409 0.2082 -0.0346 0.0300  0.0638  787 LEU A CB  
467 C  CG  . LEU A 57 ? 0.1549 0.2195 0.1960 -0.0326 0.0226  0.0519  787 LEU A CG  
468 C  CD1 . LEU A 57 ? 0.1812 0.2224 0.2070 -0.0279 0.0190  0.0449  787 LEU A CD1 
469 C  CD2 . LEU A 57 ? 0.1654 0.2456 0.2082 -0.0232 0.0254  0.0470  787 LEU A CD2 
470 N  N   . GLN A 58 ? 0.1997 0.3322 0.2530 -0.0303 0.0530  0.0891  788 GLN A N   
471 C  CA  . GLN A 58 ? 0.2352 0.3832 0.2860 -0.0296 0.0629  0.1024  788 GLN A CA  
472 C  C   . GLN A 58 ? 0.2336 0.3609 0.2693 -0.0317 0.0614  0.1065  788 GLN A C   
473 O  O   . GLN A 58 ? 0.2436 0.3747 0.2848 -0.0404 0.0647  0.1215  788 GLN A O   
474 C  CB  . GLN A 58 ? 0.2666 0.4322 0.3062 -0.0134 0.0726  0.0986  788 GLN A CB  
475 C  CG  . GLN A 58 ? 0.3963 0.5859 0.4344 -0.0107 0.0850  0.1125  788 GLN A CG  
476 C  CD  . GLN A 58 ? 0.4923 0.6998 0.5211 0.0065  0.0948  0.1067  788 GLN A CD  
477 O  OE1 . GLN A 58 ? 0.5448 0.7781 0.5906 0.0096  0.1007  0.1109  788 GLN A OE1 
478 N  NE2 . GLN A 58 ? 0.4287 0.6218 0.4303 0.0183  0.0958  0.0962  788 GLN A NE2 
479 N  N   . TYR A 59 ? 0.1992 0.3058 0.2172 -0.0241 0.0564  0.0951  789 TYR A N   
480 C  CA  . TYR A 59 ? 0.2140 0.3054 0.2175 -0.0237 0.0552  0.1003  789 TYR A CA  
481 C  C   . TYR A 59 ? 0.2364 0.3078 0.2492 -0.0357 0.0491  0.1074  789 TYR A C   
482 O  O   . TYR A 59 ? 0.2829 0.3452 0.2888 -0.0370 0.0500  0.1175  789 TYR A O   
483 C  CB  . TYR A 59 ? 0.2170 0.2952 0.2013 -0.0132 0.0506  0.0874  789 TYR A CB  
484 C  CG  . TYR A 59 ? 0.1910 0.2480 0.1779 -0.0150 0.0409  0.0770  789 TYR A CG  
485 C  CD1 . TYR A 59 ? 0.1731 0.2298 0.1641 -0.0125 0.0379  0.0649  789 TYR A CD1 
486 C  CD2 . TYR A 59 ? 0.2244 0.2622 0.2091 -0.0180 0.0356  0.0802  789 TYR A CD2 
487 C  CE1 . TYR A 59 ? 0.1489 0.1889 0.1412 -0.0136 0.0302  0.0565  789 TYR A CE1 
488 C  CE2 . TYR A 59 ? 0.1910 0.2121 0.1770 -0.0177 0.0284  0.0709  789 TYR A CE2 
489 C  CZ  . TYR A 59 ? 0.1661 0.1891 0.1558 -0.0159 0.0259  0.0591  789 TYR A CZ  
490 O  OH  . TYR A 59 ? 0.1745 0.1829 0.1647 -0.0152 0.0196  0.0511  789 TYR A OH  
491 N  N   . LEU A 60 ? 0.2258 0.2893 0.2526 -0.0439 0.0429  0.1020  790 LEU A N   
492 C  CA  . LEU A 60 ? 0.2658 0.3069 0.3004 -0.0559 0.0366  0.1064  790 LEU A CA  
493 C  C   . LEU A 60 ? 0.2982 0.3509 0.3515 -0.0707 0.0387  0.1196  790 LEU A C   
494 O  O   . LEU A 60 ? 0.3610 0.3946 0.4188 -0.0817 0.0355  0.1277  790 LEU A O   
495 C  CB  . LEU A 60 ? 0.2536 0.2772 0.2896 -0.0569 0.0274  0.0916  790 LEU A CB  
496 C  CG  . LEU A 60 ? 0.2554 0.2645 0.2761 -0.0451 0.0244  0.0806  790 LEU A CG  
497 C  CD1 . LEU A 60 ? 0.2614 0.2591 0.2840 -0.0456 0.0172  0.0670  790 LEU A CD1 
498 C  CD2 . LEU A 60 ? 0.3119 0.3008 0.3231 -0.0428 0.0236  0.0872  790 LEU A CD2 
499 N  N   . GLU A 61 ? 0.2752 0.3588 0.3402 -0.0711 0.0440  0.1222  791 GLU A N   
500 C  CA  . GLU A 61 ? 0.2982 0.3996 0.3858 -0.0865 0.0449  0.1345  791 GLU A CA  
501 C  C   . GLU A 61 ? 0.3314 0.4126 0.4298 -0.1012 0.0329  0.1286  791 GLU A C   
502 O  O   . GLU A 61 ? 0.3654 0.4443 0.4783 -0.1182 0.0303  0.1394  791 GLU A O   
503 C  CB  . GLU A 61 ? 0.3704 0.4777 0.4606 -0.0931 0.0526  0.1547  791 GLU A CB  
504 C  CG  . GLU A 61 ? 0.4452 0.5749 0.5221 -0.0784 0.0649  0.1609  791 GLU A CG  
505 C  CD  . GLU A 61 ? 0.6878 0.8209 0.7631 -0.0839 0.0723  0.1818  791 GLU A CD  
506 O  OE1 . GLU A 61 ? 0.8482 0.9686 0.9368 -0.1006 0.0686  0.1937  791 GLU A OE1 
507 O  OE2 . GLU A 61 ? 0.8532 1.0006 0.9126 -0.0716 0.0815  0.1865  791 GLU A OE2 
508 N  N   . LYS A 62 ? 0.2966 0.3627 0.3868 -0.0951 0.0255  0.1115  792 LYS A N   
509 C  CA  . LYS A 62 ? 0.3195 0.3685 0.4163 -0.1071 0.0138  0.1032  792 LYS A CA  
510 C  C   . LYS A 62 ? 0.2451 0.2919 0.3336 -0.0965 0.0091  0.0862  792 LYS A C   
511 O  O   . LYS A 62 ? 0.2497 0.3035 0.3274 -0.0810 0.0143  0.0812  792 LYS A O   
512 C  CB  . LYS A 62 ? 0.3967 0.4059 0.4845 -0.1139 0.0085  0.1032  792 LYS A CB  
513 C  CG  . LYS A 62 ? 0.4087 0.3946 0.4754 -0.0985 0.0095  0.0952  792 LYS A CG  
514 C  CD  . LYS A 62 ? 0.6516 0.5972 0.7105 -0.1032 0.0043  0.0947  792 LYS A CD  
515 C  CE  . LYS A 62 ? 0.7035 0.6296 0.7440 -0.0866 0.0038  0.0844  792 LYS A CE  
516 N  NZ  . LYS A 62 ? 0.8782 0.7648 0.9105 -0.0885 -0.0021 0.0793  792 LYS A NZ  
517 N  N   . GLU A 63 ? 0.2411 0.2773 0.3332 -0.1055 -0.0012 0.0776  793 GLU A N   
518 C  CA  . GLU A 63 ? 0.2351 0.2712 0.3205 -0.0974 -0.0065 0.0632  793 GLU A CA  
519 C  C   . GLU A 63 ? 0.2235 0.2299 0.2882 -0.0867 -0.0073 0.0529  793 GLU A C   
520 O  O   . GLU A 63 ? 0.2633 0.2418 0.3204 -0.0901 -0.0094 0.0529  793 GLU A O   
521 C  CB  . GLU A 63 ? 0.3085 0.3439 0.4026 -0.1116 -0.0180 0.0581  793 GLU A CB  
522 C  CG  . GLU A 63 ? 0.4352 0.5045 0.5539 -0.1243 -0.0188 0.0694  793 GLU A CG  
523 C  CD  . GLU A 63 ? 0.6490 0.7506 0.7772 -0.1179 -0.0201 0.0669  793 GLU A CD  
524 O  OE1 . GLU A 63 ? 0.6299 0.7262 0.7451 -0.1043 -0.0205 0.0564  793 GLU A OE1 
525 O  OE2 . GLU A 63 ? 0.7823 0.9161 0.9326 -0.1269 -0.0209 0.0768  793 GLU A OE2 
526 N  N   . ALA A 64 ? 0.1718 0.1840 0.2282 -0.0730 -0.0054 0.0451  794 ALA A N   
527 C  CA  . ALA A 64 ? 0.1724 0.1627 0.2122 -0.0628 -0.0057 0.0368  794 ALA A CA  
528 C  C   . ALA A 64 ? 0.1633 0.1600 0.1985 -0.0548 -0.0082 0.0267  794 ALA A C   
529 O  O   . ALA A 64 ? 0.1409 0.1599 0.1841 -0.0532 -0.0073 0.0276  794 ALA A O   
530 C  CB  . ALA A 64 ? 0.2259 0.2169 0.2585 -0.0533 0.0019  0.0425  794 ALA A CB  
531 N  N   . ARG A 65 ? 0.1486 0.1267 0.1713 -0.0488 -0.0106 0.0185  795 ARG A N   
532 C  CA  A ARG A 65 ? 0.1536 0.1354 0.1706 -0.0417 -0.0126 0.0104  795 ARG A CA  
533 C  CA  B ARG A 65 ? 0.1538 0.1353 0.1707 -0.0417 -0.0126 0.0104  795 ARG A CA  
534 C  C   . ARG A 65 ? 0.1190 0.1154 0.1360 -0.0320 -0.0071 0.0120  795 ARG A C   
535 O  O   . ARG A 65 ? 0.1209 0.1143 0.1336 -0.0268 -0.0025 0.0149  795 ARG A O   
536 C  CB  A ARG A 65 ? 0.1916 0.1515 0.1951 -0.0365 -0.0144 0.0029  795 ARG A CB  
537 C  CB  B ARG A 65 ? 0.1968 0.1560 0.2003 -0.0364 -0.0140 0.0036  795 ARG A CB  
538 C  CG  A ARG A 65 ? 0.2128 0.1763 0.2098 -0.0302 -0.0162 -0.0043 795 ARG A CG  
539 C  CG  B ARG A 65 ? 0.2052 0.1644 0.2022 -0.0333 -0.0177 -0.0047 795 ARG A CG  
540 C  CD  A ARG A 65 ? 0.2432 0.1896 0.2276 -0.0222 -0.0151 -0.0096 795 ARG A CD  
541 C  CD  B ARG A 65 ? 0.2423 0.1829 0.2262 -0.0255 -0.0168 -0.0104 795 ARG A CD  
542 N  NE  A ARG A 65 ? 0.2853 0.2098 0.2621 -0.0263 -0.0191 -0.0151 795 ARG A NE  
543 N  NE  B ARG A 65 ? 0.2364 0.1784 0.2123 -0.0224 -0.0198 -0.0179 795 ARG A NE  
544 C  CZ  A ARG A 65 ? 0.3153 0.2315 0.2820 -0.0268 -0.0237 -0.0242 795 ARG A CZ  
545 C  CZ  B ARG A 65 ? 0.2331 0.1582 0.1972 -0.0227 -0.0236 -0.0262 795 ARG A CZ  
546 N  NH1 A ARG A 65 ? 0.3138 0.2447 0.2779 -0.0233 -0.0249 -0.0271 795 ARG A NH1 
547 N  NH1 B ARG A 65 ? 0.2471 0.1767 0.2021 -0.0191 -0.0258 -0.0322 795 ARG A NH1 
548 N  NH2 A ARG A 65 ? 0.4100 0.3015 0.3677 -0.0305 -0.0274 -0.0303 795 ARG A NH2 
549 N  NH2 B ARG A 65 ? 0.3175 0.2196 0.2771 -0.0262 -0.0249 -0.0284 795 ARG A NH2 
550 N  N   . VAL A 66 ? 0.1068 0.1174 0.1277 -0.0296 -0.0083 0.0100  796 VAL A N   
551 C  CA  . VAL A 66 ? 0.0967 0.1169 0.1166 -0.0206 -0.0040 0.0104  796 VAL A CA  
552 C  C   . VAL A 66 ? 0.0913 0.1123 0.1077 -0.0159 -0.0068 0.0056  796 VAL A C   
553 O  O   . VAL A 66 ? 0.1097 0.1316 0.1265 -0.0196 -0.0121 0.0031  796 VAL A O   
554 C  CB  . VAL A 66 ? 0.1015 0.1408 0.1315 -0.0200 0.0003  0.0163  796 VAL A CB  
555 C  CG1 . VAL A 66 ? 0.1135 0.1539 0.1447 -0.0229 0.0051  0.0227  796 VAL A CG1 
556 C  CG2 . VAL A 66 ? 0.1277 0.1830 0.1703 -0.0258 -0.0038 0.0186  796 VAL A CG2 
557 N  N   . CYS A 67 ? 0.0784 0.0987 0.0907 -0.0083 -0.0037 0.0048  797 CYS A N   
558 C  CA  . CYS A 67 ? 0.0804 0.1004 0.0894 -0.0040 -0.0054 0.0025  797 CYS A CA  
559 C  C   . CYS A 67 ? 0.0760 0.1101 0.0928 -0.0019 -0.0061 0.0052  797 CYS A C   
560 O  O   . CYS A 67 ? 0.0758 0.1216 0.1011 -0.0021 -0.0040 0.0087  797 CYS A O   
561 C  CB  . CYS A 67 ? 0.0824 0.0953 0.0856 0.0009  -0.0028 0.0016  797 CYS A CB  
562 S  SG  . CYS A 67 ? 0.0837 0.0993 0.0877 0.0060  0.0016  0.0026  797 CYS A SG  
563 N  N   . VAL A 68 ? 0.0739 0.1085 0.0882 0.0019  -0.0082 0.0050  798 VAL A N   
564 C  CA  A VAL A 68 ? 0.0809 0.1288 0.1021 0.0057  -0.0095 0.0088  798 VAL A CA  
565 C  CA  B VAL A 68 ? 0.0796 0.1281 0.1013 0.0056  -0.0095 0.0089  798 VAL A CA  
566 C  C   . VAL A 68 ? 0.0706 0.1224 0.0972 0.0127  -0.0039 0.0115  798 VAL A C   
567 O  O   . VAL A 68 ? 0.0919 0.1591 0.1282 0.0159  -0.0032 0.0156  798 VAL A O   
568 C  CB  A VAL A 68 ? 0.0933 0.1383 0.1086 0.0093  -0.0121 0.0095  798 VAL A CB  
569 C  CB  B VAL A 68 ? 0.0890 0.1369 0.1058 0.0090  -0.0127 0.0099  798 VAL A CB  
570 C  CG1 A VAL A 68 ? 0.1550 0.1860 0.1637 0.0129  -0.0084 0.0089  798 VAL A CG1 
571 C  CG1 B VAL A 68 ? 0.1130 0.1608 0.1233 0.0034  -0.0183 0.0066  798 VAL A CG1 
572 C  CG2 A VAL A 68 ? 0.1315 0.1912 0.1542 0.0143  -0.0142 0.0152  798 VAL A CG2 
573 C  CG2 B VAL A 68 ? 0.1056 0.1403 0.1159 0.0130  -0.0094 0.0097  798 VAL A CG2 
574 N  N   . VAL A 69 ? 0.0717 0.1098 0.0909 0.0157  -0.0001 0.0088  799 VAL A N   
575 C  CA  . VAL A 69 ? 0.0775 0.1140 0.0965 0.0231  0.0053  0.0088  799 VAL A CA  
576 C  C   . VAL A 69 ? 0.0791 0.1271 0.1029 0.0225  0.0094  0.0102  799 VAL A C   
577 O  O   . VAL A 69 ? 0.0823 0.1429 0.1130 0.0289  0.0135  0.0134  799 VAL A O   
578 C  CB  . VAL A 69 ? 0.0903 0.1079 0.0984 0.0240  0.0064  0.0045  799 VAL A CB  
579 C  CG1 . VAL A 69 ? 0.1349 0.1468 0.1385 0.0317  0.0113  0.0019  799 VAL A CG1 
580 C  CG2 . VAL A 69 ? 0.1210 0.1296 0.1263 0.0235  0.0031  0.0052  799 VAL A CG2 
581 N  N   . CYS A 70 ? 0.0713 0.1157 0.0917 0.0155  0.0091  0.0091  800 CYS A N   
582 C  CA  . CYS A 70 ? 0.0760 0.1306 0.1001 0.0140  0.0135  0.0122  800 CYS A CA  
583 C  C   . CYS A 70 ? 0.0701 0.1453 0.1093 0.0098  0.0125  0.0183  800 CYS A C   
584 O  O   . CYS A 70 ? 0.0809 0.1720 0.1275 0.0122  0.0179  0.0231  800 CYS A O   
585 C  CB  . CYS A 70 ? 0.0859 0.1308 0.1030 0.0076  0.0128  0.0114  800 CYS A CB  
586 S  SG  . CYS A 70 ? 0.0965 0.1246 0.0980 0.0116  0.0136  0.0059  800 CYS A SG  
587 N  N   . TYR A 71 ? 0.0701 0.1465 0.1137 0.0034  0.0054  0.0182  801 TYR A N   
588 C  CA  . TYR A 71 ? 0.0698 0.1659 0.1278 -0.0030 0.0020  0.0235  801 TYR A CA  
589 C  C   . TYR A 71 ? 0.0665 0.1842 0.1361 0.0061  0.0058  0.0288  801 TYR A C   
590 O  O   . TYR A 71 ? 0.0730 0.2123 0.1562 0.0045  0.0088  0.0355  801 TYR A O   
591 C  CB  . TYR A 71 ? 0.0791 0.1720 0.1363 -0.0101 -0.0073 0.0206  801 TYR A CB  
592 C  CG  . TYR A 71 ? 0.1070 0.2213 0.1793 -0.0188 -0.0128 0.0256  801 TYR A CG  
593 C  CD1 . TYR A 71 ? 0.1214 0.2568 0.2039 -0.0145 -0.0159 0.0298  801 TYR A CD1 
594 C  CD2 . TYR A 71 ? 0.1247 0.2395 0.2026 -0.0313 -0.0148 0.0276  801 TYR A CD2 
595 C  CE1 . TYR A 71 ? 0.1343 0.2938 0.2331 -0.0236 -0.0219 0.0354  801 TYR A CE1 
596 C  CE2 . TYR A 71 ? 0.1590 0.2952 0.2532 -0.0418 -0.0206 0.0331  801 TYR A CE2 
597 C  CZ  . TYR A 71 ? 0.1433 0.3032 0.2483 -0.0381 -0.0244 0.0367  801 TYR A CZ  
598 O  OH  . TYR A 71 ? 0.1990 0.3836 0.3220 -0.0498 -0.0313 0.0429  801 TYR A OH  
599 N  N   . GLU A 72 ? 0.0662 0.1785 0.1313 0.0162  0.0059  0.0269  802 GLU A N   
600 C  CA  . GLU A 72 ? 0.0670 0.1980 0.1428 0.0271  0.0093  0.0324  802 GLU A CA  
601 C  C   . GLU A 72 ? 0.0805 0.2151 0.1557 0.0367  0.0200  0.0333  802 GLU A C   
602 O  O   . GLU A 72 ? 0.1014 0.2604 0.1901 0.0430  0.0248  0.0400  802 GLU A O   
603 C  CB  . GLU A 72 ? 0.0811 0.2013 0.1509 0.0364  0.0071  0.0311  802 GLU A CB  
604 C  CG  . GLU A 72 ? 0.0948 0.2330 0.1761 0.0487  0.0095  0.0379  802 GLU A CG  
605 C  CD  . GLU A 72 ? 0.0787 0.2073 0.1554 0.0557  0.0054  0.0393  802 GLU A CD  
606 O  OE1 . GLU A 72 ? 0.0965 0.2207 0.1733 0.0700  0.0107  0.0414  802 GLU A OE1 
607 O  OE2 . GLU A 72 ? 0.0987 0.2253 0.1719 0.0473  -0.0026 0.0388  802 GLU A OE2 
608 N  N   . THR A 73 ? 0.0931 0.2050 0.1519 0.0384  0.0235  0.0266  803 THR A N   
609 C  CA  . THR A 73 ? 0.1306 0.2420 0.1830 0.0476  0.0329  0.0252  803 THR A CA  
610 C  C   . THR A 73 ? 0.1214 0.2556 0.1836 0.0425  0.0379  0.0321  803 THR A C   
611 O  O   . THR A 73 ? 0.1750 0.3274 0.2431 0.0521  0.0464  0.0365  803 THR A O   
612 C  CB  . THR A 73 ? 0.1743 0.2567 0.2062 0.0478  0.0328  0.0162  803 THR A CB  
613 O  OG1 . THR A 73 ? 0.1888 0.2524 0.2147 0.0501  0.0278  0.0120  803 THR A OG1 
614 C  CG2 . THR A 73 ? 0.2180 0.2967 0.2383 0.0583  0.0416  0.0125  803 THR A CG2 
615 N  N   . ILE A 74 ? 0.1136 0.2462 0.1777 0.0278  0.0330  0.0339  804 ILE A N   
616 C  CA  . ILE A 74 ? 0.1182 0.2684 0.1912 0.0200  0.0369  0.0419  804 ILE A CA  
617 C  C   . ILE A 74 ? 0.1350 0.3158 0.2319 0.0145  0.0352  0.0517  804 ILE A C   
618 O  O   . ILE A 74 ? 0.1465 0.3524 0.2551 0.0157  0.0428  0.0607  804 ILE A O   
619 C  CB  . ILE A 74 ? 0.1370 0.2701 0.2030 0.0068  0.0319  0.0408  804 ILE A CB  
620 C  CG1 . ILE A 74 ? 0.1613 0.2715 0.2064 0.0125  0.0341  0.0334  804 ILE A CG1 
621 C  CG2 . ILE A 74 ? 0.1980 0.3477 0.2751 -0.0030 0.0353  0.0512  804 ILE A CG2 
622 C  CD1 . ILE A 74 ? 0.2032 0.2942 0.2402 0.0031  0.0285  0.0313  804 ILE A CD1 
623 N  N   A SER A 75 ? 0.1491 0.3312 0.2538 0.0080  0.0253  0.0509  805 SER A N   
624 N  N   B SER A 75 ? 0.1532 0.3348 0.2576 0.0079  0.0251  0.0508  805 SER A N   
625 C  CA  A SER A 75 ? 0.1902 0.4027 0.3180 0.0001  0.0210  0.0600  805 SER A CA  
626 C  CA  B SER A 75 ? 0.1933 0.4055 0.3208 0.0009  0.0209  0.0597  805 SER A CA  
627 C  C   A SER A 75 ? 0.1948 0.4369 0.3366 0.0152  0.0283  0.0668  805 SER A C   
628 C  C   B SER A 75 ? 0.1737 0.4150 0.3143 0.0157  0.0295  0.0668  805 SER A C   
629 O  O   A SER A 75 ? 0.3158 0.5918 0.4799 0.0108  0.0290  0.0776  805 SER A O   
630 O  O   B SER A 75 ? 0.1720 0.4459 0.3330 0.0118  0.0329  0.0778  805 SER A O   
631 C  CB  A SER A 75 ? 0.2058 0.4120 0.3350 -0.0103 0.0074  0.0562  805 SER A CB  
632 C  CB  B SER A 75 ? 0.2167 0.4243 0.3452 -0.0049 0.0084  0.0558  805 SER A CB  
633 O  OG  A SER A 75 ? 0.1779 0.3765 0.2997 0.0009  0.0049  0.0514  805 SER A OG  
634 O  OG  B SER A 75 ? 0.2331 0.4192 0.3526 -0.0192 0.0007  0.0504  805 SER A OG  
635 N  N   . LYS A 76 ? 0.1947 0.4240 0.3241 0.0328  0.0338  0.0613  806 LYS A N   
636 C  CA  . LYS A 76 ? 0.2684 0.5199 0.4071 0.0510  0.0432  0.0667  806 LYS A CA  
637 C  C   . LYS A 76 ? 0.2940 0.5585 0.4323 0.0569  0.0566  0.0707  806 LYS A C   
638 O  O   . LYS A 76 ? 0.3403 0.6408 0.4981 0.0625  0.0636  0.0814  806 LYS A O   
639 C  CB  . LYS A 76 ? 0.4467 0.6735 0.5697 0.0676  0.0448  0.0586  806 LYS A CB  
640 N  N   . ALA A 77 ? 0.3140 0.5520 0.4304 0.0559  0.0601  0.0631  807 ALA A N   
641 C  CA  . ALA A 77 ? 0.4205 0.6680 0.5312 0.0606  0.0723  0.0663  807 ALA A CA  
642 C  C   . ALA A 77 ? 0.4106 0.6900 0.5427 0.0465  0.0738  0.0804  807 ALA A C   
643 O  O   . ALA A 77 ? 0.5495 0.8517 0.6856 0.0526  0.0858  0.0883  807 ALA A O   
644 C  CB  . ALA A 77 ? 0.4609 0.6741 0.5441 0.0587  0.0723  0.0561  807 ALA A CB  
645 N  N   . GLN A 78 ? 0.3374 0.6180 0.4824 0.0276  0.0619  0.0837  808 GLN A N   
646 C  CA  . GLN A 78 ? 0.4249 0.7331 0.5925 0.0109  0.0609  0.0973  808 GLN A CA  
647 C  C   . GLN A 78 ? 0.4535 0.8036 0.6512 0.0108  0.0595  0.1082  808 GLN A C   
648 O  O   . GLN A 78 ? 0.4440 0.8006 0.6447 0.0244  0.0585  0.1055  808 GLN A O   
649 C  CB  . GLN A 78 ? 0.4195 0.7041 0.5839 -0.0102 0.0481  0.0941  808 GLN A CB  
650 C  CG  . GLN A 78 ? 0.4358 0.6873 0.5762 -0.0118 0.0502  0.0878  808 GLN A CG  
651 C  CD  . GLN A 78 ? 0.4831 0.7083 0.6191 -0.0290 0.0382  0.0839  808 GLN A CD  
652 O  OE1 . GLN A 78 ? 0.5412 0.7664 0.6866 -0.0389 0.0274  0.0819  808 GLN A OE1 
653 N  NE2 . GLN A 78 ? 0.2853 0.4875 0.4053 -0.0318 0.0402  0.0824  808 GLN A NE2 
654 ZN ZN  . ZN  B .  ? 0.0775 0.1053 0.0616 0.0103  0.0027  0.0061  1   ZN  A ZN  
655 ZN ZN  . ZN  C .  ? 0.0787 0.1004 0.0828 0.0064  0.0029  0.0088  2   ZN  A ZN  
# 
